data_3LN7
#
_entry.id   3LN7
#
_cell.length_a   205.240
_cell.length_b   87.070
_cell.length_c   145.980
_cell.angle_alpha   90.000
_cell.angle_beta   126.530
_cell.angle_gamma   90.000
#
_symmetry.space_group_name_H-M   'C 1 2 1'
#
_entity_poly.entity_id   1
_entity_poly.type   'polypeptide(L)'
_entity_poly.pdbx_seq_one_letter_code
;(MSE)KIQHIIHENQLGLLFQQGSFGLEKESQRVTADGAIVTTPHPAVFGNRRYHPYIQTDFAESQLELITPPTKKLEDT
FRWLSVIHEVVQRSLPEEEYIFPLS(MSE)PAGLPAEEQIRVAQLDNPEDVAYREYLVKIYGKNKQ(MSE)VSGIHYNFQ
LSPDLITRLFRLQNEYQSAVDFQNDLYLK(MSE)AKNFLRYQWILLYLLAATPTVESAYFKDGSPLAKGQFVRSLRSSQY
GYVNDPEINVSFDSVEKYVESLEHWVSTGKLIAEKEFYSNVRLRGAKKAREFLTTGIQYLEFRLFDLNPFEIYGISLKDA
KFIHVFALF(MSE)IW(MSE)DHTADQEEVELGKARLAEVAFEHPLEKTAYAVEGELVLLELLS(MSE)LEQIGAEPELF
EIVKEKLTQFTDPSKTVAGRLVRAIEQAGSDQQLGAQLAQQYKAQAFERFYALSAFDN(MSE)ELSTQALLFDVIQKGIH
TEILDENDQFLCLKYGDHIEYVKNGN(MSE)TSHDSYISPLI(MSE)ENKVVTKKVLQKAGFNVPQSVEFTSLEKAVASY
ALFENRAVVIKPKSTNYGLGITIFQQGVQNREDFAKALEIAFREDKEV(MSE)VEDYLVGTEYRFFVLGDETLAVLLRVP
ANVVGDSVHSVAELVA(MSE)KNDHPLRGDGSRTPLKKIALGEIEQLQLKEQGLTIDSIPAKDQLVQLRANSNISTGGDS
ID(MSE)TDE(MSE)HESYKQLAVGITKA(MSE)GAAVCGVDLIIPDLKQPATPNLTSWGVIEANFNP(MSE)(MSE)
(MSE)(MSE)HIFPYAGKSRRLTQNVIK(MSE)LFPELE
;
_entity_poly.pdbx_strand_id   A,B
#
# COMPACT_ATOMS: atom_id res chain seq x y z
N LYS A 2 -2.46 -18.10 51.23
CA LYS A 2 -2.44 -19.56 51.14
C LYS A 2 -1.10 -19.98 50.55
N ILE A 3 -0.97 -21.22 50.10
CA ILE A 3 0.26 -21.65 49.45
C ILE A 3 0.03 -22.06 48.01
N GLN A 4 0.67 -21.35 47.10
CA GLN A 4 0.67 -21.69 45.69
C GLN A 4 1.61 -22.88 45.51
N HIS A 5 2.49 -23.04 46.49
CA HIS A 5 3.58 -23.99 46.41
C HIS A 5 3.01 -25.39 46.17
N ILE A 6 1.90 -25.71 46.81
CA ILE A 6 1.40 -27.07 46.75
C ILE A 6 0.59 -27.29 45.50
N ILE A 7 0.36 -26.24 44.74
CA ILE A 7 -0.46 -26.37 43.54
C ILE A 7 0.47 -26.41 42.33
N HIS A 8 1.70 -26.88 42.53
CA HIS A 8 2.55 -27.23 41.41
C HIS A 8 2.04 -28.52 40.76
N GLU A 9 1.01 -29.13 41.36
CA GLU A 9 0.33 -30.33 40.84
C GLU A 9 -0.30 -30.13 39.46
N ASN A 10 -0.90 -28.98 39.21
CA ASN A 10 -1.36 -28.70 37.87
C ASN A 10 -0.20 -28.29 36.92
N GLN A 11 1.05 -28.49 37.37
CA GLN A 11 2.26 -28.23 36.58
C GLN A 11 2.34 -26.79 36.09
N LEU A 12 2.23 -25.86 37.03
CA LEU A 12 2.19 -24.45 36.71
C LEU A 12 3.58 -23.84 36.79
N GLY A 13 4.60 -24.69 36.75
CA GLY A 13 5.96 -24.19 36.74
C GLY A 13 6.18 -23.26 35.56
N LEU A 14 5.61 -23.53 34.41
CA LEU A 14 5.87 -22.64 33.27
C LEU A 14 5.11 -21.37 33.46
N LEU A 15 3.89 -21.44 33.95
CA LEU A 15 3.11 -20.23 34.22
C LEU A 15 3.76 -19.28 35.21
N PHE A 16 4.36 -19.86 36.24
CA PHE A 16 5.01 -19.12 37.32
C PHE A 16 6.09 -18.11 36.81
N GLN A 17 6.93 -18.56 35.89
CA GLN A 17 7.99 -17.73 35.31
C GLN A 17 7.44 -16.52 34.57
N GLN A 18 6.25 -16.66 33.97
CA GLN A 18 5.66 -15.61 33.15
C GLN A 18 5.28 -14.40 33.98
N GLY A 19 5.56 -13.24 33.43
CA GLY A 19 5.28 -11.98 34.09
C GLY A 19 5.46 -10.76 33.20
N SER A 20 5.21 -9.58 33.77
CA SER A 20 5.49 -8.30 33.12
C SER A 20 6.64 -7.66 33.87
N PHE A 21 7.63 -7.10 33.18
CA PHE A 21 8.78 -6.50 33.87
C PHE A 21 9.08 -5.06 33.50
N GLY A 22 9.18 -4.22 34.51
CA GLY A 22 9.52 -2.81 34.31
C GLY A 22 10.78 -2.39 35.08
N LEU A 23 11.28 -1.21 34.82
CA LEU A 23 12.57 -0.88 35.40
C LEU A 23 12.78 0.61 35.30
N GLU A 24 13.36 1.19 36.34
CA GLU A 24 13.62 2.62 36.40
C GLU A 24 15.01 2.74 36.96
N LYS A 25 15.91 3.37 36.23
CA LYS A 25 17.25 3.56 36.76
C LYS A 25 17.54 5.01 36.82
N GLU A 26 18.05 5.50 37.96
CA GLU A 26 18.33 6.93 38.13
C GLU A 26 19.82 7.20 38.17
N SER A 27 20.31 8.11 37.32
CA SER A 27 21.73 8.50 37.33
C SER A 27 21.87 10.00 37.13
N GLN A 28 23.01 10.57 37.48
CA GLN A 28 23.18 12.00 37.31
C GLN A 28 24.16 12.36 36.23
N ARG A 29 23.70 13.14 35.26
CA ARG A 29 24.57 13.55 34.18
C ARG A 29 25.72 14.28 34.84
N VAL A 30 26.94 13.92 34.49
CA VAL A 30 28.09 14.41 35.18
C VAL A 30 29.26 14.67 34.25
N THR A 31 30.20 15.51 34.67
CA THR A 31 31.36 15.87 33.85
C THR A 31 32.45 14.80 33.86
N ALA A 32 33.34 14.81 32.89
CA ALA A 32 34.39 13.79 32.86
C ALA A 32 35.11 13.87 34.16
N ASP A 33 35.02 15.03 34.77
CA ASP A 33 35.65 15.33 36.04
C ASP A 33 35.06 14.40 37.10
N GLY A 34 33.82 14.01 36.91
CA GLY A 34 33.07 13.30 37.93
C GLY A 34 32.10 14.20 38.69
N ALA A 35 32.29 15.52 38.56
CA ALA A 35 31.44 16.50 39.24
C ALA A 35 30.07 16.46 38.63
N ILE A 36 29.04 16.79 39.40
CA ILE A 36 27.72 16.79 38.80
C ILE A 36 27.71 17.76 37.62
N VAL A 37 26.75 17.61 36.71
CA VAL A 37 26.65 18.48 35.54
C VAL A 37 26.38 19.93 35.95
N THR A 38 25.48 20.14 36.92
CA THR A 38 25.13 21.51 37.33
C THR A 38 24.66 22.37 36.14
N THR A 39 23.84 21.78 35.28
CA THR A 39 23.29 22.46 34.10
C THR A 39 21.95 21.88 33.72
N PRO A 40 21.31 22.48 32.72
CA PRO A 40 19.96 22.12 32.26
C PRO A 40 19.86 20.78 31.56
N HIS A 41 18.65 20.25 31.57
CA HIS A 41 18.37 19.04 30.85
C HIS A 41 18.57 19.32 29.39
N PRO A 42 19.26 18.42 28.70
CA PRO A 42 19.43 18.48 27.25
C PRO A 42 18.15 18.78 26.44
N ALA A 43 18.37 19.59 25.42
CA ALA A 43 17.32 20.07 24.56
C ALA A 43 16.76 18.94 23.73
N VAL A 44 17.66 18.06 23.31
CA VAL A 44 17.36 17.07 22.29
C VAL A 44 16.21 16.13 22.73
N PHE A 45 16.17 15.78 24.02
CA PHE A 45 15.16 14.85 24.52
C PHE A 45 13.78 15.46 24.41
N GLY A 46 12.78 14.60 24.26
CA GLY A 46 11.40 15.03 24.21
C GLY A 46 11.08 15.84 25.44
N ASN A 47 9.87 16.37 25.49
CA ASN A 47 9.46 17.17 26.63
C ASN A 47 9.35 16.31 27.87
N ARG A 48 9.80 16.83 29.00
CA ARG A 48 9.80 16.01 30.21
C ARG A 48 8.39 15.65 30.64
N ARG A 49 7.40 16.51 30.35
CA ARG A 49 6.01 16.29 30.82
C ARG A 49 5.41 14.99 30.27
N TYR A 50 5.70 14.72 29.00
CA TYR A 50 5.14 13.56 28.32
C TYR A 50 6.16 12.44 28.10
N HIS A 51 7.46 12.74 28.11
CA HIS A 51 8.45 11.71 27.74
C HIS A 51 8.34 10.51 28.68
N PRO A 52 8.16 9.31 28.11
CA PRO A 52 8.02 8.04 28.84
C PRO A 52 9.33 7.33 29.06
N TYR A 53 10.24 7.43 28.09
CA TYR A 53 11.53 6.76 28.17
C TYR A 53 12.59 7.57 28.92
N ILE A 54 12.59 8.89 28.82
CA ILE A 54 13.63 9.64 29.49
C ILE A 54 13.08 10.78 30.29
N GLN A 55 13.53 10.90 31.53
CA GLN A 55 13.08 11.97 32.41
C GLN A 55 14.10 12.29 33.52
N THR A 56 13.72 13.21 34.41
CA THR A 56 14.54 13.58 35.55
C THR A 56 13.69 13.33 36.76
N ASP A 57 14.19 12.53 37.69
CA ASP A 57 13.37 12.16 38.86
C ASP A 57 13.02 13.41 39.67
N PHE A 58 14.05 14.14 40.10
CA PHE A 58 13.89 15.30 40.98
C PHE A 58 14.78 16.45 40.53
N ALA A 59 16.07 16.29 40.81
CA ALA A 59 17.10 17.25 40.42
C ALA A 59 17.29 17.32 38.91
N GLU A 60 17.40 18.52 38.40
CA GLU A 60 17.56 18.67 36.99
C GLU A 60 18.78 17.84 36.61
N SER A 61 19.77 17.83 37.48
CA SER A 61 20.99 17.07 37.23
C SER A 61 20.75 15.57 37.23
N GLN A 62 19.80 15.12 38.04
CA GLN A 62 19.47 13.70 38.12
C GLN A 62 18.43 13.29 37.12
N LEU A 63 18.80 12.39 36.22
CA LEU A 63 17.92 11.94 35.16
C LEU A 63 17.61 10.47 35.33
N GLU A 64 16.40 10.05 34.97
CA GLU A 64 16.01 8.65 35.11
C GLU A 64 15.48 8.03 33.81
N LEU A 65 15.96 6.84 33.51
CA LEU A 65 15.56 6.11 32.32
C LEU A 65 14.51 5.06 32.70
N ILE A 66 13.38 5.09 32.02
CA ILE A 66 12.25 4.24 32.35
C ILE A 66 11.97 3.30 31.19
N THR A 67 12.02 2.01 31.42
CA THR A 67 11.85 1.14 30.30
C THR A 67 10.41 0.68 30.22
N PRO A 68 9.83 0.61 29.00
CA PRO A 68 8.43 0.17 28.85
C PRO A 68 8.33 -1.26 29.26
N PRO A 69 7.23 -1.63 29.91
CA PRO A 69 7.14 -3.01 30.36
C PRO A 69 7.31 -3.94 29.18
N THR A 70 7.89 -5.11 29.40
CA THR A 70 8.07 -6.10 28.35
C THR A 70 7.69 -7.44 28.94
N LYS A 71 7.20 -8.32 28.09
CA LYS A 71 6.85 -9.69 28.53
C LYS A 71 8.07 -10.46 29.11
N LYS A 72 9.30 -10.12 28.67
CA LYS A 72 10.54 -10.78 29.12
C LYS A 72 11.56 -9.83 29.73
N LEU A 73 12.22 -10.25 30.80
CA LEU A 73 13.27 -9.45 31.42
C LEU A 73 14.39 -9.33 30.38
N GLU A 74 14.39 -10.25 29.44
CA GLU A 74 15.35 -10.20 28.35
C GLU A 74 15.32 -8.92 27.51
N ASP A 75 14.10 -8.45 27.24
CA ASP A 75 13.81 -7.30 26.39
C ASP A 75 14.00 -5.99 27.10
N THR A 76 13.60 -5.92 28.35
CA THR A 76 13.78 -4.67 29.04
C THR A 76 15.19 -4.18 28.84
N PHE A 77 16.16 -5.10 28.77
CA PHE A 77 17.57 -4.75 28.67
C PHE A 77 17.91 -4.19 27.32
N ARG A 78 17.25 -4.67 26.28
CA ARG A 78 17.52 -4.07 25.00
C ARG A 78 16.99 -2.66 25.06
N TRP A 79 15.80 -2.50 25.63
CA TRP A 79 15.26 -1.17 25.81
C TRP A 79 16.22 -0.33 26.62
N LEU A 80 16.61 -0.84 27.77
CA LEU A 80 17.55 -0.19 28.64
C LEU A 80 18.85 0.18 27.88
N SER A 81 19.42 -0.79 27.15
CA SER A 81 20.70 -0.64 26.46
C SER A 81 20.53 0.49 25.47
N VAL A 82 19.44 0.44 24.73
CA VAL A 82 19.13 1.45 23.74
C VAL A 82 18.83 2.78 24.38
N ILE A 83 17.98 2.83 25.40
CA ILE A 83 17.66 4.09 26.02
C ILE A 83 18.95 4.73 26.55
N HIS A 84 19.78 3.97 27.24
CA HIS A 84 20.99 4.55 27.80
C HIS A 84 21.90 4.99 26.65
N GLU A 85 21.92 4.28 25.53
CA GLU A 85 22.72 4.73 24.40
C GLU A 85 22.23 6.02 23.76
N VAL A 86 20.91 6.14 23.61
CA VAL A 86 20.29 7.37 23.15
C VAL A 86 20.66 8.51 24.11
N VAL A 87 20.65 8.24 25.41
CA VAL A 87 20.95 9.29 26.37
C VAL A 87 22.41 9.64 26.25
N GLN A 88 23.26 8.64 26.14
CA GLN A 88 24.71 8.90 26.08
C GLN A 88 25.04 9.74 24.86
N ARG A 89 24.36 9.48 23.75
CA ARG A 89 24.63 10.21 22.52
C ARG A 89 24.03 11.60 22.55
N SER A 90 22.96 11.76 23.31
CA SER A 90 22.27 13.05 23.38
C SER A 90 23.00 14.11 24.23
N LEU A 91 23.73 13.69 25.25
CA LEU A 91 24.37 14.67 26.12
C LEU A 91 25.48 15.34 25.38
N PRO A 92 25.66 16.62 25.67
CA PRO A 92 26.83 17.35 25.19
C PRO A 92 28.07 16.52 25.46
N GLU A 93 28.96 16.43 24.49
CA GLU A 93 30.18 15.68 24.70
C GLU A 93 30.74 15.97 26.08
N GLU A 94 30.70 17.25 26.47
CA GLU A 94 31.22 17.68 27.77
C GLU A 94 30.63 16.86 28.94
N GLU A 95 29.34 16.53 28.85
CA GLU A 95 28.67 15.74 29.87
C GLU A 95 28.71 14.20 29.63
N TYR A 96 28.94 13.48 30.72
CA TYR A 96 29.03 12.03 30.74
C TYR A 96 27.93 11.58 31.65
N ILE A 97 27.68 10.26 31.72
CA ILE A 97 26.75 9.67 32.67
C ILE A 97 27.48 9.24 33.95
N PHE A 98 26.79 9.15 35.11
CA PHE A 98 27.46 8.70 36.34
C PHE A 98 27.00 7.32 36.78
N PRO A 99 27.95 6.37 36.85
CA PRO A 99 27.69 4.95 37.14
C PRO A 99 27.24 4.61 38.58
N LEU A 100 27.88 5.17 39.60
CA LEU A 100 27.57 4.80 40.97
C LEU A 100 26.36 5.54 41.47
N SER A 101 25.75 5.02 42.52
CA SER A 101 24.61 5.70 43.16
C SER A 101 25.09 6.94 43.96
N PRO A 103 26.69 10.23 45.08
CA PRO A 103 27.06 11.50 44.46
C PRO A 103 28.56 11.80 44.56
N ALA A 104 29.19 12.19 43.45
CA ALA A 104 30.65 12.37 43.34
C ALA A 104 31.16 13.69 43.90
N GLY A 105 30.79 14.77 43.24
CA GLY A 105 31.02 16.09 43.79
C GLY A 105 29.67 16.73 43.93
N LEU A 106 29.20 16.92 45.18
CA LEU A 106 27.87 17.50 45.40
C LEU A 106 28.00 19.01 45.69
N PRO A 107 27.40 19.86 44.83
CA PRO A 107 27.10 21.28 45.11
C PRO A 107 26.09 21.47 46.26
N ALA A 108 25.90 22.70 46.72
CA ALA A 108 24.94 22.96 47.79
C ALA A 108 23.83 23.89 47.31
N ILE A 112 22.08 24.58 43.92
CA ILE A 112 22.22 23.29 43.25
C ILE A 112 21.34 23.09 42.00
N ARG A 113 20.12 22.62 42.19
CA ARG A 113 19.28 22.28 41.04
C ARG A 113 17.80 22.31 41.39
N VAL A 114 16.95 22.26 40.38
CA VAL A 114 15.51 22.34 40.59
C VAL A 114 14.78 21.30 39.73
N ALA A 115 13.56 20.99 40.12
CA ALA A 115 12.79 20.05 39.36
C ALA A 115 12.63 20.48 37.92
N GLN A 116 12.15 21.71 37.70
CA GLN A 116 11.88 22.22 36.35
C GLN A 116 10.67 21.53 35.68
N LEU A 117 9.71 21.14 36.49
CA LEU A 117 8.47 20.55 35.99
C LEU A 117 7.48 21.64 35.58
N ASP A 118 6.77 21.43 34.48
CA ASP A 118 5.85 22.44 33.96
C ASP A 118 4.65 22.61 34.90
N ASN A 119 4.16 21.51 35.47
CA ASN A 119 3.04 21.62 36.39
C ASN A 119 3.48 22.21 37.71
N PRO A 120 2.60 23.03 38.32
CA PRO A 120 2.80 23.73 39.58
C PRO A 120 2.87 22.76 40.77
N GLU A 121 2.08 21.70 40.72
CA GLU A 121 1.96 20.80 41.85
C GLU A 121 3.27 20.09 42.13
N ASP A 122 3.92 19.64 41.08
CA ASP A 122 5.19 18.95 41.23
C ASP A 122 6.26 19.83 41.88
N VAL A 123 6.36 21.08 41.44
CA VAL A 123 7.33 22.02 42.00
C VAL A 123 7.04 22.25 43.49
N ALA A 124 5.76 22.42 43.83
CA ALA A 124 5.36 22.55 45.22
C ALA A 124 5.73 21.28 45.97
N TYR A 125 5.51 20.12 45.34
CA TYR A 125 5.76 18.82 45.98
C TYR A 125 7.24 18.62 46.23
N ARG A 126 8.04 18.96 45.23
CA ARG A 126 9.48 18.82 45.36
C ARG A 126 9.96 19.83 46.39
N GLU A 127 9.41 21.03 46.33
CA GLU A 127 9.82 22.07 47.25
C GLU A 127 9.54 21.60 48.68
N TYR A 128 8.34 21.08 48.92
CA TYR A 128 7.94 20.61 50.25
C TYR A 128 8.82 19.44 50.67
N LEU A 129 9.16 18.62 49.69
CA LEU A 129 10.00 17.45 49.92
C LEU A 129 11.47 17.84 50.20
N VAL A 130 12.03 18.75 49.41
CA VAL A 130 13.40 19.20 49.63
C VAL A 130 13.49 19.76 51.04
N LYS A 131 12.43 20.46 51.46
CA LYS A 131 12.31 21.05 52.79
C LYS A 131 12.15 19.99 53.89
N ILE A 132 11.40 18.92 53.58
CA ILE A 132 11.21 17.83 54.52
C ILE A 132 12.52 17.07 54.81
N TYR A 133 13.33 16.79 53.78
CA TYR A 133 14.51 15.96 54.00
C TYR A 133 15.85 16.54 53.51
N GLY A 134 15.85 17.80 53.08
CA GLY A 134 17.05 18.38 52.50
C GLY A 134 17.22 17.80 51.11
N LYS A 135 18.29 18.18 50.40
CA LYS A 135 18.36 17.80 48.99
C LYS A 135 19.48 16.80 48.68
N ASN A 136 20.41 16.63 49.61
CA ASN A 136 21.51 15.71 49.38
C ASN A 136 21.07 14.28 49.35
N LYS A 137 20.28 13.85 50.33
CA LYS A 137 19.82 12.47 50.36
C LYS A 137 19.05 12.17 49.09
N GLN A 138 18.34 13.15 48.56
CA GLN A 138 17.60 12.97 47.33
C GLN A 138 18.56 12.74 46.18
N VAL A 140 21.18 11.03 45.72
CA VAL A 140 21.54 9.65 45.44
C VAL A 140 20.48 9.01 44.49
N SER A 141 20.96 8.25 43.51
CA SER A 141 20.09 7.62 42.54
C SER A 141 20.25 6.10 42.46
N GLY A 142 19.15 5.38 42.21
CA GLY A 142 19.22 3.94 42.07
C GLY A 142 18.13 3.30 41.20
N ILE A 143 18.38 2.08 40.76
CA ILE A 143 17.39 1.32 40.02
C ILE A 143 16.13 0.98 40.81
N HIS A 144 15.00 0.90 40.10
CA HIS A 144 13.76 0.31 40.59
C HIS A 144 13.38 -0.92 39.71
N TYR A 145 12.81 -1.95 40.33
CA TYR A 145 12.55 -3.20 39.65
C TYR A 145 11.10 -3.52 39.83
N ASN A 146 10.33 -3.41 38.75
CA ASN A 146 8.89 -3.60 38.81
C ASN A 146 8.52 -4.91 38.20
N PHE A 147 7.75 -5.72 38.92
CA PHE A 147 7.41 -7.04 38.45
C PHE A 147 5.93 -7.27 38.69
N GLN A 148 5.25 -7.77 37.67
CA GLN A 148 3.83 -8.08 37.72
C GLN A 148 3.64 -9.51 37.29
N LEU A 149 2.96 -10.29 38.11
CA LEU A 149 2.60 -11.67 37.79
C LEU A 149 1.55 -11.79 36.69
N SER A 150 1.76 -12.73 35.78
CA SER A 150 0.81 -12.89 34.68
C SER A 150 -0.58 -13.04 35.27
N PRO A 151 -1.57 -12.39 34.64
CA PRO A 151 -2.96 -12.49 35.07
C PRO A 151 -3.51 -13.87 34.87
N ASP A 152 -3.07 -14.57 33.82
CA ASP A 152 -3.59 -15.90 33.54
C ASP A 152 -3.11 -16.91 34.59
N LEU A 153 -1.85 -16.84 34.98
CA LEU A 153 -1.37 -17.75 36.01
C LEU A 153 -2.14 -17.47 37.29
N ILE A 154 -2.38 -16.20 37.61
CA ILE A 154 -3.15 -15.83 38.80
C ILE A 154 -4.57 -16.37 38.80
N THR A 155 -5.22 -16.37 37.64
CA THR A 155 -6.56 -16.87 37.55
C THR A 155 -6.54 -18.35 37.86
N ARG A 156 -5.61 -19.06 37.25
CA ARG A 156 -5.41 -20.47 37.54
C ARG A 156 -5.07 -20.70 39.01
N LEU A 157 -4.22 -19.86 39.59
CA LEU A 157 -3.95 -20.01 40.99
C LEU A 157 -5.27 -19.91 41.74
N PHE A 158 -6.06 -18.91 41.35
CA PHE A 158 -7.29 -18.61 42.05
C PHE A 158 -8.33 -19.70 41.95
N ARG A 159 -8.47 -20.30 40.77
CA ARG A 159 -9.49 -21.32 40.55
C ARG A 159 -9.34 -22.46 41.55
N LEU A 160 -8.10 -22.89 41.79
CA LEU A 160 -7.85 -23.90 42.81
C LEU A 160 -8.14 -23.44 44.27
N GLN A 161 -7.89 -22.17 44.60
CA GLN A 161 -8.02 -21.70 45.99
C GLN A 161 -9.45 -21.40 46.39
N ASN A 162 -10.10 -22.39 46.99
CA ASN A 162 -11.47 -22.30 47.52
C ASN A 162 -11.62 -21.31 48.66
N GLU A 163 -10.52 -21.07 49.36
CA GLU A 163 -10.52 -20.26 50.56
C GLU A 163 -10.93 -18.80 50.33
N TYR A 164 -10.59 -18.25 49.17
CA TYR A 164 -10.80 -16.80 48.98
C TYR A 164 -12.17 -16.36 48.44
N GLN A 165 -12.69 -17.04 47.42
CA GLN A 165 -14.01 -16.69 46.90
C GLN A 165 -13.91 -15.52 45.93
N SER A 166 -13.24 -14.46 46.35
CA SER A 166 -13.06 -13.28 45.52
C SER A 166 -11.68 -13.29 44.85
N ALA A 167 -11.65 -12.94 43.57
CA ALA A 167 -10.44 -12.99 42.76
C ALA A 167 -9.45 -11.94 43.20
N VAL A 168 -9.94 -10.75 43.56
CA VAL A 168 -9.04 -9.66 43.89
C VAL A 168 -8.42 -9.90 45.24
N ASP A 169 -9.20 -10.39 46.19
CA ASP A 169 -8.67 -10.57 47.53
C ASP A 169 -7.48 -11.53 47.41
N PHE A 170 -7.63 -12.54 46.56
CA PHE A 170 -6.54 -13.46 46.26
C PHE A 170 -5.31 -12.72 45.72
N GLN A 171 -5.57 -11.76 44.83
CA GLN A 171 -4.52 -10.99 44.20
C GLN A 171 -3.84 -10.11 45.23
N ASN A 172 -4.62 -9.52 46.12
CA ASN A 172 -4.03 -8.67 47.14
C ASN A 172 -3.23 -9.52 48.12
N ASP A 173 -3.77 -10.69 48.44
CA ASP A 173 -3.20 -11.48 49.51
C ASP A 173 -1.89 -12.05 49.01
N LEU A 174 -1.84 -12.37 47.71
CA LEU A 174 -0.64 -12.94 47.08
C LEU A 174 0.49 -11.93 47.08
N TYR A 175 0.28 -10.83 46.38
CA TYR A 175 1.21 -9.72 46.44
C TYR A 175 1.66 -9.38 47.87
N LEU A 176 0.72 -9.19 48.79
CA LEU A 176 1.09 -8.88 50.15
C LEU A 176 2.07 -9.90 50.65
N LYS A 177 1.76 -11.18 50.45
CA LYS A 177 2.60 -12.25 50.97
C LYS A 177 3.98 -12.11 50.40
N ALA A 179 5.35 -9.37 49.29
CA ALA A 179 6.04 -8.23 49.83
C ALA A 179 6.64 -8.56 51.20
N LYS A 180 5.82 -9.11 52.09
CA LYS A 180 6.28 -9.38 53.45
C LYS A 180 7.56 -10.18 53.38
N ASN A 181 7.47 -11.34 52.75
CA ASN A 181 8.57 -12.26 52.72
C ASN A 181 9.78 -11.54 52.18
N PHE A 182 9.55 -10.71 51.16
CA PHE A 182 10.65 -9.97 50.55
C PHE A 182 11.34 -9.13 51.60
N LEU A 183 10.58 -8.43 52.42
CA LEU A 183 11.17 -7.57 53.43
C LEU A 183 12.08 -8.35 54.41
N ARG A 184 11.62 -9.51 54.84
CA ARG A 184 12.37 -10.29 55.79
C ARG A 184 13.68 -10.76 55.18
N TYR A 185 13.65 -11.12 53.89
CA TYR A 185 14.84 -11.68 53.26
C TYR A 185 15.54 -10.69 52.37
N GLN A 186 15.01 -9.49 52.28
CA GLN A 186 15.56 -8.56 51.31
C GLN A 186 16.98 -8.31 51.65
N TRP A 187 17.35 -8.60 52.89
CA TRP A 187 18.70 -8.29 53.29
C TRP A 187 19.65 -9.08 52.45
N ILE A 188 19.22 -10.30 52.09
CA ILE A 188 20.00 -11.22 51.27
C ILE A 188 20.33 -10.58 49.92
N LEU A 189 19.36 -9.88 49.36
CA LEU A 189 19.51 -9.18 48.07
C LEU A 189 20.48 -8.02 48.13
N LEU A 190 20.46 -7.30 49.24
CA LEU A 190 21.33 -6.16 49.38
C LEU A 190 22.77 -6.58 49.55
N TYR A 191 22.99 -7.59 50.38
CA TYR A 191 24.32 -8.10 50.61
C TYR A 191 24.96 -8.43 49.28
N LEU A 192 24.22 -9.15 48.46
CA LEU A 192 24.78 -9.64 47.22
C LEU A 192 25.14 -8.43 46.37
N LEU A 193 24.24 -7.45 46.38
CA LEU A 193 24.26 -6.36 45.41
C LEU A 193 24.37 -4.99 46.04
N ALA A 194 25.11 -4.87 47.11
CA ALA A 194 25.29 -3.57 47.73
C ALA A 194 26.24 -2.83 46.83
N ALA A 195 25.96 -1.54 46.57
CA ALA A 195 26.80 -0.76 45.68
C ALA A 195 27.03 0.63 46.23
N THR A 196 26.80 0.80 47.51
CA THR A 196 26.90 2.12 48.06
C THR A 196 27.85 2.07 49.27
N PRO A 197 29.13 1.75 49.04
CA PRO A 197 29.97 1.58 50.21
C PRO A 197 30.33 2.91 50.79
N THR A 198 30.59 3.88 49.94
CA THR A 198 30.92 5.22 50.43
C THR A 198 29.89 6.28 50.02
N TYR A 203 31.53 12.86 51.11
CA TYR A 203 31.64 13.27 52.53
C TYR A 203 30.50 14.20 52.96
N PHE A 204 30.21 15.21 52.14
CA PHE A 204 29.18 16.17 52.50
C PHE A 204 27.87 15.42 52.79
N LYS A 205 27.50 14.45 51.94
CA LYS A 205 26.20 13.83 52.12
C LYS A 205 26.07 13.27 53.54
N ASP A 206 27.05 12.49 54.00
CA ASP A 206 26.97 11.84 55.33
C ASP A 206 28.31 11.51 55.94
N GLY A 207 29.07 12.53 56.33
CA GLY A 207 30.39 12.32 56.90
C GLY A 207 30.35 12.00 58.37
N SER A 208 29.17 12.15 58.98
CA SER A 208 29.01 11.87 60.41
C SER A 208 29.53 10.45 60.72
N PRO A 209 29.10 9.44 59.93
CA PRO A 209 29.74 8.12 59.95
C PRO A 209 31.24 8.22 59.79
N LEU A 210 31.97 7.50 60.63
CA LEU A 210 33.44 7.53 60.60
C LEU A 210 33.97 6.84 59.33
N ALA A 211 34.78 7.55 58.56
CA ALA A 211 35.32 6.98 57.35
C ALA A 211 36.83 7.16 57.28
N LYS A 212 37.54 6.05 57.17
CA LYS A 212 38.97 6.06 56.94
C LYS A 212 39.20 5.06 55.81
N GLY A 213 38.23 5.00 54.91
CA GLY A 213 38.16 3.94 53.93
C GLY A 213 37.34 2.83 54.55
N GLN A 214 36.94 3.06 55.80
CA GLN A 214 36.05 2.16 56.53
C GLN A 214 34.69 2.25 55.88
N PHE A 215 34.46 1.38 54.88
CA PHE A 215 33.21 1.37 54.12
C PHE A 215 32.21 0.37 54.69
N VAL A 216 30.93 0.71 54.58
CA VAL A 216 29.86 -0.17 54.99
C VAL A 216 29.42 -0.90 53.73
N ARG A 217 28.69 -1.99 53.87
CA ARG A 217 28.19 -2.70 52.71
C ARG A 217 27.23 -1.83 51.86
N SER A 218 26.29 -1.12 52.49
CA SER A 218 25.42 -0.17 51.79
C SER A 218 25.02 1.01 52.67
N LEU A 219 25.46 2.20 52.27
CA LEU A 219 25.16 3.41 53.01
C LEU A 219 23.67 3.77 52.99
N ARG A 220 23.00 3.50 51.88
CA ARG A 220 21.59 3.91 51.68
C ARG A 220 20.60 3.25 52.67
N SER A 221 20.70 1.94 52.84
CA SER A 221 19.75 1.20 53.68
C SER A 221 20.01 1.44 55.15
N SER A 222 21.15 2.08 55.45
CA SER A 222 21.45 2.55 56.79
C SER A 222 20.58 3.76 57.18
N GLN A 223 20.62 4.14 58.45
CA GLN A 223 19.79 5.23 58.96
C GLN A 223 20.08 6.58 58.27
N TYR A 224 21.34 6.87 57.99
CA TYR A 224 21.72 8.14 57.36
C TYR A 224 21.11 8.27 55.96
N GLY A 225 21.02 7.16 55.24
CA GLY A 225 20.27 7.12 53.99
C GLY A 225 18.83 7.48 54.31
N TYR A 226 18.17 8.21 53.41
CA TYR A 226 16.92 8.87 53.77
C TYR A 226 15.70 7.93 53.95
N VAL A 227 15.29 7.78 55.20
CA VAL A 227 13.98 7.27 55.56
C VAL A 227 13.32 8.42 56.33
N ASN A 228 12.14 8.88 55.91
CA ASN A 228 11.64 10.16 56.43
C ASN A 228 11.38 10.15 57.96
N ASP A 229 10.93 9.05 58.53
CA ASP A 229 10.79 9.01 60.00
C ASP A 229 10.49 7.62 60.57
N PRO A 230 10.79 7.46 61.87
CA PRO A 230 10.62 6.21 62.60
C PRO A 230 9.15 5.92 62.82
N GLU A 231 8.41 6.99 63.11
CA GLU A 231 7.00 6.89 63.51
C GLU A 231 6.08 6.39 62.39
N ILE A 232 6.36 6.77 61.15
CA ILE A 232 5.51 6.30 60.06
C ILE A 232 5.65 4.78 59.90
N ASN A 233 4.51 4.09 59.86
CA ASN A 233 4.47 2.65 59.75
C ASN A 233 3.14 2.23 59.15
N VAL A 234 3.16 1.24 58.26
CA VAL A 234 1.91 0.72 57.70
C VAL A 234 1.96 -0.79 57.69
N SER A 235 0.81 -1.44 57.86
CA SER A 235 0.78 -2.89 57.94
C SER A 235 0.58 -3.46 56.56
N PHE A 236 1.37 -4.47 56.22
CA PHE A 236 1.15 -5.20 54.97
C PHE A 236 0.28 -6.42 55.26
N ASP A 237 -0.20 -6.54 56.50
CA ASP A 237 -0.89 -7.76 56.93
C ASP A 237 -2.19 -7.96 56.23
N SER A 238 -2.89 -6.85 56.00
CA SER A 238 -4.11 -6.89 55.22
C SER A 238 -4.14 -5.69 54.29
N VAL A 239 -4.75 -5.86 53.12
CA VAL A 239 -4.89 -4.75 52.18
C VAL A 239 -5.74 -3.67 52.82
N GLU A 240 -6.78 -4.10 53.53
CA GLU A 240 -7.72 -3.21 54.19
C GLU A 240 -6.99 -2.43 55.29
N LYS A 241 -6.09 -3.10 55.98
CA LYS A 241 -5.28 -2.48 57.06
C LYS A 241 -4.22 -1.56 56.49
N TYR A 242 -3.50 -2.07 55.49
CA TYR A 242 -2.49 -1.29 54.83
C TYR A 242 -3.09 0.05 54.48
N VAL A 243 -4.26 -0.02 53.87
CA VAL A 243 -4.98 1.17 53.42
C VAL A 243 -5.32 2.08 54.60
N GLU A 244 -5.73 1.48 55.72
CA GLU A 244 -6.11 2.27 56.90
C GLU A 244 -4.90 3.00 57.43
N SER A 245 -3.75 2.35 57.30
CA SER A 245 -2.47 2.86 57.77
C SER A 245 -2.05 4.03 56.93
N LEU A 246 -2.09 3.84 55.62
CA LEU A 246 -1.75 4.92 54.69
C LEU A 246 -2.76 6.07 54.84
N GLU A 247 -4.05 5.76 54.89
CA GLU A 247 -5.07 6.77 55.06
C GLU A 247 -4.80 7.61 56.30
N HIS A 248 -4.70 6.98 57.46
CA HIS A 248 -4.54 7.72 58.71
C HIS A 248 -3.37 8.70 58.63
N TRP A 249 -2.26 8.29 58.04
CA TRP A 249 -1.10 9.18 58.00
C TRP A 249 -1.33 10.36 57.07
N VAL A 250 -1.99 10.09 55.94
CA VAL A 250 -2.30 11.16 55.01
C VAL A 250 -3.25 12.11 55.68
N SER A 251 -4.26 11.55 56.34
CA SER A 251 -5.25 12.34 57.05
C SER A 251 -4.52 13.26 58.04
N THR A 252 -3.56 12.71 58.76
CA THR A 252 -2.83 13.44 59.80
C THR A 252 -1.90 12.52 60.56
N LYS A 254 2.47 12.79 59.26
CA LYS A 254 1.47 13.17 58.27
C LYS A 254 2.17 13.29 56.93
N LEU A 255 2.21 12.20 56.19
CA LEU A 255 2.77 12.25 54.85
C LEU A 255 1.95 13.23 54.02
N ILE A 256 2.58 13.98 53.11
CA ILE A 256 1.84 14.86 52.18
C ILE A 256 0.89 14.06 51.32
N ALA A 257 1.34 12.86 50.92
CA ALA A 257 0.52 11.93 50.14
C ALA A 257 1.07 10.50 50.21
N GLU A 258 0.44 9.58 49.50
CA GLU A 258 0.84 8.17 49.50
C GLU A 258 2.11 7.92 48.70
N LYS A 259 2.35 8.73 47.66
CA LYS A 259 3.57 8.63 46.89
C LYS A 259 4.80 8.94 47.77
N GLU A 260 4.61 9.81 48.76
CA GLU A 260 5.70 10.21 49.66
C GLU A 260 6.10 9.10 50.62
N PHE A 261 5.26 8.08 50.75
CA PHE A 261 5.62 6.89 51.51
C PHE A 261 6.87 6.24 50.96
N TYR A 262 7.91 6.13 51.79
CA TYR A 262 9.17 5.54 51.36
C TYR A 262 9.33 4.15 51.97
N SER A 263 9.59 3.18 51.10
CA SER A 263 9.86 1.81 51.53
C SER A 263 10.52 1.07 50.41
N ASN A 264 11.15 -0.05 50.77
CA ASN A 264 11.92 -0.85 49.82
C ASN A 264 11.05 -1.67 48.85
N VAL A 265 9.85 -2.02 49.28
CA VAL A 265 8.88 -2.60 48.36
C VAL A 265 7.62 -1.75 48.38
N ARG A 266 7.04 -1.48 47.22
CA ARG A 266 5.85 -0.62 47.14
C ARG A 266 4.77 -1.21 46.27
N LEU A 267 3.53 -1.20 46.76
CA LEU A 267 2.35 -1.62 45.97
C LEU A 267 2.08 -0.63 44.88
N ARG A 268 1.42 -1.05 43.80
CA ARG A 268 1.25 -0.07 42.76
C ARG A 268 0.05 -0.35 41.85
N GLY A 269 -0.12 0.53 40.87
CA GLY A 269 -1.29 0.54 40.01
C GLY A 269 -2.26 1.38 40.78
N ALA A 270 -1.67 2.09 41.75
CA ALA A 270 -2.42 2.78 42.80
C ALA A 270 -2.76 4.24 42.45
N LYS A 271 -3.97 4.49 41.98
CA LYS A 271 -4.44 5.88 41.95
C LYS A 271 -4.37 6.37 43.40
N LYS A 272 -4.98 5.57 44.27
CA LYS A 272 -4.97 5.70 45.73
C LYS A 272 -5.07 4.29 46.32
N ALA A 273 -4.56 4.09 47.52
CA ALA A 273 -4.50 2.74 48.09
C ALA A 273 -5.86 2.03 48.05
N ARG A 274 -6.93 2.76 48.40
CA ARG A 274 -8.25 2.19 48.66
C ARG A 274 -8.85 1.57 47.41
N GLU A 275 -8.57 2.19 46.27
CA GLU A 275 -9.10 1.73 44.98
C GLU A 275 -8.63 0.30 44.73
N PHE A 276 -7.64 -0.11 45.50
CA PHE A 276 -7.17 -1.48 45.45
C PHE A 276 -8.26 -2.43 45.88
N LEU A 277 -9.16 -1.98 46.75
CA LEU A 277 -10.12 -2.90 47.35
C LEU A 277 -11.08 -3.47 46.29
N THR A 278 -11.41 -2.66 45.28
CA THR A 278 -12.14 -3.12 44.12
C THR A 278 -11.13 -3.58 43.04
N THR A 279 -10.18 -2.72 42.69
CA THR A 279 -9.22 -2.97 41.60
C THR A 279 -8.23 -4.14 41.81
N GLY A 280 -7.86 -4.42 43.05
CA GLY A 280 -6.80 -5.39 43.35
C GLY A 280 -5.45 -4.70 43.23
N ILE A 281 -4.38 -5.39 43.60
CA ILE A 281 -3.05 -4.85 43.43
C ILE A 281 -2.50 -5.28 42.06
N GLN A 282 -2.16 -4.31 41.21
CA GLN A 282 -1.68 -4.66 39.90
C GLN A 282 -0.22 -5.23 39.89
N TYR A 283 0.70 -4.58 40.59
CA TYR A 283 2.08 -5.04 40.61
C TYR A 283 2.89 -4.46 41.74
N LEU A 284 4.12 -4.91 41.89
CA LEU A 284 5.01 -4.40 42.92
C LEU A 284 6.20 -3.63 42.35
N GLU A 285 6.71 -2.66 43.08
CA GLU A 285 7.94 -1.99 42.71
C GLU A 285 8.99 -2.18 43.80
N PHE A 286 10.15 -2.71 43.45
CA PHE A 286 11.22 -2.99 44.39
C PHE A 286 12.34 -1.97 44.26
N ARG A 287 12.73 -1.34 45.36
CA ARG A 287 13.69 -0.23 45.30
C ARG A 287 14.99 -0.50 46.04
N LEU A 288 15.16 -1.73 46.47
CA LEU A 288 16.28 -2.04 47.29
C LEU A 288 17.59 -1.75 46.54
N PHE A 289 17.57 -1.78 45.21
CA PHE A 289 18.82 -1.86 44.44
C PHE A 289 19.57 -0.55 44.22
N ASP A 290 20.90 -0.66 44.32
CA ASP A 290 21.83 0.43 44.08
C ASP A 290 22.38 0.22 42.69
N LEU A 291 22.65 1.29 41.99
CA LEU A 291 23.30 1.15 40.70
C LEU A 291 24.59 0.41 40.90
N ASN A 292 24.90 -0.56 40.04
CA ASN A 292 26.18 -1.23 40.19
C ASN A 292 27.13 -0.80 39.10
N PRO A 293 28.37 -0.44 39.49
CA PRO A 293 29.36 0.29 38.67
C PRO A 293 29.89 -0.53 37.54
N PHE A 294 29.81 -1.85 37.66
CA PHE A 294 30.49 -2.71 36.71
C PHE A 294 29.64 -3.08 35.55
N GLU A 295 28.33 -3.03 35.66
CA GLU A 295 27.52 -3.29 34.49
C GLU A 295 27.24 -1.99 33.75
N ILE A 296 27.27 -2.04 32.43
CA ILE A 296 27.28 -0.84 31.64
C ILE A 296 26.07 -0.02 31.95
N TYR A 297 24.92 -0.68 32.06
CA TYR A 297 23.65 0.05 32.23
C TYR A 297 23.10 0.02 33.68
N GLY A 298 23.97 -0.29 34.62
CA GLY A 298 23.61 -0.23 36.03
C GLY A 298 22.92 -1.47 36.60
N ILE A 299 22.79 -2.50 35.78
CA ILE A 299 22.21 -3.74 36.26
C ILE A 299 22.57 -4.77 35.24
N SER A 300 22.42 -6.03 35.59
CA SER A 300 22.74 -7.14 34.69
C SER A 300 21.48 -7.94 34.44
N LEU A 301 21.47 -8.68 33.33
CA LEU A 301 20.40 -9.65 33.05
C LEU A 301 20.39 -10.76 34.09
N LYS A 302 21.55 -11.34 34.34
CA LYS A 302 21.66 -12.40 35.33
C LYS A 302 21.04 -11.92 36.64
N ASP A 303 21.40 -10.70 37.06
CA ASP A 303 20.89 -10.19 38.32
C ASP A 303 19.40 -9.83 38.23
N ALA A 304 18.98 -9.25 37.11
CA ALA A 304 17.57 -8.95 36.89
C ALA A 304 16.81 -10.22 37.05
N LYS A 305 17.32 -11.28 36.45
CA LYS A 305 16.70 -12.58 36.53
C LYS A 305 16.71 -13.13 37.94
N PHE A 306 17.81 -12.91 38.63
CA PHE A 306 17.97 -13.42 39.96
C PHE A 306 16.87 -12.91 40.82
N ILE A 307 16.60 -11.61 40.74
CA ILE A 307 15.52 -11.04 41.51
C ILE A 307 14.17 -11.66 41.15
N HIS A 308 13.94 -11.89 39.87
CA HIS A 308 12.67 -12.44 39.49
C HIS A 308 12.46 -13.78 40.16
N VAL A 309 13.43 -14.67 40.08
CA VAL A 309 13.29 -15.99 40.68
C VAL A 309 13.08 -15.79 42.18
N PHE A 310 13.80 -14.85 42.75
CA PHE A 310 13.75 -14.60 44.18
C PHE A 310 12.38 -14.15 44.57
N ALA A 311 11.80 -13.32 43.71
CA ALA A 311 10.49 -12.80 43.93
C ALA A 311 9.57 -13.99 43.93
N LEU A 312 9.75 -14.88 42.98
CA LEU A 312 8.93 -16.06 42.91
C LEU A 312 9.07 -16.86 44.19
N PHE A 313 10.25 -16.85 44.78
CA PHE A 313 10.49 -17.75 45.88
C PHE A 313 9.66 -17.27 47.05
N ILE A 315 6.92 -16.10 46.91
CA ILE A 315 5.60 -16.60 46.66
C ILE A 315 5.59 -18.09 47.00
N TRP A 316 6.66 -18.79 46.62
CA TRP A 316 6.71 -20.25 46.65
C TRP A 316 6.69 -20.79 48.07
N ASP A 318 5.75 -21.48 51.84
CA ASP A 318 4.42 -21.47 52.45
C ASP A 318 4.23 -20.35 53.49
N HIS A 319 5.29 -20.11 54.28
CA HIS A 319 5.24 -19.13 55.35
C HIS A 319 5.04 -17.70 54.82
N THR A 320 4.32 -16.88 55.59
CA THR A 320 4.30 -15.45 55.37
C THR A 320 4.87 -14.80 56.64
N ALA A 321 5.75 -13.82 56.53
CA ALA A 321 6.35 -13.21 57.71
C ALA A 321 5.33 -12.40 58.52
N ASP A 322 5.39 -12.51 59.87
CA ASP A 322 4.47 -11.81 60.78
C ASP A 322 4.92 -10.37 60.94
N GLN A 323 4.14 -9.52 61.57
CA GLN A 323 4.59 -8.14 61.76
C GLN A 323 5.92 -8.18 62.45
N GLU A 324 6.06 -9.08 63.41
CA GLU A 324 7.32 -9.21 64.14
C GLU A 324 8.40 -9.65 63.16
N GLU A 325 8.06 -10.65 62.36
CA GLU A 325 9.00 -11.18 61.39
C GLU A 325 9.49 -10.04 60.49
N VAL A 326 8.56 -9.31 59.88
CA VAL A 326 8.92 -8.26 58.93
C VAL A 326 9.83 -7.23 59.58
N GLU A 327 9.50 -6.84 60.81
CA GLU A 327 10.29 -5.83 61.54
C GLU A 327 11.69 -6.36 61.80
N LEU A 328 11.76 -7.63 62.19
CA LEU A 328 13.04 -8.26 62.47
C LEU A 328 13.82 -8.25 61.19
N GLY A 329 13.13 -8.54 60.09
CA GLY A 329 13.78 -8.60 58.80
C GLY A 329 14.54 -7.33 58.53
N LYS A 330 13.88 -6.19 58.70
CA LYS A 330 14.53 -4.94 58.33
C LYS A 330 15.71 -4.62 59.21
N ALA A 331 15.63 -4.96 60.49
CA ALA A 331 16.71 -4.64 61.39
C ALA A 331 17.87 -5.43 60.89
N ARG A 332 17.58 -6.67 60.52
CA ARG A 332 18.63 -7.53 60.07
C ARG A 332 19.23 -6.96 58.80
N LEU A 333 18.38 -6.46 57.93
CA LEU A 333 18.84 -5.97 56.64
C LEU A 333 19.71 -4.76 56.85
N ALA A 334 19.32 -3.91 57.79
CA ALA A 334 20.09 -2.72 58.07
C ALA A 334 21.50 -3.06 58.61
N GLU A 335 21.56 -3.96 59.58
CA GLU A 335 22.83 -4.39 60.12
C GLU A 335 23.69 -4.98 59.03
N VAL A 336 23.13 -5.88 58.24
CA VAL A 336 23.89 -6.56 57.21
C VAL A 336 24.47 -5.57 56.22
N ALA A 337 23.72 -4.50 55.98
CA ALA A 337 24.09 -3.50 54.97
C ALA A 337 25.22 -2.64 55.52
N PHE A 338 25.21 -2.47 56.81
CA PHE A 338 26.22 -1.66 57.44
C PHE A 338 27.59 -2.38 57.59
N GLU A 339 27.57 -3.71 57.60
CA GLU A 339 28.78 -4.49 57.74
C GLU A 339 29.83 -4.11 56.72
N HIS A 340 31.11 -4.35 57.02
CA HIS A 340 32.18 -4.14 56.05
C HIS A 340 32.10 -5.16 54.93
N PRO A 341 32.15 -4.70 53.67
CA PRO A 341 32.11 -5.57 52.51
C PRO A 341 32.96 -6.84 52.61
N LEU A 342 34.21 -6.74 53.04
CA LEU A 342 35.08 -7.91 53.00
C LEU A 342 34.59 -9.02 53.93
N GLU A 343 34.05 -8.67 55.10
CA GLU A 343 33.57 -9.68 56.07
C GLU A 343 32.34 -10.44 55.58
N LYS A 344 32.14 -11.65 56.13
CA LYS A 344 30.96 -12.48 55.83
C LYS A 344 29.70 -12.01 56.58
N THR A 345 28.54 -12.25 55.95
CA THR A 345 27.28 -11.78 56.49
C THR A 345 27.02 -12.46 57.80
N ALA A 346 26.41 -11.74 58.71
CA ALA A 346 26.11 -12.24 60.03
C ALA A 346 25.08 -13.34 59.93
N TYR A 347 24.12 -13.19 59.05
CA TYR A 347 23.11 -14.22 58.95
C TYR A 347 23.27 -15.02 57.66
N ALA A 348 24.50 -15.44 57.41
CA ALA A 348 24.86 -16.11 56.16
C ALA A 348 24.18 -17.44 56.00
N VAL A 349 23.98 -18.16 57.08
CA VAL A 349 23.25 -19.42 56.98
C VAL A 349 21.82 -19.20 56.45
N GLU A 350 21.18 -18.16 56.95
CA GLU A 350 19.83 -17.89 56.52
C GLU A 350 19.85 -17.76 55.01
N GLY A 351 20.90 -17.10 54.51
CA GLY A 351 21.09 -16.89 53.09
C GLY A 351 21.28 -18.20 52.36
N GLU A 352 22.06 -19.10 52.97
CA GLU A 352 22.33 -20.41 52.38
C GLU A 352 21.06 -21.22 52.36
N LEU A 353 20.36 -21.22 53.49
CA LEU A 353 19.09 -21.88 53.56
C LEU A 353 18.10 -21.28 52.55
N VAL A 354 17.95 -19.96 52.53
CA VAL A 354 17.00 -19.30 51.63
C VAL A 354 17.27 -19.62 50.16
N LEU A 355 18.54 -19.61 49.74
CA LEU A 355 18.92 -19.91 48.37
C LEU A 355 18.82 -21.39 48.08
N LEU A 356 18.91 -22.19 49.13
CA LEU A 356 18.73 -23.61 49.01
C LEU A 356 17.33 -23.94 48.49
N GLU A 357 16.28 -23.46 49.17
CA GLU A 357 14.92 -23.65 48.70
C GLU A 357 14.78 -23.21 47.22
N LEU A 358 15.27 -22.01 46.91
CA LEU A 358 15.19 -21.51 45.54
C LEU A 358 15.52 -22.59 44.56
N LEU A 359 16.56 -23.36 44.85
CA LEU A 359 16.99 -24.44 43.96
C LEU A 359 15.93 -25.54 43.84
N SER A 360 15.37 -25.96 44.97
CA SER A 360 14.35 -26.99 44.94
C SER A 360 13.24 -26.47 44.04
N LEU A 362 13.31 -24.24 41.56
CA LEU A 362 13.67 -24.27 40.16
C LEU A 362 13.60 -25.69 39.62
N GLU A 363 14.00 -26.65 40.43
CA GLU A 363 14.02 -28.02 39.95
C GLU A 363 12.59 -28.44 39.72
N GLN A 364 11.74 -28.12 40.68
CA GLN A 364 10.34 -28.49 40.62
C GLN A 364 9.59 -27.84 39.44
N ILE A 365 9.89 -26.58 39.11
CA ILE A 365 9.15 -25.88 38.06
C ILE A 365 9.70 -26.13 36.68
N GLY A 366 10.63 -27.07 36.55
CA GLY A 366 11.30 -27.25 35.28
C GLY A 366 11.83 -25.91 34.77
N ALA A 367 12.54 -25.19 35.62
CA ALA A 367 13.15 -23.92 35.25
C ALA A 367 14.33 -24.11 34.34
N GLU A 368 14.74 -23.05 33.65
CA GLU A 368 15.84 -23.08 32.70
C GLU A 368 17.18 -23.40 33.32
N PRO A 369 18.06 -24.07 32.55
CA PRO A 369 19.43 -24.41 32.94
C PRO A 369 20.25 -23.21 33.37
N GLU A 370 20.00 -22.06 32.76
CA GLU A 370 20.78 -20.88 33.05
C GLU A 370 20.58 -20.40 34.48
N LEU A 371 19.36 -20.49 34.97
CA LEU A 371 19.04 -19.96 36.29
C LEU A 371 19.83 -20.67 37.36
N PHE A 372 19.89 -21.99 37.25
CA PHE A 372 20.61 -22.77 38.22
C PHE A 372 22.03 -22.24 38.29
N GLU A 373 22.62 -21.99 37.13
CA GLU A 373 23.94 -21.41 37.06
C GLU A 373 24.03 -20.16 37.92
N ILE A 374 23.02 -19.29 37.80
CA ILE A 374 23.05 -18.00 38.49
C ILE A 374 23.01 -18.15 40.01
N VAL A 375 22.00 -18.85 40.54
CA VAL A 375 21.87 -18.93 41.97
C VAL A 375 23.14 -19.51 42.55
N LYS A 376 23.70 -20.50 41.86
CA LYS A 376 24.86 -21.20 42.40
C LYS A 376 25.94 -20.16 42.60
N GLU A 377 26.15 -19.34 41.58
CA GLU A 377 27.20 -18.35 41.63
C GLU A 377 27.03 -17.60 42.89
N LYS A 378 25.78 -17.42 43.28
CA LYS A 378 25.50 -16.60 44.43
C LYS A 378 25.95 -17.32 45.69
N LEU A 379 25.68 -18.62 45.76
CA LEU A 379 26.13 -19.42 46.89
C LEU A 379 27.65 -19.31 47.05
N THR A 380 28.37 -19.48 45.94
CA THR A 380 29.82 -19.34 45.92
C THR A 380 30.21 -18.03 46.56
N GLN A 381 29.37 -17.00 46.37
CA GLN A 381 29.64 -15.64 46.86
C GLN A 381 29.52 -15.56 48.34
N PHE A 382 28.71 -16.42 48.93
CA PHE A 382 28.63 -16.50 50.39
C PHE A 382 29.91 -17.05 51.05
N THR A 383 30.59 -17.99 50.37
CA THR A 383 31.85 -18.56 50.87
C THR A 383 32.89 -17.46 51.01
N ASP A 384 33.05 -16.65 49.97
CA ASP A 384 34.05 -15.56 50.00
C ASP A 384 33.43 -14.29 49.49
N PRO A 385 33.43 -13.24 50.32
CA PRO A 385 32.75 -11.99 49.97
C PRO A 385 33.50 -11.17 48.91
N SER A 386 34.77 -11.48 48.68
CA SER A 386 35.55 -10.74 47.70
C SER A 386 34.74 -10.64 46.39
N LYS A 387 33.93 -11.66 46.12
CA LYS A 387 33.19 -11.77 44.86
C LYS A 387 31.98 -10.81 44.81
N THR A 388 31.40 -10.54 45.97
CA THR A 388 30.20 -9.69 46.03
C THR A 388 30.45 -8.34 45.40
N VAL A 389 29.47 -7.82 44.71
CA VAL A 389 29.59 -6.49 44.13
C VAL A 389 30.11 -5.46 45.11
N ALA A 390 29.66 -5.55 46.35
CA ALA A 390 30.08 -4.61 47.40
C ALA A 390 31.57 -4.81 47.70
N GLY A 391 31.96 -6.07 47.89
CA GLY A 391 33.35 -6.43 48.12
C GLY A 391 34.18 -6.03 46.92
N ARG A 392 33.66 -6.27 45.74
CA ARG A 392 34.32 -5.92 44.49
C ARG A 392 34.50 -4.42 44.40
N LEU A 393 33.50 -3.69 44.85
CA LEU A 393 33.52 -2.24 44.74
C LEU A 393 34.64 -1.65 45.59
N VAL A 394 34.81 -2.18 46.78
CA VAL A 394 35.82 -1.67 47.70
C VAL A 394 37.16 -1.87 47.05
N ARG A 395 37.40 -3.03 46.47
CA ARG A 395 38.65 -3.26 45.76
C ARG A 395 38.87 -2.15 44.73
N ALA A 396 37.85 -1.94 43.91
CA ALA A 396 37.94 -1.01 42.79
C ALA A 396 38.10 0.42 43.23
N ILE A 397 37.47 0.77 44.35
CA ILE A 397 37.51 2.15 44.85
C ILE A 397 38.93 2.54 45.21
N GLU A 398 39.66 1.56 45.73
CA GLU A 398 41.03 1.79 46.15
C GLU A 398 41.94 1.96 44.94
N GLN A 399 41.51 1.46 43.79
CA GLN A 399 42.37 1.48 42.62
C GLN A 399 42.77 2.88 42.16
N ALA A 400 41.82 3.78 41.96
CA ALA A 400 42.21 5.14 41.60
C ALA A 400 42.11 6.02 42.82
N GLY A 401 41.93 5.38 43.97
CA GLY A 401 42.14 6.03 45.25
C GLY A 401 40.92 6.69 45.81
N SER A 402 39.84 6.75 45.05
CA SER A 402 38.64 7.42 45.53
C SER A 402 37.36 6.90 44.87
N ASP A 403 36.25 7.08 45.59
CA ASP A 403 34.91 6.74 45.11
C ASP A 403 34.66 7.42 43.77
N GLN A 404 35.02 8.69 43.72
CA GLN A 404 34.76 9.58 42.59
C GLN A 404 35.60 9.25 41.37
N GLN A 405 36.86 8.88 41.56
CA GLN A 405 37.74 8.64 40.43
C GLN A 405 37.20 7.51 39.58
N LEU A 406 36.78 6.42 40.20
CA LEU A 406 36.31 5.29 39.44
C LEU A 406 35.09 5.66 38.61
N GLY A 407 34.14 6.32 39.26
CA GLY A 407 32.91 6.74 38.61
C GLY A 407 33.13 7.51 37.31
N ALA A 408 34.14 8.39 37.28
CA ALA A 408 34.48 9.15 36.08
C ALA A 408 35.17 8.27 35.03
N GLN A 409 36.01 7.35 35.47
CA GLN A 409 36.70 6.46 34.56
C GLN A 409 35.70 5.53 33.88
N LEU A 410 34.69 5.12 34.63
CA LEU A 410 33.66 4.19 34.16
C LEU A 410 32.65 4.85 33.22
N ALA A 411 32.28 6.08 33.55
CA ALA A 411 31.37 6.85 32.73
C ALA A 411 32.02 7.05 31.39
N GLN A 412 33.28 7.46 31.43
CA GLN A 412 34.08 7.64 30.24
C GLN A 412 34.11 6.37 29.40
N GLN A 413 34.27 5.23 30.08
CA GLN A 413 34.39 3.94 29.42
C GLN A 413 33.13 3.62 28.66
N TYR A 414 31.98 3.96 29.25
CA TYR A 414 30.70 3.67 28.63
C TYR A 414 30.25 4.67 27.58
N LYS A 415 30.52 5.96 27.77
CA LYS A 415 30.10 6.91 26.78
C LYS A 415 30.85 6.59 25.53
N ALA A 416 32.05 6.04 25.69
CA ALA A 416 32.85 5.65 24.55
C ALA A 416 32.18 4.52 23.82
N GLN A 417 31.66 3.56 24.57
CA GLN A 417 31.03 2.39 23.98
C GLN A 417 29.81 2.81 23.22
N ALA A 418 29.09 3.78 23.75
CA ALA A 418 27.91 4.25 23.09
C ALA A 418 28.30 4.85 21.76
N PHE A 419 29.45 5.52 21.72
CA PHE A 419 29.83 6.27 20.54
C PHE A 419 30.46 5.44 19.43
N GLU A 420 31.15 4.34 19.74
CA GLU A 420 31.49 3.34 18.71
C GLU A 420 30.19 2.83 18.09
N ARG A 421 30.12 2.75 16.77
CA ARG A 421 28.84 2.43 16.12
C ARG A 421 27.75 3.45 16.44
N PHE A 422 28.06 4.73 16.20
CA PHE A 422 27.15 5.83 16.48
C PHE A 422 25.94 5.65 15.62
N TYR A 423 26.15 5.02 14.48
CA TYR A 423 25.12 4.96 13.44
C TYR A 423 24.06 3.92 13.72
N ALA A 424 24.41 2.94 14.52
CA ALA A 424 23.46 1.90 14.79
C ALA A 424 23.15 1.81 16.26
N LEU A 425 21.87 1.52 16.51
CA LEU A 425 21.36 1.25 17.83
C LEU A 425 21.57 -0.23 18.10
N SER A 426 22.29 -0.54 19.17
CA SER A 426 22.75 -1.90 19.42
C SER A 426 21.63 -2.86 19.81
N ALA A 427 20.67 -2.39 20.60
CA ALA A 427 19.57 -3.24 21.05
C ALA A 427 19.00 -3.95 19.86
N PHE A 428 18.87 -3.21 18.76
CA PHE A 428 18.25 -3.77 17.59
C PHE A 428 19.17 -3.61 16.40
N ASP A 429 20.42 -4.07 16.55
CA ASP A 429 21.47 -3.98 15.53
C ASP A 429 20.92 -4.57 14.24
N ASN A 430 20.15 -5.62 14.40
CA ASN A 430 19.68 -6.42 13.30
C ASN A 430 18.71 -5.70 12.39
N GLU A 432 16.95 -2.79 10.03
CA GLU A 432 17.55 -1.92 9.05
C GLU A 432 18.01 -0.67 9.75
N LEU A 433 19.08 -0.10 9.23
CA LEU A 433 19.64 1.10 9.79
C LEU A 433 18.57 2.19 9.78
N SER A 434 17.84 2.30 8.66
CA SER A 434 16.82 3.33 8.52
C SER A 434 15.96 3.20 9.74
N THR A 435 15.51 1.98 10.01
CA THR A 435 14.64 1.75 11.16
C THR A 435 15.34 1.98 12.49
N GLN A 436 16.58 1.53 12.70
CA GLN A 436 17.19 1.81 13.99
C GLN A 436 17.23 3.31 14.19
N ALA A 437 17.42 4.04 13.09
CA ALA A 437 17.60 5.46 13.16
C ALA A 437 16.27 6.07 13.53
N LEU A 438 15.18 5.59 12.96
CA LEU A 438 13.90 6.15 13.35
C LEU A 438 13.69 5.87 14.83
N LEU A 439 14.02 4.67 15.24
CA LEU A 439 13.80 4.23 16.59
C LEU A 439 14.46 5.18 17.54
N PHE A 440 15.70 5.48 17.22
CA PHE A 440 16.49 6.42 18.00
C PHE A 440 15.72 7.71 18.16
N ASP A 441 15.28 8.24 17.04
CA ASP A 441 14.65 9.53 17.05
C ASP A 441 13.35 9.54 17.84
N VAL A 442 12.57 8.48 17.71
CA VAL A 442 11.34 8.32 18.46
C VAL A 442 11.67 8.26 19.92
N ILE A 443 12.74 7.56 20.28
CA ILE A 443 13.06 7.41 21.70
C ILE A 443 13.57 8.70 22.31
N GLN A 444 14.37 9.41 21.54
CA GLN A 444 14.88 10.72 21.94
C GLN A 444 13.72 11.70 22.05
N LYS A 445 12.82 11.66 21.08
CA LYS A 445 11.66 12.52 21.10
C LYS A 445 10.68 12.11 22.21
N GLY A 446 10.63 10.81 22.54
CA GLY A 446 9.67 10.29 23.48
C GLY A 446 8.32 9.78 22.95
N ILE A 447 8.16 9.57 21.66
CA ILE A 447 6.91 9.00 21.22
C ILE A 447 6.85 7.58 21.68
N HIS A 448 5.84 7.21 22.46
CA HIS A 448 5.67 5.80 22.88
C HIS A 448 5.77 4.87 21.67
N THR A 449 6.79 4.05 21.62
CA THR A 449 6.90 3.24 20.44
C THR A 449 6.94 1.77 20.81
N GLU A 450 6.37 0.94 19.96
CA GLU A 450 6.36 -0.49 20.21
C GLU A 450 6.70 -1.22 18.93
N ILE A 451 7.45 -2.31 19.03
CA ILE A 451 7.75 -3.08 17.84
C ILE A 451 6.80 -4.28 17.72
N LEU A 452 6.03 -4.33 16.64
CA LEU A 452 5.17 -5.46 16.40
C LEU A 452 5.89 -6.63 15.70
N ASP A 453 6.80 -6.36 14.78
CA ASP A 453 7.57 -7.42 14.17
C ASP A 453 8.94 -6.89 13.94
N GLU A 454 9.94 -7.30 14.71
CA GLU A 454 11.28 -6.75 14.50
C GLU A 454 11.71 -6.98 13.07
N ASN A 455 11.35 -8.16 12.57
CA ASN A 455 11.89 -8.64 11.30
C ASN A 455 11.19 -8.04 10.08
N ASP A 456 9.88 -7.86 10.18
CA ASP A 456 9.15 -7.29 9.07
C ASP A 456 9.34 -5.79 9.09
N GLN A 457 9.76 -5.24 10.23
CA GLN A 457 10.12 -3.82 10.32
C GLN A 457 8.95 -2.93 10.71
N PHE A 458 7.86 -3.55 11.19
CA PHE A 458 6.64 -2.83 11.53
C PHE A 458 6.73 -2.25 12.92
N LEU A 459 6.37 -0.98 13.03
CA LEU A 459 6.52 -0.20 14.23
C LEU A 459 5.17 0.47 14.57
N CYS A 460 4.94 0.75 15.83
CA CYS A 460 3.70 1.34 16.28
C CYS A 460 4.06 2.54 17.13
N LEU A 461 3.83 3.75 16.63
CA LEU A 461 4.15 4.94 17.41
C LEU A 461 2.91 5.60 17.97
N LYS A 462 2.81 5.67 19.29
CA LYS A 462 1.62 6.24 19.90
C LYS A 462 1.95 7.42 20.84
N TYR A 463 1.39 8.57 20.55
CA TYR A 463 1.55 9.70 21.43
C TYR A 463 0.21 10.23 21.77
N GLY A 464 -0.06 10.47 23.05
CA GLY A 464 -1.41 10.80 23.50
C GLY A 464 -2.43 9.79 23.02
N ASP A 465 -3.48 10.26 22.35
CA ASP A 465 -4.53 9.37 21.86
C ASP A 465 -4.41 9.29 20.33
N HIS A 466 -3.24 9.68 19.86
CA HIS A 466 -2.89 9.68 18.43
C HIS A 466 -1.89 8.55 18.16
N ILE A 467 -2.20 7.62 17.26
CA ILE A 467 -1.25 6.56 16.96
C ILE A 467 -1.01 6.38 15.45
N GLU A 468 0.24 6.17 15.04
CA GLU A 468 0.56 5.91 13.63
C GLU A 468 1.47 4.70 13.37
N TYR A 469 1.16 3.86 12.38
CA TYR A 469 1.93 2.61 12.15
C TYR A 469 2.94 2.61 10.96
N VAL A 470 4.22 2.50 11.23
CA VAL A 470 5.20 2.70 10.16
C VAL A 470 6.06 1.47 9.87
N LYS A 471 6.07 1.02 8.63
CA LYS A 471 6.88 -0.15 8.26
C LYS A 471 8.06 0.28 7.41
N ASN A 472 9.25 -0.16 7.76
CA ASN A 472 10.43 0.14 6.95
C ASN A 472 10.79 1.60 7.06
N GLY A 473 10.57 2.18 8.22
CA GLY A 473 10.98 3.56 8.40
C GLY A 473 10.11 4.60 7.73
N ASN A 474 9.94 4.60 6.41
CA ASN A 474 9.19 5.72 5.79
C ASN A 474 7.84 5.41 5.21
N THR A 476 4.02 5.27 5.89
CA THR A 476 3.18 5.83 6.92
C THR A 476 1.74 5.93 6.42
N SER A 477 0.88 6.41 7.30
CA SER A 477 -0.51 6.68 7.02
C SER A 477 -0.65 7.66 5.90
N HIS A 478 0.14 8.73 5.86
CA HIS A 478 -0.13 9.77 4.86
C HIS A 478 0.10 9.23 3.47
N ASP A 479 1.07 8.35 3.31
CA ASP A 479 1.20 7.70 2.03
C ASP A 479 -0.09 6.86 1.75
N SER A 480 -0.65 6.98 0.55
CA SER A 480 -1.83 6.19 0.21
C SER A 480 -1.43 4.94 -0.57
N TYR A 481 -2.34 4.02 -0.75
CA TYR A 481 -2.00 2.76 -1.37
C TYR A 481 -1.86 2.85 -2.91
N ILE A 482 -2.62 3.71 -3.55
CA ILE A 482 -2.53 3.73 -4.99
C ILE A 482 -1.12 4.12 -5.42
N SER A 483 -0.45 5.01 -4.68
CA SER A 483 0.86 5.51 -5.14
C SER A 483 1.86 4.40 -5.34
N PRO A 484 1.99 3.52 -4.34
CA PRO A 484 2.91 2.40 -4.51
C PRO A 484 2.56 1.58 -5.73
N LEU A 485 1.28 1.31 -5.93
CA LEU A 485 0.85 0.53 -7.08
C LEU A 485 1.24 1.25 -8.35
N ILE A 486 1.20 2.57 -8.30
CA ILE A 486 1.53 3.41 -9.46
C ILE A 486 3.00 3.24 -9.74
N GLU A 488 5.00 0.68 -8.65
CA GLU A 488 5.36 -0.71 -8.91
C GLU A 488 5.40 -0.91 -10.40
N ASN A 489 4.37 -0.42 -11.07
CA ASN A 489 4.18 -0.73 -12.47
C ASN A 489 5.41 -0.35 -13.32
N LYS A 490 5.97 0.84 -13.07
CA LYS A 490 7.08 1.39 -13.86
C LYS A 490 6.55 1.80 -15.22
N VAL A 491 5.64 1.01 -15.77
CA VAL A 491 4.91 1.39 -16.96
C VAL A 491 3.89 2.42 -16.68
N VAL A 492 3.14 2.20 -15.60
CA VAL A 492 2.10 3.15 -15.20
C VAL A 492 2.77 4.41 -14.72
N THR A 493 3.83 4.24 -13.93
CA THR A 493 4.67 5.33 -13.56
C THR A 493 4.80 6.20 -14.80
N LYS A 494 5.20 5.61 -15.92
CA LYS A 494 5.42 6.39 -17.14
C LYS A 494 4.21 7.15 -17.64
N LYS A 495 3.04 6.53 -17.64
CA LYS A 495 1.87 7.19 -18.16
C LYS A 495 1.42 8.38 -17.29
N VAL A 496 1.35 8.19 -15.96
CA VAL A 496 1.00 9.29 -15.08
C VAL A 496 2.00 10.44 -15.32
N LEU A 497 3.28 10.10 -15.40
CA LEU A 497 4.32 11.10 -15.59
C LEU A 497 4.32 11.81 -16.94
N GLN A 498 4.01 11.14 -18.04
CA GLN A 498 3.99 11.84 -19.33
C GLN A 498 2.88 12.87 -19.32
N LYS A 499 1.78 12.57 -18.63
CA LYS A 499 0.65 13.48 -18.52
C LYS A 499 0.98 14.81 -17.83
N ALA A 500 1.72 14.72 -16.72
CA ALA A 500 2.13 15.91 -16.02
C ALA A 500 3.08 16.70 -16.86
N GLY A 501 3.66 16.06 -17.88
CA GLY A 501 4.62 16.74 -18.74
C GLY A 501 6.07 16.60 -18.32
N PHE A 502 6.37 15.83 -17.27
CA PHE A 502 7.76 15.54 -16.95
C PHE A 502 8.47 14.81 -18.11
N ASN A 503 9.78 14.99 -18.19
CA ASN A 503 10.51 14.32 -19.24
C ASN A 503 10.82 12.90 -18.79
N VAL A 504 10.21 11.95 -19.49
CA VAL A 504 10.39 10.53 -19.25
C VAL A 504 10.85 9.87 -20.52
N PRO A 505 11.90 9.06 -20.42
CA PRO A 505 12.37 8.40 -21.64
C PRO A 505 11.29 7.46 -22.07
N GLN A 506 11.07 7.22 -23.35
CA GLN A 506 10.02 6.30 -23.73
C GLN A 506 10.56 5.12 -24.52
N SER A 507 10.00 3.93 -24.24
CA SER A 507 10.34 2.72 -24.96
C SER A 507 9.22 2.31 -25.91
N VAL A 508 9.61 1.92 -27.12
CA VAL A 508 8.69 1.45 -28.13
C VAL A 508 9.07 0.03 -28.43
N GLU A 509 8.14 -0.91 -28.38
CA GLU A 509 8.45 -2.31 -28.66
C GLU A 509 7.87 -2.75 -29.99
N PHE A 510 8.69 -3.40 -30.81
CA PHE A 510 8.25 -3.92 -32.11
C PHE A 510 8.33 -5.44 -32.19
N THR A 511 7.21 -6.05 -32.57
CA THR A 511 7.13 -7.50 -32.76
C THR A 511 7.59 -7.83 -34.16
N SER A 512 7.31 -6.92 -35.09
CA SER A 512 7.66 -7.13 -36.49
C SER A 512 8.83 -6.28 -36.89
N LEU A 513 9.86 -6.90 -37.44
CA LEU A 513 11.03 -6.15 -37.89
C LEU A 513 10.62 -5.21 -39.00
N GLU A 514 9.82 -5.71 -39.95
CA GLU A 514 9.47 -4.92 -41.12
C GLU A 514 8.81 -3.63 -40.69
N LYS A 515 7.90 -3.73 -39.72
CA LYS A 515 7.25 -2.52 -39.19
C LYS A 515 8.29 -1.64 -38.52
N ALA A 516 9.27 -2.25 -37.88
CA ALA A 516 10.28 -1.48 -37.17
C ALA A 516 11.03 -0.62 -38.16
N VAL A 517 11.53 -1.22 -39.23
CA VAL A 517 12.27 -0.45 -40.22
C VAL A 517 11.31 0.59 -40.76
N ALA A 518 10.08 0.17 -41.05
CA ALA A 518 9.06 1.06 -41.58
C ALA A 518 8.82 2.24 -40.65
N SER A 519 8.81 1.96 -39.35
CA SER A 519 8.47 2.94 -38.33
C SER A 519 9.68 3.77 -37.98
N TYR A 520 10.66 3.77 -38.87
CA TYR A 520 11.96 4.36 -38.56
C TYR A 520 11.91 5.88 -38.28
N ALA A 521 11.09 6.57 -39.06
CA ALA A 521 11.06 8.02 -38.98
C ALA A 521 10.88 8.46 -37.52
N LEU A 522 10.13 7.67 -36.75
CA LEU A 522 9.65 8.09 -35.44
C LEU A 522 10.85 8.56 -34.66
N PHE A 523 11.92 7.79 -34.70
CA PHE A 523 13.13 8.19 -34.03
C PHE A 523 14.17 8.36 -35.11
N GLU A 524 14.56 9.60 -35.36
CA GLU A 524 15.66 9.86 -36.29
C GLU A 524 16.73 10.56 -35.51
N ASN A 525 16.60 11.88 -35.39
CA ASN A 525 17.59 12.64 -34.65
C ASN A 525 17.26 12.53 -33.17
N ARG A 526 16.91 11.30 -32.75
CA ARG A 526 16.60 10.98 -31.37
C ARG A 526 17.65 9.97 -31.00
N ALA A 527 18.30 10.13 -29.84
CA ALA A 527 19.32 9.19 -29.39
C ALA A 527 18.64 8.06 -28.70
N VAL A 528 18.69 6.91 -29.34
CA VAL A 528 17.99 5.72 -28.90
C VAL A 528 19.01 4.59 -28.63
N VAL A 529 18.70 3.73 -27.68
CA VAL A 529 19.42 2.49 -27.45
C VAL A 529 18.55 1.41 -28.00
N ILE A 530 19.03 0.60 -28.94
CA ILE A 530 18.25 -0.50 -29.50
C ILE A 530 18.65 -1.80 -28.86
N LYS A 531 17.72 -2.49 -28.23
CA LYS A 531 18.08 -3.73 -27.56
C LYS A 531 16.98 -4.71 -27.72
N PRO A 532 17.31 -6.01 -27.80
CA PRO A 532 16.33 -7.09 -27.77
C PRO A 532 15.68 -7.24 -26.39
N LYS A 533 14.51 -7.85 -26.31
CA LYS A 533 13.83 -7.86 -25.02
C LYS A 533 14.71 -8.64 -24.06
N SER A 534 15.18 -9.81 -24.49
CA SER A 534 15.99 -10.68 -23.63
C SER A 534 17.24 -11.17 -24.37
N THR A 535 18.41 -10.82 -23.88
CA THR A 535 19.66 -11.14 -24.59
C THR A 535 20.81 -11.51 -23.64
N ASN A 536 21.80 -12.21 -24.18
CA ASN A 536 22.94 -12.67 -23.38
C ASN A 536 24.23 -11.98 -23.87
N TYR A 537 25.08 -11.58 -22.94
CA TYR A 537 26.33 -10.90 -23.28
C TYR A 537 26.14 -9.59 -24.09
N GLY A 538 25.00 -8.94 -23.93
CA GLY A 538 24.73 -7.72 -24.70
C GLY A 538 24.54 -7.99 -26.19
N LEU A 539 24.44 -9.27 -26.53
CA LEU A 539 24.28 -9.67 -27.90
C LEU A 539 23.13 -8.88 -28.44
N GLY A 540 23.32 -8.30 -29.61
CA GLY A 540 22.26 -7.66 -30.34
C GLY A 540 21.89 -6.30 -29.79
N ILE A 541 22.63 -5.80 -28.80
CA ILE A 541 22.32 -4.48 -28.24
C ILE A 541 23.13 -3.41 -28.94
N THR A 542 22.47 -2.46 -29.58
CA THR A 542 23.17 -1.39 -30.28
C THR A 542 22.90 -0.06 -29.62
N ILE A 543 23.94 0.73 -29.34
CA ILE A 543 23.71 1.98 -28.63
C ILE A 543 23.88 3.07 -29.64
N PHE A 544 23.08 4.10 -29.58
CA PHE A 544 23.25 5.22 -30.49
C PHE A 544 23.33 6.55 -29.78
N GLN A 545 24.52 6.94 -29.37
CA GLN A 545 24.69 8.13 -28.53
C GLN A 545 24.35 9.44 -29.25
N GLN A 546 24.74 9.59 -30.52
CA GLN A 546 24.42 10.81 -31.27
C GLN A 546 22.96 10.81 -31.70
N GLY A 547 22.42 9.66 -32.10
CA GLY A 547 21.07 9.56 -32.66
C GLY A 547 21.07 8.62 -33.86
N VAL A 548 19.92 8.23 -34.41
CA VAL A 548 19.94 7.27 -35.51
C VAL A 548 20.13 8.03 -36.81
N GLN A 549 21.40 8.13 -37.22
CA GLN A 549 21.81 8.91 -38.38
C GLN A 549 21.32 8.38 -39.75
N ASN A 550 21.36 7.07 -39.96
CA ASN A 550 21.05 6.50 -41.28
C ASN A 550 19.95 5.44 -41.26
N ARG A 551 19.24 5.28 -42.36
CA ARG A 551 18.28 4.21 -42.44
C ARG A 551 19.02 2.90 -42.33
N GLU A 552 20.16 2.83 -43.02
CA GLU A 552 20.97 1.61 -43.09
C GLU A 552 21.55 1.20 -41.75
N ASP A 553 22.12 2.14 -41.03
CA ASP A 553 22.71 1.84 -39.73
C ASP A 553 21.59 1.41 -38.79
N PHE A 554 20.37 1.91 -39.06
CA PHE A 554 19.20 1.66 -38.21
C PHE A 554 18.65 0.27 -38.44
N ALA A 555 18.53 -0.11 -39.69
CA ALA A 555 18.11 -1.46 -40.08
C ALA A 555 19.02 -2.56 -39.53
N LYS A 556 20.33 -2.37 -39.64
CA LYS A 556 21.29 -3.32 -39.11
C LYS A 556 21.03 -3.51 -37.63
N ALA A 557 20.91 -2.41 -36.91
CA ALA A 557 20.74 -2.47 -35.46
C ALA A 557 19.47 -3.25 -35.09
N LEU A 558 18.35 -2.89 -35.72
CA LEU A 558 17.11 -3.64 -35.51
C LEU A 558 17.31 -5.09 -36.02
N GLU A 559 18.01 -5.29 -37.13
CA GLU A 559 18.12 -6.62 -37.73
C GLU A 559 18.80 -7.57 -36.75
N ILE A 560 19.92 -7.10 -36.22
CA ILE A 560 20.77 -7.86 -35.32
C ILE A 560 20.06 -8.28 -34.04
N ALA A 561 19.32 -7.35 -33.43
CA ALA A 561 18.50 -7.66 -32.25
C ALA A 561 17.52 -8.78 -32.52
N PHE A 562 16.87 -8.77 -33.67
CA PHE A 562 15.84 -9.75 -33.97
C PHE A 562 16.47 -11.11 -33.99
N ARG A 563 17.64 -11.23 -34.62
CA ARG A 563 18.41 -12.47 -34.56
C ARG A 563 18.44 -12.95 -33.09
N GLU A 564 18.43 -12.01 -32.15
CA GLU A 564 18.70 -12.35 -30.77
C GLU A 564 17.41 -12.61 -30.03
N ASP A 565 16.36 -11.87 -30.34
CA ASP A 565 15.13 -12.02 -29.57
C ASP A 565 13.87 -11.86 -30.38
N LYS A 566 12.80 -12.38 -29.80
CA LYS A 566 11.53 -12.46 -30.49
C LYS A 566 10.86 -11.07 -30.43
N GLU A 567 10.91 -10.43 -29.27
CA GLU A 567 10.26 -9.13 -29.08
C GLU A 567 11.33 -8.10 -28.82
N VAL A 568 11.40 -7.05 -29.64
CA VAL A 568 12.53 -6.11 -29.57
C VAL A 568 12.09 -4.69 -29.22
N VAL A 570 13.03 -0.65 -28.48
CA VAL A 570 13.91 0.47 -28.74
C VAL A 570 13.60 1.47 -27.65
N GLU A 571 14.58 1.92 -26.90
CA GLU A 571 14.29 2.82 -25.80
C GLU A 571 15.12 4.07 -25.93
N ASP A 572 14.60 5.17 -25.41
CA ASP A 572 15.31 6.44 -25.44
C ASP A 572 16.54 6.46 -24.62
N TYR A 573 17.64 6.85 -25.26
CA TYR A 573 18.94 6.93 -24.61
C TYR A 573 19.10 8.22 -23.80
N LEU A 574 19.59 8.06 -22.58
CA LEU A 574 19.86 9.18 -21.74
C LEU A 574 21.30 9.16 -21.26
N VAL A 575 21.89 10.34 -21.13
CA VAL A 575 23.21 10.48 -20.54
C VAL A 575 23.20 11.59 -19.48
N GLY A 576 24.02 11.41 -18.43
CA GLY A 576 24.25 12.42 -17.42
C GLY A 576 24.67 11.76 -16.12
N THR A 577 24.88 12.53 -15.06
CA THR A 577 25.08 12.00 -13.71
C THR A 577 23.74 11.77 -12.96
N GLU A 578 23.48 10.53 -12.58
CA GLU A 578 22.22 10.16 -11.94
C GLU A 578 22.14 10.69 -10.50
N TYR A 579 21.01 11.29 -10.13
CA TYR A 579 20.85 11.89 -8.82
C TYR A 579 19.63 11.36 -8.08
N ARG A 580 19.75 11.17 -6.78
CA ARG A 580 18.64 10.67 -6.00
C ARG A 580 18.12 11.76 -5.09
N PHE A 581 16.99 12.38 -5.49
CA PHE A 581 16.26 13.30 -4.61
C PHE A 581 15.34 12.53 -3.63
N PHE A 582 15.47 12.83 -2.35
CA PHE A 582 14.52 12.35 -1.36
C PHE A 582 13.41 13.36 -1.09
N VAL A 583 12.25 13.16 -1.67
CA VAL A 583 11.13 14.08 -1.51
C VAL A 583 10.15 13.63 -0.42
N LEU A 584 9.88 14.52 0.52
CA LEU A 584 8.88 14.26 1.56
C LEU A 584 7.90 15.39 1.60
N GLY A 585 6.65 15.05 1.38
CA GLY A 585 5.63 16.05 1.29
C GLY A 585 5.75 16.88 0.04
N ASP A 586 5.74 18.18 0.24
CA ASP A 586 5.73 19.11 -0.87
C ASP A 586 7.11 19.72 -1.00
N GLU A 587 8.04 19.23 -0.18
CA GLU A 587 9.42 19.69 -0.25
C GLU A 587 10.43 18.54 -0.48
N THR A 588 11.42 18.77 -1.35
CA THR A 588 12.56 17.84 -1.48
C THR A 588 13.60 17.99 -0.34
N LEU A 589 13.73 17.00 0.52
CA LEU A 589 14.53 17.11 1.73
C LEU A 589 16.02 16.87 1.54
N ALA A 590 16.41 16.23 0.44
CA ALA A 590 17.82 15.89 0.19
C ALA A 590 18.08 15.34 -1.22
N VAL A 591 19.33 15.46 -1.65
CA VAL A 591 19.70 14.98 -2.96
C VAL A 591 20.97 14.26 -2.65
N LEU A 592 21.11 13.04 -3.18
CA LEU A 592 22.30 12.22 -2.95
C LEU A 592 22.85 11.56 -4.21
N LEU A 593 24.16 11.54 -4.31
CA LEU A 593 24.83 11.07 -5.49
C LEU A 593 25.81 10.00 -5.08
N ARG A 594 26.02 8.99 -5.92
CA ARG A 594 26.93 7.92 -5.51
C ARG A 594 28.07 7.66 -6.49
N VAL A 595 29.31 7.65 -6.00
CA VAL A 595 30.47 7.53 -6.85
C VAL A 595 31.15 6.16 -6.70
N PRO A 596 31.85 5.74 -7.76
CA PRO A 596 32.65 4.54 -7.84
C PRO A 596 33.77 4.56 -6.82
N ALA A 597 33.92 3.45 -6.08
CA ALA A 597 34.96 3.34 -5.08
C ALA A 597 36.15 4.08 -5.58
N ASN A 598 36.87 4.74 -4.69
CA ASN A 598 38.07 5.43 -5.10
C ASN A 598 38.94 5.76 -3.92
N VAL A 599 40.12 6.28 -4.19
CA VAL A 599 40.90 6.94 -3.16
C VAL A 599 41.53 8.15 -3.81
N VAL A 600 42.11 9.03 -3.01
CA VAL A 600 42.87 10.14 -3.57
C VAL A 600 44.35 9.99 -3.24
N GLY A 601 45.21 10.24 -4.23
CA GLY A 601 46.63 9.95 -4.08
C GLY A 601 47.41 11.02 -3.34
N ASP A 602 46.65 12.00 -2.83
CA ASP A 602 47.21 13.17 -2.17
C ASP A 602 48.23 12.71 -1.15
N SER A 603 47.83 11.74 -0.34
CA SER A 603 48.65 11.29 0.79
C SER A 603 50.05 10.82 0.35
N VAL A 604 50.18 10.37 -0.90
CA VAL A 604 51.46 9.81 -1.32
C VAL A 604 51.61 8.40 -0.71
N HIS A 605 50.55 7.92 -0.09
CA HIS A 605 50.54 6.56 0.35
C HIS A 605 50.23 5.74 -0.91
N SER A 606 50.63 4.48 -0.90
CA SER A 606 50.30 3.61 -2.00
C SER A 606 48.81 3.45 -2.03
N VAL A 607 48.29 2.93 -3.12
CA VAL A 607 46.87 2.68 -3.17
C VAL A 607 46.56 1.70 -2.05
N ALA A 608 47.46 0.77 -1.75
CA ALA A 608 47.18 -0.19 -0.70
C ALA A 608 47.06 0.51 0.66
N GLU A 609 48.02 1.35 0.96
CA GLU A 609 47.94 2.18 2.16
C GLU A 609 46.78 3.19 2.11
N LEU A 610 46.50 3.68 0.90
CA LEU A 610 45.50 4.70 0.67
C LEU A 610 44.15 4.16 1.01
N VAL A 611 43.86 2.98 0.48
CA VAL A 611 42.58 2.29 0.71
C VAL A 611 42.42 1.96 2.18
N ALA A 612 43.51 1.51 2.80
CA ALA A 612 43.49 1.06 4.18
C ALA A 612 43.10 2.19 5.07
N LYS A 614 41.14 4.68 4.16
CA LYS A 614 39.75 5.04 3.92
C LYS A 614 38.77 4.05 4.55
N ASN A 615 39.16 2.80 4.70
CA ASN A 615 38.28 1.86 5.34
C ASN A 615 38.30 2.04 6.85
N ASP A 616 39.34 2.70 7.36
CA ASP A 616 39.54 2.84 8.82
C ASP A 616 38.34 3.56 9.42
N HIS A 617 37.60 4.26 8.57
CA HIS A 617 36.45 4.99 9.03
C HIS A 617 35.38 4.09 9.70
N PRO A 618 34.81 4.56 10.81
CA PRO A 618 33.87 3.78 11.60
C PRO A 618 32.65 3.38 10.79
N LEU A 619 32.25 4.23 9.88
CA LEU A 619 31.02 3.97 9.14
C LEU A 619 31.26 2.79 8.23
N ARG A 620 32.48 2.59 7.76
CA ARG A 620 32.69 1.53 6.77
C ARG A 620 32.64 0.11 7.35
N GLY A 621 31.91 -0.74 6.66
CA GLY A 621 31.78 -2.12 7.03
C GLY A 621 31.05 -2.92 5.96
N ASP A 622 30.18 -3.82 6.40
CA ASP A 622 29.24 -4.48 5.49
C ASP A 622 28.41 -3.42 4.83
N GLY A 623 28.10 -3.61 3.57
CA GLY A 623 27.21 -2.66 2.91
C GLY A 623 25.82 -2.81 3.49
N SER A 624 25.45 -4.05 3.84
CA SER A 624 24.13 -4.39 4.39
C SER A 624 24.01 -3.96 5.85
N ARG A 625 25.05 -4.18 6.62
CA ARG A 625 24.95 -3.97 8.06
C ARG A 625 25.47 -2.62 8.44
N THR A 626 25.76 -1.79 7.45
CA THR A 626 26.39 -0.49 7.69
C THR A 626 26.32 0.34 6.48
N PRO A 627 26.41 1.65 6.67
CA PRO A 627 26.11 2.61 5.62
C PRO A 627 27.03 2.45 4.42
N LEU A 628 28.33 2.27 4.67
CA LEU A 628 29.32 2.20 3.59
C LEU A 628 30.07 0.92 3.68
N LYS A 629 30.40 0.34 2.53
CA LYS A 629 31.22 -0.90 2.40
C LYS A 629 32.71 -0.67 2.02
N LYS A 630 33.60 -1.27 2.78
CA LYS A 630 35.02 -1.04 2.60
C LYS A 630 35.51 -1.40 1.20
N ILE A 631 36.24 -0.49 0.59
CA ILE A 631 36.84 -0.76 -0.71
C ILE A 631 37.74 -1.98 -0.58
N ALA A 632 37.73 -2.84 -1.59
CA ALA A 632 38.59 -4.02 -1.61
C ALA A 632 39.46 -3.98 -2.86
N LEU A 633 40.76 -4.22 -2.69
CA LEU A 633 41.69 -4.09 -3.81
C LEU A 633 41.84 -5.40 -4.57
N GLY A 634 40.74 -5.92 -5.07
CA GLY A 634 40.74 -7.21 -5.74
C GLY A 634 41.15 -7.09 -7.19
N GLU A 635 41.24 -8.21 -7.90
CA GLU A 635 41.69 -8.17 -9.27
C GLU A 635 40.77 -7.30 -10.11
N ILE A 636 39.45 -7.39 -9.92
CA ILE A 636 38.50 -6.52 -10.65
C ILE A 636 38.85 -5.05 -10.34
N GLU A 637 39.25 -4.83 -9.09
CA GLU A 637 39.78 -3.56 -8.64
C GLU A 637 41.19 -3.23 -9.15
N GLN A 638 41.98 -4.28 -9.34
CA GLN A 638 43.38 -4.17 -9.77
C GLN A 638 43.48 -3.83 -11.26
N LEU A 639 42.62 -4.44 -12.08
CA LEU A 639 42.54 -4.09 -13.49
C LEU A 639 42.32 -2.55 -13.68
N GLN A 640 41.39 -1.96 -12.91
CA GLN A 640 41.07 -0.54 -13.05
C GLN A 640 42.29 0.29 -12.77
N LEU A 641 43.11 -0.23 -11.89
CA LEU A 641 44.36 0.41 -11.58
C LEU A 641 45.27 0.34 -12.80
N LYS A 642 45.31 -0.80 -13.48
CA LYS A 642 46.24 -0.92 -14.60
C LYS A 642 45.94 0.18 -15.62
N GLU A 643 44.66 0.50 -15.79
CA GLU A 643 44.26 1.47 -16.79
C GLU A 643 44.74 2.83 -16.37
N GLN A 644 44.79 3.07 -15.08
CA GLN A 644 45.17 4.39 -14.64
C GLN A 644 46.69 4.52 -14.73
N GLY A 645 47.35 3.42 -15.10
CA GLY A 645 48.81 3.34 -15.05
C GLY A 645 49.33 3.22 -13.62
N LEU A 646 48.48 2.74 -12.73
CA LEU A 646 48.80 2.57 -11.33
C LEU A 646 48.76 1.10 -11.00
N THR A 647 49.29 0.78 -9.82
CA THR A 647 49.30 -0.57 -9.25
C THR A 647 48.99 -0.43 -7.79
N ILE A 648 48.64 -1.51 -7.09
CA ILE A 648 48.41 -1.44 -5.65
C ILE A 648 49.65 -0.76 -4.96
N ASP A 649 50.82 -1.27 -5.28
CA ASP A 649 52.06 -0.75 -4.71
C ASP A 649 52.29 0.62 -5.25
N SER A 650 51.93 0.76 -6.50
CA SER A 650 52.14 2.02 -7.14
C SER A 650 51.51 3.09 -6.30
N ILE A 651 52.13 4.27 -6.27
CA ILE A 651 51.62 5.38 -5.48
C ILE A 651 50.78 6.37 -6.30
N PRO A 652 49.48 6.52 -5.99
CA PRO A 652 48.76 7.61 -6.65
C PRO A 652 49.52 8.85 -6.35
N ALA A 653 49.53 9.76 -7.28
CA ALA A 653 50.30 10.94 -7.06
C ALA A 653 49.40 12.16 -6.86
N LYS A 654 49.61 12.89 -5.78
CA LYS A 654 49.25 14.31 -5.74
C LYS A 654 47.78 14.65 -5.98
N ASP A 655 46.91 14.42 -5.00
CA ASP A 655 45.50 14.74 -5.16
C ASP A 655 44.89 14.14 -6.45
N GLN A 656 45.36 12.97 -6.86
CA GLN A 656 44.83 12.34 -8.07
C GLN A 656 43.73 11.36 -7.69
N LEU A 657 42.63 11.43 -8.43
CA LEU A 657 41.55 10.49 -8.20
C LEU A 657 41.88 9.19 -8.91
N VAL A 658 41.93 8.14 -8.10
CA VAL A 658 42.07 6.79 -8.60
C VAL A 658 40.71 6.15 -8.56
N GLN A 659 40.27 5.62 -9.67
CA GLN A 659 38.98 4.98 -9.71
C GLN A 659 39.15 3.48 -9.60
N LEU A 660 38.40 2.79 -8.74
CA LEU A 660 38.53 1.34 -8.65
C LEU A 660 37.27 0.57 -8.99
N ARG A 661 36.30 1.25 -9.59
CA ARG A 661 35.13 0.56 -10.10
C ARG A 661 34.53 1.40 -11.19
N ALA A 662 33.69 0.82 -12.00
CA ALA A 662 33.13 1.61 -13.04
C ALA A 662 31.69 1.88 -12.78
N ASN A 663 31.15 1.47 -11.63
CA ASN A 663 29.69 1.55 -11.44
C ASN A 663 29.08 2.34 -10.26
N SER A 664 29.85 3.14 -9.55
CA SER A 664 29.25 4.01 -8.53
C SER A 664 28.25 3.25 -7.66
N ASN A 665 28.62 2.05 -7.23
CA ASN A 665 27.76 1.26 -6.38
C ASN A 665 28.21 1.17 -4.94
N ILE A 666 27.36 1.53 -3.99
CA ILE A 666 27.75 1.47 -2.58
C ILE A 666 28.10 0.05 -2.20
N SER A 667 27.55 -0.88 -2.98
CA SER A 667 27.65 -2.33 -2.78
C SER A 667 29.08 -2.78 -2.94
N THR A 668 29.79 -2.08 -3.84
CA THR A 668 31.22 -2.28 -4.11
C THR A 668 32.12 -1.18 -3.54
N GLY A 669 31.67 -0.39 -2.58
CA GLY A 669 32.55 0.50 -1.88
C GLY A 669 32.59 1.91 -2.42
N GLY A 670 31.69 2.26 -3.32
CA GLY A 670 31.57 3.64 -3.77
C GLY A 670 31.09 4.56 -2.65
N ASP A 671 31.45 5.84 -2.70
CA ASP A 671 31.06 6.79 -1.66
C ASP A 671 29.73 7.45 -1.98
N SER A 672 29.05 7.97 -0.95
CA SER A 672 27.79 8.68 -1.10
C SER A 672 27.93 10.15 -0.65
N ILE A 673 27.55 11.07 -1.53
CA ILE A 673 27.76 12.50 -1.32
C ILE A 673 26.46 13.33 -1.29
N ASP A 674 26.25 14.10 -0.25
CA ASP A 674 25.08 14.95 -0.17
C ASP A 674 25.32 16.11 -1.10
N THR A 676 22.56 18.22 -1.61
CA THR A 676 21.29 18.92 -1.44
C THR A 676 21.43 20.36 -1.92
N ASP A 677 22.38 21.08 -1.34
CA ASP A 677 22.62 22.51 -1.63
C ASP A 677 23.25 22.74 -3.00
N GLU A 678 24.13 21.82 -3.42
CA GLU A 678 24.89 21.97 -4.67
C GLU A 678 23.98 21.88 -5.89
N HIS A 680 20.66 22.28 -8.46
CA HIS A 680 19.79 23.36 -8.89
C HIS A 680 18.36 23.28 -8.40
N GLU A 681 17.76 24.42 -8.15
CA GLU A 681 16.47 24.44 -7.52
C GLU A 681 15.47 23.77 -8.43
N SER A 682 15.68 23.97 -9.72
CA SER A 682 14.69 23.55 -10.70
C SER A 682 14.46 22.06 -10.63
N TYR A 683 15.53 21.29 -10.56
CA TYR A 683 15.39 19.85 -10.51
C TYR A 683 14.65 19.55 -9.23
N LYS A 684 14.97 20.26 -8.16
CA LYS A 684 14.36 19.89 -6.89
C LYS A 684 12.83 19.97 -6.95
N GLN A 685 12.31 21.00 -7.62
CA GLN A 685 10.89 21.14 -7.76
C GLN A 685 10.35 20.01 -8.54
N LEU A 686 11.07 19.58 -9.58
CA LEU A 686 10.67 18.38 -10.33
C LEU A 686 10.48 17.07 -9.49
N ALA A 687 11.41 16.77 -8.60
CA ALA A 687 11.19 15.69 -7.66
C ALA A 687 9.90 15.92 -6.85
N VAL A 688 9.64 17.16 -6.45
CA VAL A 688 8.37 17.47 -5.76
C VAL A 688 7.22 17.37 -6.77
N GLY A 689 7.50 17.65 -8.04
CA GLY A 689 6.48 17.59 -9.05
C GLY A 689 6.10 16.18 -9.42
N ILE A 690 7.11 15.32 -9.49
CA ILE A 690 6.94 13.89 -9.80
C ILE A 690 6.24 13.19 -8.68
N THR A 691 6.54 13.63 -7.47
CA THR A 691 5.95 13.05 -6.33
C THR A 691 4.45 13.42 -6.32
N LYS A 692 4.14 14.62 -6.78
CA LYS A 692 2.76 15.05 -6.77
C LYS A 692 1.94 14.24 -7.72
N ALA A 693 2.39 14.10 -8.95
CA ALA A 693 1.73 13.24 -9.90
C ALA A 693 1.48 11.83 -9.35
N GLY A 695 1.23 11.26 -6.24
CA GLY A 695 0.32 11.43 -5.13
C GLY A 695 0.89 10.76 -3.92
N ALA A 696 2.21 10.81 -3.79
CA ALA A 696 2.87 10.11 -2.72
C ALA A 696 3.43 11.14 -1.78
N ALA A 697 3.33 10.85 -0.47
CA ALA A 697 3.76 11.78 0.56
C ALA A 697 5.23 11.75 0.67
N VAL A 698 5.77 10.56 0.75
CA VAL A 698 7.21 10.43 0.77
C VAL A 698 7.52 9.76 -0.54
N CYS A 699 8.47 10.31 -1.29
CA CYS A 699 8.96 9.59 -2.46
C CYS A 699 10.43 9.85 -2.65
N GLY A 700 11.16 8.85 -3.15
CA GLY A 700 12.56 9.03 -3.47
C GLY A 700 12.68 8.95 -4.96
N VAL A 701 13.07 10.05 -5.61
CA VAL A 701 13.02 10.15 -7.07
C VAL A 701 14.40 10.27 -7.72
N ASP A 702 14.65 9.40 -8.68
CA ASP A 702 15.97 9.23 -9.26
C ASP A 702 15.98 9.90 -10.62
N LEU A 703 16.76 10.95 -10.74
CA LEU A 703 16.87 11.66 -12.03
C LEU A 703 18.25 11.54 -12.65
N ILE A 704 18.29 11.57 -13.96
CA ILE A 704 19.55 11.63 -14.70
C ILE A 704 19.76 13.05 -15.24
N ILE A 705 20.84 13.70 -14.80
CA ILE A 705 21.02 15.14 -15.03
C ILE A 705 22.41 15.46 -15.55
N PRO A 706 22.49 15.91 -16.80
CA PRO A 706 23.75 16.26 -17.43
C PRO A 706 24.53 17.33 -16.65
N ASP A 707 23.87 18.37 -16.18
CA ASP A 707 24.51 19.42 -15.37
C ASP A 707 23.72 19.82 -14.10
N LEU A 708 24.30 19.65 -12.92
CA LEU A 708 23.73 20.22 -11.71
C LEU A 708 23.36 21.69 -11.88
N LYS A 709 24.26 22.45 -12.50
CA LYS A 709 24.34 23.89 -12.30
C LYS A 709 23.43 24.66 -13.22
N GLN A 710 23.24 24.13 -14.43
CA GLN A 710 22.43 24.81 -15.41
C GLN A 710 20.98 24.60 -15.02
N PRO A 711 20.16 25.60 -15.29
CA PRO A 711 18.71 25.51 -15.16
C PRO A 711 18.09 24.37 -16.04
N ALA A 712 17.05 23.70 -15.54
CA ALA A 712 16.40 22.60 -16.26
C ALA A 712 15.62 23.09 -17.51
N THR A 713 15.57 22.25 -18.54
CA THR A 713 14.74 22.52 -19.71
C THR A 713 13.94 21.24 -19.91
N PRO A 714 12.76 21.31 -20.54
CA PRO A 714 11.97 20.09 -20.78
C PRO A 714 12.75 18.99 -21.50
N ASN A 715 13.41 19.34 -22.61
CA ASN A 715 14.06 18.33 -23.46
C ASN A 715 14.99 17.36 -22.74
N LEU A 716 14.94 16.13 -23.23
CA LEU A 716 15.65 15.04 -22.62
C LEU A 716 17.13 15.31 -22.55
N THR A 717 17.69 15.98 -23.57
CA THR A 717 19.11 16.37 -23.54
C THR A 717 19.37 17.27 -22.33
N SER A 718 18.41 18.10 -22.01
CA SER A 718 18.59 18.91 -20.82
C SER A 718 18.34 18.04 -19.61
N TRP A 719 17.42 17.11 -19.75
CA TRP A 719 16.77 16.64 -18.55
C TRP A 719 16.15 15.27 -18.63
N GLY A 720 16.08 14.53 -17.54
CA GLY A 720 15.53 13.19 -17.57
C GLY A 720 15.21 12.52 -16.23
N VAL A 721 14.31 11.55 -16.26
CA VAL A 721 13.94 10.86 -15.03
C VAL A 721 14.24 9.36 -15.16
N ILE A 722 15.01 8.85 -14.20
CA ILE A 722 15.43 7.44 -14.23
C ILE A 722 14.32 6.54 -13.70
N GLU A 723 13.78 6.85 -12.51
CA GLU A 723 12.82 5.98 -11.85
C GLU A 723 12.26 6.57 -10.54
N ALA A 724 11.12 6.01 -10.10
CA ALA A 724 10.38 6.46 -8.91
C ALA A 724 10.24 5.37 -7.87
N ASN A 725 10.82 5.60 -6.70
N ASN A 725 10.78 5.64 -6.70
CA ASN A 725 10.96 4.59 -5.66
CA ASN A 725 10.91 4.65 -5.67
C ASN A 725 10.00 4.91 -4.50
C ASN A 725 9.96 4.93 -4.50
N PHE A 726 9.18 3.94 -4.07
CA PHE A 726 8.28 4.16 -2.95
C PHE A 726 8.81 3.71 -1.59
N ASN A 727 10.05 3.32 -1.49
CA ASN A 727 10.60 3.19 -0.15
C ASN A 727 12.04 3.72 -0.01
N PRO A 728 12.19 5.03 0.01
CA PRO A 728 13.52 5.63 -0.09
C PRO A 728 14.53 5.26 0.99
N HIS A 733 21.22 8.74 3.25
CA HIS A 733 21.00 10.17 3.32
C HIS A 733 21.45 10.71 4.63
N ILE A 734 21.20 9.94 5.66
CA ILE A 734 21.56 10.36 6.98
C ILE A 734 23.07 10.39 7.13
N PHE A 735 23.73 9.46 6.48
CA PHE A 735 25.16 9.44 6.56
C PHE A 735 25.81 9.40 5.19
N PRO A 736 26.21 10.56 4.68
CA PRO A 736 27.01 10.44 3.46
C PRO A 736 28.47 10.17 3.80
N TYR A 737 29.22 9.52 2.92
CA TYR A 737 30.64 9.42 3.11
C TYR A 737 31.21 10.82 3.23
N ALA A 738 30.87 11.68 2.28
CA ALA A 738 31.53 12.98 2.17
C ALA A 738 30.56 14.12 2.24
N GLY A 739 29.28 13.82 2.37
CA GLY A 739 28.29 14.88 2.40
C GLY A 739 28.08 15.60 3.73
N LYS A 740 27.06 16.43 3.72
CA LYS A 740 26.53 17.01 4.93
C LYS A 740 25.36 16.13 5.35
N SER A 741 25.39 15.59 6.57
CA SER A 741 24.34 14.66 6.99
C SER A 741 23.01 15.35 6.94
N ARG A 742 22.06 14.68 6.32
CA ARG A 742 20.69 15.16 6.35
C ARG A 742 19.90 14.05 7.02
N ARG A 743 19.23 14.36 8.11
CA ARG A 743 18.50 13.34 8.84
C ARG A 743 17.11 13.44 8.34
N LEU A 744 16.49 12.35 7.92
CA LEU A 744 15.14 12.48 7.38
C LEU A 744 14.15 11.82 8.30
N THR A 745 14.67 11.10 9.28
CA THR A 745 13.84 10.36 10.20
C THR A 745 13.08 11.36 11.11
N GLN A 746 13.70 12.50 11.31
CA GLN A 746 13.09 13.54 12.09
C GLN A 746 12.05 14.19 11.23
N ASN A 747 12.36 14.39 9.96
CA ASN A 747 11.38 15.03 9.13
C ASN A 747 10.14 14.17 9.11
N VAL A 748 10.35 12.86 9.09
CA VAL A 748 9.28 11.88 8.98
C VAL A 748 8.43 11.90 10.24
N ILE A 749 9.08 11.86 11.39
CA ILE A 749 8.35 11.89 12.66
C ILE A 749 7.45 13.12 12.80
N LYS A 750 8.03 14.31 12.71
CA LYS A 750 7.29 15.56 12.69
C LYS A 750 6.09 15.47 11.77
N LEU A 752 4.62 13.09 11.01
CA LEU A 752 3.69 12.10 11.59
C LEU A 752 2.91 12.68 12.75
N PHE A 753 3.62 13.36 13.63
CA PHE A 753 3.07 13.95 14.82
C PHE A 753 3.43 15.40 14.83
N PRO A 754 2.71 16.18 14.02
CA PRO A 754 3.01 17.61 13.94
C PRO A 754 2.61 18.28 15.23
N GLU A 755 1.62 17.72 15.92
CA GLU A 755 1.16 18.31 17.15
C GLU A 755 2.29 18.34 18.18
N LEU A 756 3.19 17.40 18.08
CA LEU A 756 4.29 17.32 19.02
C LEU A 756 4.88 18.68 19.34
N LYS B 2 -2.76 22.24 -49.08
CA LYS B 2 -1.39 21.78 -49.21
C LYS B 2 -1.47 20.39 -49.70
N ILE B 3 -1.32 20.18 -51.02
CA ILE B 3 -1.35 18.84 -51.62
C ILE B 3 -0.04 18.51 -52.36
N GLN B 4 0.58 17.44 -51.88
CA GLN B 4 1.85 16.94 -52.36
C GLN B 4 2.11 15.62 -51.60
N HIS B 5 2.88 14.71 -52.18
CA HIS B 5 3.27 13.51 -51.44
C HIS B 5 4.72 13.07 -51.65
N ILE B 6 5.62 13.90 -51.11
CA ILE B 6 7.00 13.57 -50.92
C ILE B 6 7.11 12.59 -49.76
N ILE B 7 6.00 12.39 -49.08
CA ILE B 7 5.90 11.40 -48.01
C ILE B 7 6.43 10.09 -48.53
N HIS B 8 5.99 9.74 -49.72
CA HIS B 8 6.45 8.50 -50.34
C HIS B 8 7.95 8.57 -50.60
N GLU B 9 8.43 9.76 -50.98
CA GLU B 9 9.87 9.93 -51.21
C GLU B 9 10.68 9.79 -49.90
N ASN B 10 10.06 10.06 -48.75
CA ASN B 10 10.68 9.86 -47.44
C ASN B 10 10.16 8.64 -46.69
N GLN B 11 9.28 7.87 -47.33
CA GLN B 11 8.77 6.58 -46.81
C GLN B 11 8.01 6.66 -45.46
N LEU B 12 7.21 7.70 -45.27
CA LEU B 12 6.52 7.90 -44.00
C LEU B 12 5.15 7.21 -43.99
N GLY B 13 5.17 5.93 -44.33
CA GLY B 13 3.94 5.20 -44.47
C GLY B 13 3.26 5.02 -43.16
N LEU B 14 3.99 4.67 -42.12
CA LEU B 14 3.30 4.31 -40.91
C LEU B 14 2.57 5.54 -40.33
N LEU B 15 3.11 6.74 -40.61
CA LEU B 15 2.61 7.99 -40.03
C LEU B 15 1.28 8.46 -40.60
N PHE B 16 1.07 8.30 -41.91
CA PHE B 16 -0.19 8.70 -42.57
C PHE B 16 -1.35 7.89 -42.01
N GLN B 17 -1.04 6.65 -41.71
CA GLN B 17 -1.98 5.81 -41.00
C GLN B 17 -2.20 6.31 -39.56
N GLN B 18 -1.14 6.65 -38.86
CA GLN B 18 -1.27 7.15 -37.51
C GLN B 18 -2.29 8.28 -37.49
N GLY B 19 -3.06 8.41 -36.43
CA GLY B 19 -4.03 9.47 -36.33
C GLY B 19 -4.79 9.34 -35.03
N SER B 20 -6.02 9.88 -34.97
CA SER B 20 -6.95 9.68 -33.84
C SER B 20 -8.38 9.56 -34.38
N PHE B 21 -9.25 8.83 -33.71
CA PHE B 21 -10.61 8.65 -34.22
C PHE B 21 -11.70 8.82 -33.19
N GLY B 22 -12.56 9.80 -33.45
CA GLY B 22 -13.69 10.09 -32.59
C GLY B 22 -14.95 9.53 -33.21
N LEU B 23 -16.03 9.38 -32.45
CA LEU B 23 -17.19 8.70 -32.99
C LEU B 23 -18.44 8.89 -32.20
N GLU B 24 -19.49 9.35 -32.88
CA GLU B 24 -20.78 9.57 -32.26
C GLU B 24 -21.84 8.83 -33.07
N LYS B 25 -22.79 8.22 -32.39
CA LYS B 25 -23.87 7.48 -33.03
C LYS B 25 -25.21 7.85 -32.41
N GLU B 26 -26.16 8.23 -33.24
CA GLU B 26 -27.50 8.57 -32.77
C GLU B 26 -28.44 7.42 -33.08
N SER B 27 -29.13 6.95 -32.05
CA SER B 27 -30.08 5.88 -32.20
C SER B 27 -31.33 6.34 -31.51
N GLN B 28 -32.48 5.82 -31.90
CA GLN B 28 -33.72 6.28 -31.28
C GLN B 28 -34.18 5.24 -30.26
N ARG B 29 -34.41 5.66 -29.02
CA ARG B 29 -34.99 4.79 -28.00
C ARG B 29 -36.39 4.36 -28.45
N VAL B 30 -36.68 3.07 -28.45
CA VAL B 30 -37.94 2.60 -29.01
C VAL B 30 -38.51 1.34 -28.35
N THR B 31 -39.81 1.15 -28.49
CA THR B 31 -40.52 -0.03 -27.97
C THR B 31 -40.30 -1.25 -28.86
N ALA B 32 -40.77 -2.39 -28.39
CA ALA B 32 -40.60 -3.62 -29.14
C ALA B 32 -41.26 -3.53 -30.51
N ASP B 33 -42.37 -2.81 -30.60
CA ASP B 33 -43.08 -2.67 -31.87
C ASP B 33 -42.23 -1.93 -32.89
N GLY B 34 -41.24 -1.17 -32.38
CA GLY B 34 -40.41 -0.30 -33.19
C GLY B 34 -40.84 1.16 -33.08
N ALA B 35 -41.83 1.41 -32.22
CA ALA B 35 -42.38 2.75 -32.00
C ALA B 35 -41.37 3.58 -31.22
N ILE B 36 -41.41 4.91 -31.36
CA ILE B 36 -40.53 5.75 -30.54
C ILE B 36 -40.91 5.61 -29.08
N VAL B 37 -39.91 5.68 -28.23
CA VAL B 37 -40.11 5.37 -26.83
C VAL B 37 -41.07 6.38 -26.23
N THR B 38 -40.90 7.65 -26.57
CA THR B 38 -41.78 8.69 -26.05
C THR B 38 -41.74 8.79 -24.51
N THR B 39 -40.58 8.46 -23.93
CA THR B 39 -40.42 8.53 -22.49
C THR B 39 -39.13 9.20 -22.15
N PRO B 40 -38.96 9.53 -20.87
CA PRO B 40 -37.77 10.27 -20.46
C PRO B 40 -36.47 9.47 -20.50
N HIS B 41 -35.37 10.19 -20.61
CA HIS B 41 -34.03 9.62 -20.41
C HIS B 41 -33.84 8.95 -19.05
N PRO B 42 -33.39 7.70 -19.04
CA PRO B 42 -33.16 6.90 -17.82
C PRO B 42 -32.37 7.59 -16.72
N ALA B 43 -32.83 7.40 -15.48
CA ALA B 43 -32.29 8.11 -14.31
C ALA B 43 -30.90 7.59 -13.96
N VAL B 44 -30.72 6.31 -14.18
CA VAL B 44 -29.46 5.70 -13.92
C VAL B 44 -28.35 6.42 -14.70
N PHE B 45 -28.62 6.83 -15.93
CA PHE B 45 -27.56 7.41 -16.74
C PHE B 45 -27.07 8.69 -16.08
N GLY B 46 -25.76 8.92 -16.12
CA GLY B 46 -25.16 10.08 -15.48
C GLY B 46 -25.72 11.33 -16.13
N ASN B 47 -25.59 12.47 -15.46
CA ASN B 47 -26.24 13.72 -15.91
C ASN B 47 -25.97 14.05 -17.36
N ARG B 48 -27.07 14.32 -18.06
CA ARG B 48 -27.03 14.62 -19.47
C ARG B 48 -25.98 15.71 -19.73
N ARG B 49 -25.88 16.65 -18.79
CA ARG B 49 -24.92 17.75 -18.88
C ARG B 49 -23.45 17.29 -18.90
N TYR B 50 -23.08 16.33 -18.06
CA TYR B 50 -21.66 16.03 -17.93
C TYR B 50 -21.24 14.65 -18.37
N HIS B 51 -22.20 13.81 -18.75
CA HIS B 51 -21.92 12.42 -19.11
C HIS B 51 -21.32 12.45 -20.49
N PRO B 52 -20.06 12.04 -20.60
CA PRO B 52 -19.35 12.19 -21.87
C PRO B 52 -19.73 11.18 -22.89
N TYR B 53 -19.98 9.96 -22.46
CA TYR B 53 -20.22 8.84 -23.38
C TYR B 53 -21.66 8.76 -23.89
N ILE B 54 -22.64 9.03 -23.04
CA ILE B 54 -24.03 8.87 -23.44
C ILE B 54 -24.83 10.11 -23.16
N GLN B 55 -25.45 10.66 -24.22
CA GLN B 55 -26.20 11.92 -24.12
C GLN B 55 -27.35 11.95 -25.12
N THR B 56 -28.17 12.98 -25.01
CA THR B 56 -29.36 13.09 -25.83
C THR B 56 -29.27 14.33 -26.74
N ASP B 57 -29.47 14.12 -28.05
CA ASP B 57 -29.21 15.16 -29.06
C ASP B 57 -30.33 16.18 -29.21
N PHE B 58 -31.54 15.71 -29.50
CA PHE B 58 -32.70 16.60 -29.69
C PHE B 58 -33.94 16.11 -28.93
N ALA B 59 -34.47 14.99 -29.41
CA ALA B 59 -35.53 14.27 -28.71
C ALA B 59 -34.97 13.57 -27.47
N GLU B 60 -35.62 13.74 -26.34
CA GLU B 60 -35.22 13.03 -25.17
C GLU B 60 -35.10 11.59 -25.62
N SER B 61 -36.02 11.19 -26.51
CA SER B 61 -36.07 9.80 -27.03
C SER B 61 -34.85 9.43 -27.89
N GLN B 62 -34.39 10.36 -28.73
CA GLN B 62 -33.18 10.11 -29.52
C GLN B 62 -31.89 10.18 -28.69
N LEU B 63 -31.00 9.21 -28.84
CA LEU B 63 -29.84 9.13 -27.97
C LEU B 63 -28.57 9.13 -28.76
N GLU B 64 -27.50 9.64 -28.16
CA GLU B 64 -26.21 9.75 -28.82
C GLU B 64 -25.07 9.12 -28.01
N LEU B 65 -24.40 8.17 -28.63
CA LEU B 65 -23.27 7.49 -28.02
C LEU B 65 -21.90 7.99 -28.53
N ILE B 66 -21.08 8.49 -27.61
CA ILE B 66 -19.81 9.07 -27.99
C ILE B 66 -18.60 8.27 -27.49
N THR B 67 -17.71 7.92 -28.41
CA THR B 67 -16.52 7.18 -28.05
C THR B 67 -15.43 8.18 -27.89
N PRO B 68 -14.58 7.97 -26.87
CA PRO B 68 -13.40 8.80 -26.68
C PRO B 68 -12.52 8.70 -27.90
N PRO B 69 -11.63 9.67 -28.05
CA PRO B 69 -10.76 9.63 -29.21
C PRO B 69 -9.71 8.57 -28.90
N THR B 70 -9.26 7.80 -29.88
CA THR B 70 -8.24 6.81 -29.60
C THR B 70 -7.27 6.74 -30.78
N LYS B 71 -6.00 6.44 -30.51
CA LYS B 71 -5.01 6.35 -31.57
C LYS B 71 -5.33 5.20 -32.54
N LYS B 72 -5.99 4.13 -32.07
CA LYS B 72 -6.31 2.98 -32.93
C LYS B 72 -7.79 2.74 -33.21
N LEU B 73 -8.12 2.55 -34.48
CA LEU B 73 -9.52 2.37 -34.86
C LEU B 73 -10.10 1.21 -34.04
N GLU B 74 -9.24 0.29 -33.64
CA GLU B 74 -9.73 -0.87 -32.92
C GLU B 74 -10.32 -0.50 -31.56
N ASP B 75 -9.68 0.43 -30.87
CA ASP B 75 -10.12 0.88 -29.55
C ASP B 75 -11.39 1.70 -29.59
N THR B 76 -11.62 2.42 -30.67
CA THR B 76 -12.90 3.04 -30.80
C THR B 76 -14.00 1.99 -30.72
N PHE B 77 -13.97 0.97 -31.56
CA PHE B 77 -15.04 -0.03 -31.49
C PHE B 77 -15.18 -0.66 -30.16
N ARG B 78 -14.07 -1.00 -29.53
CA ARG B 78 -14.13 -1.55 -28.19
C ARG B 78 -15.05 -0.68 -27.33
N TRP B 79 -14.76 0.61 -27.28
CA TRP B 79 -15.59 1.54 -26.53
C TRP B 79 -17.06 1.54 -26.99
N LEU B 80 -17.29 1.76 -28.28
CA LEU B 80 -18.61 1.78 -28.81
C LEU B 80 -19.35 0.53 -28.35
N SER B 81 -18.70 -0.62 -28.48
CA SER B 81 -19.32 -1.88 -28.12
C SER B 81 -19.78 -1.81 -26.68
N VAL B 82 -18.87 -1.36 -25.81
CA VAL B 82 -19.13 -1.26 -24.38
C VAL B 82 -20.26 -0.26 -24.10
N ILE B 83 -20.22 0.89 -24.75
CA ILE B 83 -21.20 1.91 -24.47
C ILE B 83 -22.52 1.33 -24.87
N HIS B 84 -22.58 0.65 -26.00
CA HIS B 84 -23.86 0.11 -26.41
C HIS B 84 -24.36 -0.91 -25.39
N GLU B 85 -23.50 -1.80 -24.94
CA GLU B 85 -23.93 -2.79 -23.95
C GLU B 85 -24.39 -2.17 -22.63
N VAL B 86 -23.72 -1.12 -22.15
CA VAL B 86 -24.12 -0.44 -20.91
C VAL B 86 -25.52 0.13 -21.06
N VAL B 87 -25.78 0.63 -22.27
CA VAL B 87 -27.05 1.25 -22.59
C VAL B 87 -28.13 0.20 -22.68
N GLN B 88 -27.85 -0.89 -23.39
CA GLN B 88 -28.86 -1.92 -23.59
C GLN B 88 -29.25 -2.43 -22.21
N ARG B 89 -28.26 -2.77 -21.41
CA ARG B 89 -28.50 -3.32 -20.08
C ARG B 89 -29.13 -2.30 -19.12
N SER B 90 -28.83 -1.02 -19.31
CA SER B 90 -29.42 0.02 -18.47
C SER B 90 -30.85 0.34 -18.92
N LEU B 91 -31.11 0.23 -20.22
CA LEU B 91 -32.43 0.55 -20.73
C LEU B 91 -33.49 -0.32 -20.10
N PRO B 92 -34.63 0.28 -19.78
CA PRO B 92 -35.81 -0.45 -19.30
C PRO B 92 -36.14 -1.62 -20.21
N GLU B 93 -36.64 -2.70 -19.62
CA GLU B 93 -36.98 -3.91 -20.36
C GLU B 93 -37.93 -3.62 -21.51
N GLU B 94 -38.90 -2.75 -21.27
CA GLU B 94 -39.89 -2.40 -22.30
C GLU B 94 -39.25 -1.65 -23.49
N GLU B 95 -38.38 -0.68 -23.19
CA GLU B 95 -37.72 0.14 -24.22
C GLU B 95 -36.54 -0.60 -24.91
N TYR B 96 -36.22 -0.21 -26.13
CA TYR B 96 -35.17 -0.87 -26.90
C TYR B 96 -34.51 0.11 -27.87
N ILE B 97 -33.32 -0.20 -28.38
CA ILE B 97 -32.62 0.67 -29.33
C ILE B 97 -33.05 0.43 -30.78
N PHE B 98 -32.93 1.46 -31.64
CA PHE B 98 -33.38 1.34 -33.03
C PHE B 98 -32.24 1.28 -34.06
N PRO B 99 -32.16 0.20 -34.83
CA PRO B 99 -31.13 -0.04 -35.85
C PRO B 99 -30.99 0.96 -37.00
N LEU B 100 -32.07 1.49 -37.57
CA LEU B 100 -31.92 2.29 -38.79
C LEU B 100 -32.09 3.80 -38.52
N SER B 101 -31.64 4.64 -39.44
CA SER B 101 -31.68 6.10 -39.29
C SER B 101 -33.06 6.70 -39.45
N PRO B 103 -36.77 6.90 -38.93
CA PRO B 103 -37.73 6.41 -37.92
C PRO B 103 -38.87 5.60 -38.54
N ALA B 104 -39.21 4.48 -37.90
CA ALA B 104 -40.24 3.55 -38.37
C ALA B 104 -41.65 3.92 -37.89
N GLY B 105 -41.75 4.32 -36.62
CA GLY B 105 -43.00 4.81 -36.06
C GLY B 105 -42.83 6.23 -35.61
N LEU B 106 -43.47 7.19 -36.29
CA LEU B 106 -43.25 8.61 -36.02
C LEU B 106 -44.50 9.26 -35.43
N PRO B 107 -44.36 9.83 -34.23
CA PRO B 107 -45.36 10.62 -33.49
C PRO B 107 -45.70 12.04 -34.02
N ALA B 108 -46.82 12.57 -33.53
CA ALA B 108 -47.25 13.93 -33.82
C ALA B 108 -46.32 14.88 -33.09
N GLU B 109 -46.31 16.14 -33.51
CA GLU B 109 -45.42 17.14 -32.93
C GLU B 109 -45.64 17.32 -31.42
N GLU B 110 -46.88 17.16 -30.99
CA GLU B 110 -47.23 17.30 -29.57
C GLU B 110 -46.53 16.21 -28.75
N GLN B 111 -46.50 15.02 -29.33
CA GLN B 111 -45.95 13.87 -28.66
C GLN B 111 -44.47 14.06 -28.21
N ILE B 112 -43.61 14.66 -29.02
CA ILE B 112 -42.17 14.70 -28.72
C ILE B 112 -41.80 15.85 -27.75
N ARG B 113 -41.50 15.48 -26.51
CA ARG B 113 -41.11 16.44 -25.48
C ARG B 113 -39.74 17.03 -25.76
N VAL B 114 -38.82 16.18 -26.20
CA VAL B 114 -37.47 16.64 -26.47
C VAL B 114 -36.89 17.40 -25.28
N ALA B 115 -37.04 16.80 -24.09
CA ALA B 115 -36.61 17.42 -22.83
C ALA B 115 -35.10 17.74 -22.76
N GLN B 116 -34.77 18.93 -22.24
CA GLN B 116 -33.37 19.34 -22.17
C GLN B 116 -32.89 19.42 -20.73
N ARG B 126 -33.61 26.23 -29.45
CA ARG B 126 -33.77 25.31 -30.57
C ARG B 126 -35.10 25.53 -31.27
N GLU B 127 -35.95 26.35 -30.67
CA GLU B 127 -37.27 26.56 -31.25
C GLU B 127 -37.14 27.16 -32.65
N TYR B 128 -36.26 28.14 -32.81
CA TYR B 128 -36.11 28.83 -34.08
C TYR B 128 -35.62 27.87 -35.14
N LEU B 129 -34.65 27.08 -34.74
CA LEU B 129 -34.12 26.03 -35.59
C LEU B 129 -35.20 24.97 -35.82
N VAL B 130 -35.90 24.63 -34.76
CA VAL B 130 -36.99 23.67 -34.82
C VAL B 130 -38.10 24.22 -35.70
N LYS B 131 -38.32 25.52 -35.62
CA LYS B 131 -39.40 26.16 -36.33
C LYS B 131 -39.15 26.13 -37.84
N ILE B 132 -37.93 26.47 -38.23
CA ILE B 132 -37.62 26.62 -39.66
C ILE B 132 -37.78 25.30 -40.43
N TYR B 133 -37.39 24.16 -39.85
CA TYR B 133 -37.54 22.84 -40.53
C TYR B 133 -38.47 21.86 -39.82
N GLY B 134 -38.80 22.15 -38.56
CA GLY B 134 -39.76 21.36 -37.81
C GLY B 134 -39.16 20.24 -36.97
N LYS B 135 -39.96 19.76 -36.01
CA LYS B 135 -39.49 18.77 -35.06
C LYS B 135 -39.19 17.41 -35.72
N ASN B 136 -40.00 17.01 -36.71
CA ASN B 136 -39.89 15.66 -37.30
C ASN B 136 -38.57 15.36 -38.02
N LYS B 137 -38.09 16.27 -38.85
CA LYS B 137 -36.85 16.07 -39.56
C LYS B 137 -35.72 15.74 -38.58
N GLN B 138 -35.83 16.24 -37.35
CA GLN B 138 -34.75 16.11 -36.39
C GLN B 138 -34.70 14.71 -35.83
N VAL B 140 -34.45 12.10 -37.39
CA VAL B 140 -33.48 11.35 -38.19
C VAL B 140 -32.17 11.12 -37.40
N SER B 141 -31.65 9.90 -37.49
CA SER B 141 -30.47 9.52 -36.70
C SER B 141 -29.30 9.04 -37.54
N GLY B 142 -28.09 9.40 -37.12
CA GLY B 142 -26.91 9.13 -37.90
C GLY B 142 -25.64 8.83 -37.14
N ILE B 143 -24.59 8.53 -37.90
CA ILE B 143 -23.31 8.21 -37.33
C ILE B 143 -22.28 9.23 -37.82
N HIS B 144 -21.70 9.97 -36.89
CA HIS B 144 -20.62 10.92 -37.19
C HIS B 144 -19.24 10.31 -36.93
N TYR B 145 -18.37 10.38 -37.94
CA TYR B 145 -17.04 9.79 -37.88
C TYR B 145 -16.02 10.93 -37.95
N ASN B 146 -15.19 11.06 -36.91
CA ASN B 146 -14.22 12.12 -36.82
C ASN B 146 -12.84 11.54 -36.86
N PHE B 147 -11.99 12.09 -37.74
CA PHE B 147 -10.63 11.64 -37.93
C PHE B 147 -9.72 12.83 -37.87
N GLN B 148 -8.62 12.73 -37.14
CA GLN B 148 -7.62 13.81 -37.13
C GLN B 148 -6.23 13.27 -37.36
N LEU B 149 -5.48 13.87 -38.28
CA LEU B 149 -4.11 13.44 -38.57
C LEU B 149 -3.13 13.57 -37.40
N SER B 150 -2.29 12.55 -37.21
CA SER B 150 -1.28 12.56 -36.16
C SER B 150 -0.43 13.75 -36.41
N PRO B 151 -0.29 14.60 -35.40
CA PRO B 151 0.59 15.78 -35.47
C PRO B 151 2.02 15.46 -35.86
N ASP B 152 2.58 14.37 -35.36
CA ASP B 152 3.92 14.01 -35.73
C ASP B 152 3.97 13.88 -37.24
N LEU B 153 2.99 13.19 -37.78
CA LEU B 153 2.97 12.96 -39.21
C LEU B 153 3.03 14.28 -39.95
N ILE B 154 2.13 15.18 -39.60
CA ILE B 154 2.08 16.52 -40.20
C ILE B 154 3.37 17.29 -40.08
N THR B 155 3.94 17.36 -38.87
CA THR B 155 5.17 18.12 -38.65
C THR B 155 6.26 17.60 -39.54
N ARG B 156 6.43 16.29 -39.64
CA ARG B 156 7.49 15.81 -40.48
C ARG B 156 7.21 16.41 -41.86
N LEU B 157 5.94 16.46 -42.21
CA LEU B 157 5.52 16.86 -43.55
C LEU B 157 5.79 18.32 -43.77
N PHE B 158 5.67 19.12 -42.73
CA PHE B 158 5.80 20.56 -42.87
C PHE B 158 7.20 21.02 -43.24
N ARG B 159 8.20 20.36 -42.68
CA ARG B 159 9.59 20.71 -42.96
C ARG B 159 9.82 20.46 -44.43
N LEU B 160 9.45 19.26 -44.89
CA LEU B 160 9.67 18.90 -46.29
C LEU B 160 9.09 19.97 -47.24
N GLN B 161 7.95 20.54 -46.88
CA GLN B 161 7.37 21.59 -47.72
C GLN B 161 8.15 22.89 -47.54
N ASN B 162 8.98 23.23 -48.52
CA ASN B 162 9.69 24.51 -48.52
C ASN B 162 8.70 25.65 -48.56
N GLU B 163 7.56 25.40 -49.21
CA GLU B 163 6.58 26.43 -49.58
C GLU B 163 5.86 27.17 -48.44
N TYR B 164 5.47 26.46 -47.37
CA TYR B 164 4.62 27.08 -46.36
C TYR B 164 5.42 27.62 -45.17
N GLN B 165 5.30 28.92 -44.94
CA GLN B 165 5.97 29.63 -43.84
C GLN B 165 5.26 29.43 -42.48
N SER B 166 3.94 29.29 -42.52
CA SER B 166 3.13 29.04 -41.31
C SER B 166 2.76 27.56 -41.16
N ALA B 167 2.87 27.05 -39.93
CA ALA B 167 2.47 25.68 -39.65
C ALA B 167 0.95 25.61 -39.75
N VAL B 168 0.29 26.59 -39.20
CA VAL B 168 -1.17 26.56 -39.19
C VAL B 168 -1.75 26.59 -40.60
N ASP B 169 -1.07 27.24 -41.54
CA ASP B 169 -1.60 27.33 -42.90
C ASP B 169 -1.55 25.97 -43.50
N PHE B 170 -0.45 25.28 -43.23
CA PHE B 170 -0.22 23.96 -43.77
C PHE B 170 -1.20 22.95 -43.17
N GLN B 171 -1.46 23.09 -41.88
CA GLN B 171 -2.48 22.27 -41.28
C GLN B 171 -3.79 22.68 -41.89
N ASN B 172 -4.10 23.97 -41.84
CA ASN B 172 -5.37 24.43 -42.39
C ASN B 172 -5.52 23.91 -43.81
N ASP B 173 -4.49 24.09 -44.61
CA ASP B 173 -4.56 23.80 -46.04
C ASP B 173 -4.79 22.31 -46.24
N LEU B 174 -4.14 21.52 -45.38
CA LEU B 174 -4.14 20.06 -45.52
C LEU B 174 -5.53 19.56 -45.22
N TYR B 175 -6.11 20.13 -44.17
CA TYR B 175 -7.44 19.73 -43.73
C TYR B 175 -8.42 20.20 -44.74
N LEU B 176 -8.27 21.45 -45.19
CA LEU B 176 -9.13 21.96 -46.25
C LEU B 176 -9.02 21.04 -47.44
N LYS B 177 -7.81 20.76 -47.91
CA LYS B 177 -7.70 19.88 -49.06
C LYS B 177 -8.56 18.64 -48.85
N ALA B 179 -11.08 17.89 -46.84
CA ALA B 179 -12.51 18.16 -46.85
C ALA B 179 -13.00 18.44 -48.27
N LYS B 180 -12.37 19.36 -48.98
CA LYS B 180 -12.85 19.72 -50.30
C LYS B 180 -12.92 18.46 -51.12
N ASN B 181 -11.86 17.67 -51.05
CA ASN B 181 -11.75 16.48 -51.89
C ASN B 181 -12.79 15.45 -51.49
N PHE B 182 -12.96 15.25 -50.18
CA PHE B 182 -13.93 14.31 -49.68
C PHE B 182 -15.33 14.66 -50.23
N LEU B 183 -15.66 15.93 -50.22
CA LEU B 183 -16.91 16.37 -50.82
C LEU B 183 -17.00 15.96 -52.29
N ARG B 184 -15.92 16.17 -53.04
CA ARG B 184 -15.87 15.86 -54.48
C ARG B 184 -16.24 14.41 -54.78
N TYR B 185 -15.77 13.48 -53.96
CA TYR B 185 -16.02 12.07 -54.21
C TYR B 185 -16.91 11.46 -53.14
N GLN B 186 -17.53 12.31 -52.33
CA GLN B 186 -18.27 11.84 -51.16
C GLN B 186 -19.46 10.95 -51.52
N TRP B 187 -19.88 10.98 -52.78
CA TRP B 187 -21.02 10.17 -53.23
C TRP B 187 -20.69 8.69 -53.24
N ILE B 188 -19.42 8.35 -53.50
CA ILE B 188 -19.04 6.95 -53.57
C ILE B 188 -19.22 6.34 -52.21
N LEU B 189 -18.78 7.05 -51.19
CA LEU B 189 -19.00 6.58 -49.85
C LEU B 189 -20.48 6.32 -49.72
N LEU B 190 -21.30 7.22 -50.24
CA LEU B 190 -22.74 7.17 -50.07
C LEU B 190 -23.34 6.04 -50.86
N TYR B 191 -22.71 5.71 -51.97
CA TYR B 191 -23.12 4.58 -52.81
C TYR B 191 -22.83 3.24 -52.14
N LEU B 192 -21.71 3.19 -51.44
CA LEU B 192 -21.30 1.98 -50.75
C LEU B 192 -22.08 1.73 -49.48
N LEU B 193 -22.41 2.76 -48.72
CA LEU B 193 -23.03 2.54 -47.42
C LEU B 193 -24.21 3.45 -47.06
N ALA B 194 -25.33 3.32 -47.77
CA ALA B 194 -26.47 4.17 -47.49
C ALA B 194 -27.66 3.37 -46.94
N ALA B 195 -28.21 3.79 -45.82
CA ALA B 195 -29.21 3.01 -45.11
C ALA B 195 -30.46 3.82 -44.89
N THR B 196 -30.69 4.76 -45.77
CA THR B 196 -31.82 5.64 -45.63
C THR B 196 -32.74 5.57 -46.85
N PRO B 197 -33.26 4.37 -47.16
CA PRO B 197 -34.13 4.19 -48.32
C PRO B 197 -35.56 4.67 -48.10
N THR B 198 -36.11 4.52 -46.90
CA THR B 198 -37.52 4.86 -46.70
C THR B 198 -37.84 5.62 -45.41
N VAL B 199 -39.04 6.19 -45.36
CA VAL B 199 -39.58 6.87 -44.17
C VAL B 199 -41.12 6.70 -44.10
N GLU B 200 -41.67 6.84 -42.90
CA GLU B 200 -43.05 6.42 -42.67
C GLU B 200 -44.10 7.37 -43.24
N SER B 201 -43.88 8.67 -43.03
CA SER B 201 -44.86 9.66 -43.44
C SER B 201 -45.07 9.59 -44.95
N PHE B 204 -44.08 13.55 -46.99
CA PHE B 204 -45.33 13.65 -47.75
C PHE B 204 -45.47 12.57 -48.83
N LYS B 205 -44.56 12.62 -49.80
CA LYS B 205 -44.57 11.70 -50.94
C LYS B 205 -44.06 10.32 -50.57
N ASP B 206 -44.74 9.31 -51.09
CA ASP B 206 -44.20 7.95 -51.08
C ASP B 206 -42.91 7.95 -51.90
N GLY B 207 -42.62 9.09 -52.51
CA GLY B 207 -41.38 9.29 -53.22
C GLY B 207 -41.44 8.85 -54.66
N SER B 208 -40.37 9.15 -55.40
CA SER B 208 -40.26 8.78 -56.81
C SER B 208 -40.27 7.26 -56.99
N GLN B 214 -40.53 3.40 -55.13
CA GLN B 214 -40.29 2.12 -54.47
C GLN B 214 -39.28 2.28 -53.33
N PHE B 215 -38.02 2.48 -53.72
CA PHE B 215 -36.94 2.72 -52.78
C PHE B 215 -35.96 3.79 -53.33
N VAL B 216 -35.09 4.27 -52.47
CA VAL B 216 -34.03 5.19 -52.88
C VAL B 216 -32.76 4.77 -52.11
N ARG B 217 -31.62 5.15 -52.61
CA ARG B 217 -30.41 4.79 -51.91
C ARG B 217 -30.41 5.44 -50.56
N SER B 218 -30.54 6.76 -50.51
CA SER B 218 -30.44 7.47 -49.23
C SER B 218 -31.29 8.74 -49.18
N LEU B 219 -32.28 8.77 -48.32
CA LEU B 219 -33.20 9.90 -48.28
C LEU B 219 -32.57 11.15 -47.66
N ARG B 220 -31.73 10.97 -46.66
CA ARG B 220 -31.15 12.11 -45.94
C ARG B 220 -30.33 12.98 -46.85
N SER B 221 -29.36 12.36 -47.51
CA SER B 221 -28.50 13.03 -48.46
C SER B 221 -29.39 13.50 -49.58
N SER B 222 -30.42 12.70 -49.85
CA SER B 222 -31.43 13.04 -50.83
C SER B 222 -32.08 14.36 -50.44
N GLN B 223 -32.57 15.08 -51.43
CA GLN B 223 -33.04 16.44 -51.22
C GLN B 223 -34.06 16.58 -50.08
N TYR B 224 -34.96 15.62 -49.96
CA TYR B 224 -36.01 15.71 -48.94
C TYR B 224 -35.48 15.21 -47.61
N GLY B 225 -34.34 15.75 -47.19
CA GLY B 225 -33.77 15.46 -45.89
C GLY B 225 -33.35 16.79 -45.30
N TYR B 226 -33.23 16.86 -43.98
CA TYR B 226 -32.70 18.06 -43.37
C TYR B 226 -31.27 18.30 -43.87
N VAL B 227 -30.52 17.21 -44.09
CA VAL B 227 -29.08 17.28 -44.38
C VAL B 227 -28.73 18.02 -45.68
N ASN B 228 -29.54 17.79 -46.72
CA ASN B 228 -29.30 18.41 -48.04
C ASN B 228 -28.79 19.85 -47.92
N PRO B 230 -27.93 23.82 -49.09
CA PRO B 230 -28.38 25.08 -48.50
C PRO B 230 -28.44 26.25 -49.50
N GLU B 231 -27.76 26.11 -50.63
CA GLU B 231 -27.82 27.10 -51.71
C GLU B 231 -27.11 28.41 -51.31
N ILE B 232 -26.38 28.37 -50.19
CA ILE B 232 -25.43 29.43 -49.83
C ILE B 232 -24.00 28.94 -50.12
N ASN B 233 -23.22 29.74 -50.83
CA ASN B 233 -21.85 29.34 -51.14
C ASN B 233 -20.87 29.76 -50.05
N VAL B 234 -20.40 28.81 -49.25
CA VAL B 234 -19.31 29.07 -48.33
C VAL B 234 -18.02 28.85 -49.11
N SER B 235 -16.86 29.06 -48.50
CA SER B 235 -15.60 28.79 -49.19
C SER B 235 -14.71 27.87 -48.39
N PHE B 236 -14.41 26.70 -48.92
CA PHE B 236 -13.47 25.79 -48.27
C PHE B 236 -12.07 25.93 -48.88
N ASP B 237 -11.90 26.94 -49.74
CA ASP B 237 -10.63 27.21 -50.42
C ASP B 237 -9.57 27.82 -49.50
N SER B 238 -10.01 28.63 -48.55
CA SER B 238 -9.13 29.29 -47.61
C SER B 238 -9.80 29.37 -46.24
N VAL B 239 -9.05 29.09 -45.18
CA VAL B 239 -9.59 29.21 -43.83
C VAL B 239 -10.13 30.63 -43.64
N GLU B 240 -9.35 31.63 -44.04
CA GLU B 240 -9.73 33.04 -43.99
C GLU B 240 -11.01 33.29 -44.78
N LYS B 241 -11.05 32.77 -46.00
CA LYS B 241 -12.21 32.91 -46.88
C LYS B 241 -13.48 32.33 -46.27
N TYR B 242 -13.34 31.15 -45.69
CA TYR B 242 -14.43 30.40 -45.07
C TYR B 242 -14.90 31.10 -43.83
N VAL B 243 -13.96 31.69 -43.11
CA VAL B 243 -14.30 32.48 -41.95
C VAL B 243 -15.17 33.65 -42.39
N GLU B 244 -14.80 34.34 -43.46
CA GLU B 244 -15.58 35.48 -43.91
C GLU B 244 -16.91 35.07 -44.55
N SER B 245 -16.91 34.05 -45.39
CA SER B 245 -18.16 33.61 -45.97
C SER B 245 -19.10 33.22 -44.84
N LEU B 246 -18.59 32.44 -43.89
CA LEU B 246 -19.38 31.99 -42.78
C LEU B 246 -19.87 33.20 -41.98
N GLU B 247 -18.92 34.02 -41.53
CA GLU B 247 -19.24 35.11 -40.61
C GLU B 247 -20.24 36.05 -41.28
N HIS B 248 -20.09 36.29 -42.57
CA HIS B 248 -20.97 37.25 -43.27
C HIS B 248 -22.37 36.68 -43.45
N TRP B 249 -22.47 35.38 -43.65
CA TRP B 249 -23.77 34.76 -43.71
C TRP B 249 -24.57 35.06 -42.46
N VAL B 250 -23.89 35.25 -41.33
CA VAL B 250 -24.58 35.58 -40.10
C VAL B 250 -25.29 36.88 -40.39
N SER B 251 -24.57 37.75 -41.08
CA SER B 251 -25.04 39.11 -41.29
C SER B 251 -25.86 39.16 -42.57
N ALA B 257 -25.85 30.77 -36.67
CA ALA B 257 -24.39 30.97 -36.58
C ALA B 257 -23.61 29.75 -37.08
N GLU B 258 -22.86 29.12 -36.19
CA GLU B 258 -22.10 27.91 -36.49
C GLU B 258 -22.98 26.70 -36.79
N LYS B 259 -24.14 26.62 -36.16
CA LYS B 259 -24.99 25.45 -36.23
C LYS B 259 -25.61 25.19 -37.60
N GLU B 260 -25.93 26.26 -38.32
CA GLU B 260 -26.81 26.16 -39.49
C GLU B 260 -26.14 25.49 -40.70
N PHE B 261 -24.86 25.77 -40.92
CA PHE B 261 -24.17 25.29 -42.11
C PHE B 261 -24.14 23.75 -42.21
N TYR B 262 -24.52 23.24 -43.37
CA TYR B 262 -24.43 21.81 -43.62
C TYR B 262 -23.20 21.53 -44.47
N SER B 263 -22.18 20.94 -43.86
CA SER B 263 -21.03 20.45 -44.59
C SER B 263 -21.01 18.99 -44.29
N ASN B 264 -21.02 18.15 -45.31
CA ASN B 264 -21.04 16.73 -45.04
C ASN B 264 -19.79 16.33 -44.28
N VAL B 265 -18.73 17.09 -44.50
CA VAL B 265 -17.52 17.02 -43.70
C VAL B 265 -17.54 18.33 -42.96
N ARG B 266 -17.32 18.30 -41.66
CA ARG B 266 -17.40 19.52 -40.86
C ARG B 266 -16.07 19.93 -40.26
N LEU B 267 -15.77 21.21 -40.37
CA LEU B 267 -14.62 21.82 -39.70
C LEU B 267 -14.83 22.02 -38.20
N ARG B 268 -14.66 20.99 -37.39
CA ARG B 268 -15.06 21.10 -35.97
C ARG B 268 -13.88 21.50 -35.08
N GLY B 269 -12.74 21.75 -35.72
CA GLY B 269 -11.50 22.03 -35.02
C GLY B 269 -11.54 23.05 -33.89
N ALA B 270 -12.33 24.12 -34.02
CA ALA B 270 -12.31 25.19 -33.01
C ALA B 270 -13.69 25.70 -32.70
N LYS B 271 -13.78 26.39 -31.58
CA LYS B 271 -15.05 26.94 -31.08
C LYS B 271 -15.64 27.99 -32.01
N LYS B 272 -14.78 28.87 -32.52
CA LYS B 272 -15.23 29.91 -33.43
C LYS B 272 -14.33 29.93 -34.68
N ALA B 273 -14.91 30.32 -35.82
CA ALA B 273 -14.15 30.34 -37.07
C ALA B 273 -12.94 31.27 -36.97
N ARG B 274 -13.14 32.39 -36.29
CA ARG B 274 -12.08 33.36 -36.14
C ARG B 274 -10.86 32.72 -35.52
N GLU B 275 -11.11 31.82 -34.58
CA GLU B 275 -10.04 31.17 -33.83
C GLU B 275 -9.16 30.38 -34.76
N PHE B 276 -9.69 30.07 -35.94
CA PHE B 276 -8.96 29.28 -36.95
C PHE B 276 -7.79 30.06 -37.57
N LEU B 277 -7.96 31.38 -37.64
CA LEU B 277 -6.89 32.27 -38.07
C LEU B 277 -5.74 32.20 -37.04
N THR B 278 -6.13 32.25 -35.77
CA THR B 278 -5.22 32.17 -34.64
C THR B 278 -4.59 30.79 -34.42
N THR B 279 -5.42 29.73 -34.48
CA THR B 279 -5.00 28.39 -34.06
C THR B 279 -5.15 27.29 -35.11
N GLY B 280 -5.89 27.55 -36.19
CA GLY B 280 -6.02 26.59 -37.28
C GLY B 280 -7.02 25.51 -36.94
N ILE B 281 -7.23 24.57 -37.87
CA ILE B 281 -8.25 23.55 -37.67
C ILE B 281 -7.62 22.33 -37.07
N GLN B 282 -8.11 21.88 -35.93
CA GLN B 282 -7.51 20.70 -35.29
C GLN B 282 -7.97 19.30 -35.83
N TYR B 283 -9.20 19.18 -36.29
CA TYR B 283 -9.62 17.91 -36.88
C TYR B 283 -10.84 18.08 -37.72
N LEU B 284 -11.28 16.98 -38.33
CA LEU B 284 -12.46 16.98 -39.20
C LEU B 284 -13.51 15.96 -38.75
N GLU B 285 -14.78 16.40 -38.68
CA GLU B 285 -15.91 15.53 -38.40
C GLU B 285 -16.76 15.27 -39.63
N PHE B 286 -17.01 14.01 -39.96
CA PHE B 286 -17.81 13.71 -41.12
C PHE B 286 -19.20 13.30 -40.73
N ARG B 287 -20.19 13.98 -41.26
CA ARG B 287 -21.58 13.76 -40.85
C ARG B 287 -22.33 12.95 -41.91
N LEU B 288 -21.59 12.44 -42.89
CA LEU B 288 -22.19 11.87 -44.09
C LEU B 288 -23.03 10.62 -43.81
N PHE B 289 -22.65 9.85 -42.79
CA PHE B 289 -23.06 8.44 -42.69
C PHE B 289 -24.44 8.17 -42.13
N ASP B 290 -24.93 6.98 -42.50
CA ASP B 290 -26.20 6.45 -42.05
C ASP B 290 -25.90 5.27 -41.13
N LEU B 291 -26.74 5.01 -40.13
CA LEU B 291 -26.52 3.84 -39.27
C LEU B 291 -26.59 2.61 -40.15
N ASN B 292 -25.83 1.58 -39.80
CA ASN B 292 -25.92 0.34 -40.51
C ASN B 292 -26.71 -0.66 -39.68
N PRO B 293 -27.83 -1.14 -40.24
CA PRO B 293 -28.78 -2.01 -39.54
C PRO B 293 -28.19 -3.39 -39.32
N PHE B 294 -27.41 -3.83 -40.28
CA PHE B 294 -26.68 -5.09 -40.19
C PHE B 294 -25.64 -5.15 -39.08
N GLU B 295 -24.88 -4.09 -38.87
CA GLU B 295 -23.96 -4.12 -37.76
C GLU B 295 -24.63 -3.65 -36.46
N ILE B 296 -24.25 -4.31 -35.38
CA ILE B 296 -24.84 -4.16 -34.07
C ILE B 296 -24.83 -2.74 -33.55
N TYR B 297 -23.75 -2.01 -33.81
CA TYR B 297 -23.59 -0.69 -33.22
C TYR B 297 -23.76 0.35 -34.29
N GLY B 298 -24.06 -0.11 -35.49
CA GLY B 298 -24.34 0.79 -36.59
C GLY B 298 -23.15 1.13 -37.45
N ILE B 299 -22.00 0.55 -37.16
CA ILE B 299 -20.82 0.69 -38.01
C ILE B 299 -20.05 -0.60 -38.07
N SER B 300 -19.22 -0.74 -39.07
CA SER B 300 -18.37 -1.89 -39.21
C SER B 300 -16.94 -1.42 -39.05
N LEU B 301 -16.10 -2.19 -38.36
CA LEU B 301 -14.68 -1.82 -38.22
C LEU B 301 -14.08 -1.61 -39.60
N LYS B 302 -14.45 -2.50 -40.54
CA LYS B 302 -13.97 -2.45 -41.91
C LYS B 302 -14.38 -1.15 -42.57
N ASP B 303 -15.67 -0.82 -42.49
CA ASP B 303 -16.14 0.44 -43.05
C ASP B 303 -15.37 1.66 -42.46
N ALA B 304 -15.18 1.71 -41.14
CA ALA B 304 -14.40 2.80 -40.52
C ALA B 304 -12.96 2.83 -41.04
N LYS B 305 -12.41 1.66 -41.27
CA LYS B 305 -11.06 1.59 -41.80
C LYS B 305 -11.13 2.08 -43.21
N PHE B 306 -12.19 1.73 -43.92
CA PHE B 306 -12.30 2.05 -45.34
C PHE B 306 -12.27 3.52 -45.45
N ILE B 307 -13.13 4.14 -44.66
CA ILE B 307 -13.26 5.59 -44.60
C ILE B 307 -11.94 6.31 -44.33
N HIS B 308 -11.20 5.78 -43.35
CA HIS B 308 -9.89 6.29 -43.03
C HIS B 308 -8.99 6.33 -44.29
N VAL B 309 -8.83 5.18 -44.93
CA VAL B 309 -8.05 5.08 -46.16
C VAL B 309 -8.58 6.09 -47.19
N PHE B 310 -9.91 6.21 -47.28
CA PHE B 310 -10.54 7.12 -48.23
C PHE B 310 -10.22 8.58 -47.93
N ALA B 311 -10.21 8.94 -46.66
CA ALA B 311 -9.87 10.30 -46.29
C ALA B 311 -8.45 10.56 -46.69
N LEU B 312 -7.57 9.58 -46.52
CA LEU B 312 -6.20 9.82 -46.89
C LEU B 312 -6.12 9.94 -48.37
N PHE B 313 -6.96 9.23 -49.10
CA PHE B 313 -6.90 9.35 -50.54
C PHE B 313 -7.30 10.73 -50.97
N ILE B 315 -6.76 13.49 -49.34
CA ILE B 315 -5.57 14.32 -49.15
C ILE B 315 -4.49 13.95 -50.19
N TRP B 316 -4.39 12.66 -50.47
CA TRP B 316 -3.31 12.08 -51.25
C TRP B 316 -3.33 12.52 -52.69
N ASP B 318 -3.47 14.29 -55.99
CA ASP B 318 -2.93 15.60 -56.32
C ASP B 318 -4.07 16.61 -56.63
N HIS B 319 -5.14 16.13 -57.26
CA HIS B 319 -6.40 16.89 -57.49
C HIS B 319 -6.25 18.21 -58.26
N ASP B 322 -11.63 22.90 -57.23
CA ASP B 322 -12.13 24.26 -57.12
C ASP B 322 -13.54 24.12 -56.57
N GLN B 323 -14.20 25.24 -56.27
CA GLN B 323 -15.52 25.15 -55.65
C GLN B 323 -16.49 24.41 -56.55
N GLU B 324 -16.44 24.68 -57.84
CA GLU B 324 -17.43 24.12 -58.75
C GLU B 324 -17.29 22.60 -58.85
N GLU B 325 -16.07 22.09 -58.86
CA GLU B 325 -15.84 20.65 -58.89
C GLU B 325 -16.49 20.10 -57.64
N VAL B 326 -16.32 20.79 -56.52
CA VAL B 326 -16.98 20.41 -55.28
C VAL B 326 -18.48 20.47 -55.47
N GLU B 327 -18.95 21.60 -55.98
CA GLU B 327 -20.35 21.82 -56.19
C GLU B 327 -20.89 20.72 -57.10
N LEU B 328 -20.14 20.38 -58.14
CA LEU B 328 -20.53 19.29 -59.01
C LEU B 328 -20.63 18.03 -58.17
N GLY B 329 -19.62 17.81 -57.35
CA GLY B 329 -19.57 16.62 -56.54
C GLY B 329 -20.81 16.56 -55.68
N LYS B 330 -21.16 17.68 -55.08
CA LYS B 330 -22.29 17.70 -54.18
C LYS B 330 -23.52 17.34 -54.96
N ALA B 331 -23.61 17.81 -56.19
CA ALA B 331 -24.76 17.51 -57.02
C ALA B 331 -24.85 16.00 -57.31
N ARG B 332 -23.70 15.41 -57.66
CA ARG B 332 -23.65 13.99 -57.94
C ARG B 332 -24.07 13.22 -56.69
N LEU B 333 -23.79 13.81 -55.53
CA LEU B 333 -24.12 13.18 -54.27
C LEU B 333 -25.64 13.08 -54.12
N ALA B 334 -26.35 14.16 -54.37
CA ALA B 334 -27.79 14.17 -54.12
C ALA B 334 -28.55 13.29 -55.11
N GLU B 335 -28.06 13.20 -56.35
CA GLU B 335 -28.75 12.41 -57.36
C GLU B 335 -28.62 10.93 -57.02
N VAL B 336 -27.41 10.52 -56.66
CA VAL B 336 -27.10 9.14 -56.33
C VAL B 336 -27.97 8.69 -55.16
N ALA B 337 -28.22 9.62 -54.25
CA ALA B 337 -29.06 9.36 -53.10
C ALA B 337 -30.42 8.86 -53.58
N PHE B 338 -31.04 9.67 -54.44
CA PHE B 338 -32.43 9.46 -54.86
C PHE B 338 -32.60 8.14 -55.61
N GLU B 339 -31.62 7.84 -56.45
CA GLU B 339 -31.66 6.64 -57.27
C GLU B 339 -32.06 5.42 -56.46
N HIS B 340 -32.83 4.51 -57.06
CA HIS B 340 -33.15 3.24 -56.42
C HIS B 340 -31.87 2.47 -56.17
N PRO B 341 -31.67 1.96 -54.94
CA PRO B 341 -30.39 1.34 -54.58
C PRO B 341 -30.01 0.21 -55.54
N LEU B 342 -31.01 -0.59 -55.91
CA LEU B 342 -30.78 -1.78 -56.71
C LEU B 342 -30.08 -1.44 -58.03
N GLU B 343 -30.56 -0.38 -58.69
CA GLU B 343 -30.10 -0.02 -60.04
C GLU B 343 -28.67 0.47 -60.01
N LYS B 344 -27.98 0.27 -61.13
CA LYS B 344 -26.55 0.55 -61.23
C LYS B 344 -26.22 2.04 -61.09
N THR B 345 -25.16 2.33 -60.35
CA THR B 345 -24.79 3.72 -60.08
C THR B 345 -24.49 4.46 -61.36
N ALA B 346 -24.76 5.77 -61.38
CA ALA B 346 -24.46 6.63 -62.53
C ALA B 346 -22.94 6.70 -62.84
N TYR B 347 -22.12 6.84 -61.80
CA TYR B 347 -20.69 7.00 -62.00
C TYR B 347 -19.87 5.90 -61.31
N ALA B 348 -20.14 4.64 -61.66
CA ALA B 348 -19.30 3.55 -61.21
C ALA B 348 -17.89 3.81 -61.73
N VAL B 349 -17.80 4.45 -62.89
CA VAL B 349 -16.54 4.69 -63.57
C VAL B 349 -15.60 5.56 -62.76
N GLU B 350 -16.15 6.68 -62.26
CA GLU B 350 -15.39 7.57 -61.41
C GLU B 350 -15.02 6.71 -60.20
N GLY B 351 -16.00 5.95 -59.71
CA GLY B 351 -15.82 5.15 -58.52
C GLY B 351 -14.75 4.10 -58.65
N GLU B 352 -14.75 3.36 -59.76
CA GLU B 352 -13.76 2.35 -59.99
C GLU B 352 -12.39 3.01 -60.01
N LEU B 353 -12.31 4.17 -60.65
CA LEU B 353 -11.03 4.86 -60.80
C LEU B 353 -10.50 5.30 -59.44
N VAL B 354 -11.38 5.83 -58.60
CA VAL B 354 -10.98 6.23 -57.26
C VAL B 354 -10.43 5.02 -56.49
N LEU B 355 -11.18 3.92 -56.47
CA LEU B 355 -10.81 2.75 -55.69
C LEU B 355 -9.51 2.16 -56.21
N LEU B 356 -9.29 2.26 -57.52
CA LEU B 356 -8.09 1.69 -58.09
C LEU B 356 -6.88 2.56 -57.67
N GLU B 357 -6.99 3.87 -57.79
CA GLU B 357 -5.87 4.67 -57.36
C GLU B 357 -5.60 4.32 -55.89
N LEU B 358 -6.68 4.14 -55.12
CA LEU B 358 -6.62 3.92 -53.68
C LEU B 358 -5.89 2.64 -53.40
N LEU B 359 -6.13 1.65 -54.23
CA LEU B 359 -5.39 0.43 -54.10
C LEU B 359 -3.91 0.82 -54.25
N SER B 360 -3.62 1.71 -55.21
CA SER B 360 -2.23 2.12 -55.49
C SER B 360 -1.62 2.75 -54.26
N LEU B 362 -2.21 2.17 -51.22
CA LEU B 362 -1.89 1.13 -50.24
C LEU B 362 -0.55 0.46 -50.53
N GLU B 363 -0.31 0.23 -51.81
CA GLU B 363 0.97 -0.29 -52.29
C GLU B 363 2.15 0.54 -51.74
N GLN B 364 2.12 1.85 -51.97
CA GLN B 364 3.22 2.72 -51.60
C GLN B 364 3.39 2.94 -50.09
N ILE B 365 2.30 2.87 -49.33
CA ILE B 365 2.39 3.01 -47.88
C ILE B 365 2.66 1.66 -47.22
N GLY B 366 2.66 0.59 -48.01
CA GLY B 366 2.75 -0.72 -47.40
C GLY B 366 1.67 -0.86 -46.34
N ALA B 367 0.44 -0.58 -46.75
CA ALA B 367 -0.73 -0.85 -45.94
C ALA B 367 -0.86 -2.32 -45.57
N GLU B 368 -1.40 -2.61 -44.39
CA GLU B 368 -1.61 -3.99 -43.98
C GLU B 368 -2.55 -4.67 -44.97
N PRO B 369 -2.46 -6.02 -45.10
CA PRO B 369 -3.30 -6.84 -46.00
C PRO B 369 -4.80 -6.65 -45.85
N GLU B 370 -5.27 -6.48 -44.62
CA GLU B 370 -6.69 -6.33 -44.34
C GLU B 370 -7.33 -5.24 -45.21
N LEU B 371 -6.59 -4.15 -45.36
CA LEU B 371 -7.09 -3.03 -46.14
C LEU B 371 -7.28 -3.48 -47.58
N PHE B 372 -6.30 -4.18 -48.13
CA PHE B 372 -6.41 -4.66 -49.50
C PHE B 372 -7.69 -5.47 -49.67
N GLU B 373 -7.98 -6.36 -48.72
CA GLU B 373 -9.17 -7.19 -48.78
C GLU B 373 -10.41 -6.32 -48.82
N ILE B 374 -10.41 -5.24 -48.04
CA ILE B 374 -11.56 -4.35 -47.95
C ILE B 374 -11.80 -3.56 -49.23
N VAL B 375 -10.78 -2.91 -49.78
CA VAL B 375 -11.01 -2.16 -51.00
C VAL B 375 -11.38 -3.12 -52.10
N LYS B 376 -10.78 -4.30 -52.09
CA LYS B 376 -11.15 -5.27 -53.08
C LYS B 376 -12.66 -5.52 -52.98
N GLU B 377 -13.19 -5.84 -51.80
CA GLU B 377 -14.62 -6.17 -51.67
C GLU B 377 -15.48 -5.02 -52.15
N LYS B 378 -15.02 -3.79 -51.94
CA LYS B 378 -15.79 -2.63 -52.37
C LYS B 378 -15.83 -2.57 -53.90
N LEU B 379 -14.71 -2.94 -54.52
CA LEU B 379 -14.63 -2.98 -55.97
C LEU B 379 -15.64 -3.97 -56.50
N THR B 380 -15.77 -5.12 -55.81
CA THR B 380 -16.78 -6.12 -56.12
C THR B 380 -18.15 -5.49 -56.06
N GLN B 381 -18.35 -4.62 -55.08
CA GLN B 381 -19.64 -3.96 -54.88
C GLN B 381 -20.08 -3.03 -56.03
N PHE B 382 -19.12 -2.34 -56.66
CA PHE B 382 -19.44 -1.51 -57.82
C PHE B 382 -20.08 -2.39 -58.89
N THR B 383 -19.45 -3.53 -59.15
CA THR B 383 -19.91 -4.52 -60.13
C THR B 383 -21.25 -5.19 -59.76
N ASP B 384 -21.34 -5.70 -58.54
CA ASP B 384 -22.58 -6.24 -57.99
C ASP B 384 -23.22 -5.19 -57.09
N PRO B 385 -24.31 -4.59 -57.54
CA PRO B 385 -25.00 -3.62 -56.68
C PRO B 385 -25.53 -4.20 -55.39
N SER B 386 -25.90 -5.47 -55.39
CA SER B 386 -26.50 -6.10 -54.22
C SER B 386 -25.53 -6.19 -53.03
N LYS B 387 -24.23 -6.32 -53.32
CA LYS B 387 -23.14 -6.39 -52.31
C LYS B 387 -22.99 -5.07 -51.52
N THR B 388 -23.43 -3.99 -52.16
CA THR B 388 -23.58 -2.69 -51.52
C THR B 388 -24.49 -2.76 -50.28
N VAL B 389 -24.13 -2.00 -49.26
CA VAL B 389 -24.93 -1.92 -48.02
C VAL B 389 -26.35 -1.42 -48.31
N ALA B 390 -26.44 -0.48 -49.25
CA ALA B 390 -27.73 0.05 -49.64
C ALA B 390 -28.62 -1.05 -50.25
N GLY B 391 -28.04 -1.78 -51.22
CA GLY B 391 -28.73 -2.83 -51.95
C GLY B 391 -29.14 -4.00 -51.08
N ARG B 392 -28.23 -4.48 -50.25
CA ARG B 392 -28.51 -5.61 -49.35
C ARG B 392 -29.70 -5.33 -48.42
N LEU B 393 -29.84 -4.07 -48.01
CA LEU B 393 -30.86 -3.71 -47.07
C LEU B 393 -32.24 -3.82 -47.67
N VAL B 394 -32.36 -3.51 -48.97
CA VAL B 394 -33.68 -3.46 -49.61
C VAL B 394 -34.31 -4.85 -49.69
N ARG B 395 -33.54 -5.85 -50.11
CA ARG B 395 -34.03 -7.21 -50.12
C ARG B 395 -34.53 -7.57 -48.73
N ALA B 396 -33.71 -7.34 -47.72
CA ALA B 396 -34.06 -7.75 -46.37
C ALA B 396 -35.26 -6.97 -45.85
N ILE B 397 -35.25 -5.66 -46.08
CA ILE B 397 -36.36 -4.84 -45.64
C ILE B 397 -37.59 -5.32 -46.38
N GLU B 398 -37.42 -5.61 -47.68
CA GLU B 398 -38.51 -6.10 -48.51
C GLU B 398 -39.00 -7.40 -47.90
N GLN B 399 -38.07 -8.24 -47.49
CA GLN B 399 -38.37 -9.54 -46.92
C GLN B 399 -39.09 -9.40 -45.58
N ALA B 400 -38.73 -8.37 -44.81
CA ALA B 400 -39.41 -8.08 -43.54
C ALA B 400 -40.80 -7.54 -43.84
N GLY B 401 -40.94 -6.92 -45.01
CA GLY B 401 -42.21 -6.38 -45.46
C GLY B 401 -42.47 -4.95 -45.02
N SER B 402 -41.70 -4.48 -44.04
CA SER B 402 -41.89 -3.12 -43.58
C SER B 402 -40.59 -2.50 -43.05
N ASP B 403 -40.48 -1.17 -43.16
CA ASP B 403 -39.36 -0.45 -42.60
C ASP B 403 -39.38 -0.66 -41.11
N GLN B 404 -40.57 -0.59 -40.53
CA GLN B 404 -40.73 -0.78 -39.09
C GLN B 404 -40.49 -2.22 -38.62
N GLN B 405 -40.92 -3.19 -39.42
CA GLN B 405 -40.82 -4.60 -39.06
C GLN B 405 -39.36 -5.09 -38.88
N LEU B 406 -38.48 -4.70 -39.79
CA LEU B 406 -37.08 -5.14 -39.71
C LEU B 406 -36.33 -4.39 -38.60
N GLY B 407 -36.57 -3.09 -38.53
CA GLY B 407 -35.97 -2.29 -37.48
C GLY B 407 -36.37 -2.89 -36.15
N ALA B 408 -37.67 -2.98 -35.91
CA ALA B 408 -38.20 -3.54 -34.67
C ALA B 408 -37.65 -4.94 -34.41
N GLN B 409 -37.63 -5.76 -35.46
CA GLN B 409 -37.11 -7.09 -35.37
C GLN B 409 -35.65 -6.98 -34.93
N LEU B 410 -34.91 -6.03 -35.47
CA LEU B 410 -33.48 -5.95 -35.19
C LEU B 410 -33.17 -5.39 -33.79
N ALA B 411 -34.10 -4.64 -33.20
CA ALA B 411 -33.94 -4.09 -31.83
C ALA B 411 -33.89 -5.20 -30.80
N GLN B 412 -34.69 -6.22 -31.01
CA GLN B 412 -34.76 -7.34 -30.10
C GLN B 412 -33.54 -8.23 -30.23
N GLN B 413 -33.03 -8.38 -31.45
CA GLN B 413 -31.87 -9.24 -31.70
C GLN B 413 -30.66 -8.71 -30.99
N TYR B 414 -30.50 -7.38 -31.03
CA TYR B 414 -29.32 -6.74 -30.50
C TYR B 414 -29.37 -6.62 -28.98
N LYS B 415 -30.49 -6.17 -28.44
CA LYS B 415 -30.62 -6.10 -26.99
C LYS B 415 -30.48 -7.51 -26.50
N ALA B 416 -31.12 -8.41 -27.21
CA ALA B 416 -31.18 -9.80 -26.83
C ALA B 416 -29.79 -10.41 -26.93
N GLN B 417 -29.08 -10.13 -28.01
CA GLN B 417 -27.76 -10.74 -28.20
C GLN B 417 -26.84 -10.34 -27.08
N ALA B 418 -26.95 -9.10 -26.66
CA ALA B 418 -26.10 -8.57 -25.63
C ALA B 418 -26.38 -9.12 -24.21
N PHE B 419 -27.65 -9.46 -23.92
CA PHE B 419 -28.04 -9.96 -22.59
C PHE B 419 -27.56 -11.38 -22.33
N GLU B 420 -26.78 -11.94 -23.26
CA GLU B 420 -26.21 -13.28 -23.08
C GLU B 420 -25.19 -13.37 -21.94
N ARG B 421 -24.30 -12.40 -21.82
CA ARG B 421 -23.27 -12.48 -20.79
C ARG B 421 -23.34 -11.20 -20.00
N PHE B 422 -24.46 -11.02 -19.29
CA PHE B 422 -24.82 -9.77 -18.61
C PHE B 422 -23.75 -9.33 -17.64
N TYR B 423 -23.07 -10.28 -17.02
CA TYR B 423 -22.08 -9.96 -16.01
C TYR B 423 -20.83 -9.32 -16.61
N ALA B 424 -20.52 -9.65 -17.86
CA ALA B 424 -19.30 -9.20 -18.48
C ALA B 424 -19.54 -8.32 -19.69
N LEU B 425 -18.69 -7.30 -19.82
CA LEU B 425 -18.67 -6.40 -20.96
C LEU B 425 -17.90 -7.01 -22.14
N SER B 426 -18.58 -7.10 -23.27
CA SER B 426 -17.98 -7.67 -24.45
C SER B 426 -16.60 -7.06 -24.71
N ALA B 427 -16.49 -5.72 -24.59
CA ALA B 427 -15.28 -4.94 -24.93
C ALA B 427 -14.04 -5.34 -24.17
N PHE B 428 -14.24 -5.74 -22.92
CA PHE B 428 -13.12 -6.08 -22.03
C PHE B 428 -13.30 -7.41 -21.28
N ASP B 429 -13.59 -8.48 -22.02
CA ASP B 429 -13.89 -9.77 -21.44
C ASP B 429 -12.78 -10.27 -20.57
N ASN B 430 -11.56 -9.88 -20.94
CA ASN B 430 -10.38 -10.35 -20.23
C ASN B 430 -10.24 -9.72 -18.87
N GLU B 432 -10.56 -8.56 -15.18
CA GLU B 432 -11.29 -9.24 -14.11
C GLU B 432 -12.77 -8.81 -14.01
N LEU B 433 -13.65 -9.70 -13.60
CA LEU B 433 -15.04 -9.34 -13.50
C LEU B 433 -15.28 -8.22 -12.51
N SER B 434 -14.43 -8.10 -11.49
CA SER B 434 -14.65 -7.03 -10.54
C SER B 434 -14.48 -5.77 -11.37
N THR B 435 -13.41 -5.75 -12.18
CA THR B 435 -13.03 -4.56 -12.95
C THR B 435 -13.94 -4.28 -14.12
N GLN B 436 -14.34 -5.30 -14.85
CA GLN B 436 -15.30 -5.11 -15.93
C GLN B 436 -16.49 -4.38 -15.40
N ALA B 437 -17.03 -4.85 -14.28
CA ALA B 437 -18.24 -4.26 -13.76
C ALA B 437 -17.97 -2.83 -13.39
N LEU B 438 -16.87 -2.56 -12.70
CA LEU B 438 -16.57 -1.17 -12.35
C LEU B 438 -16.68 -0.32 -13.59
N LEU B 439 -16.14 -0.80 -14.69
CA LEU B 439 -16.18 -0.05 -15.93
C LEU B 439 -17.58 0.35 -16.19
N PHE B 440 -18.45 -0.65 -16.17
CA PHE B 440 -19.84 -0.49 -16.53
C PHE B 440 -20.40 0.66 -15.74
N ASP B 441 -20.22 0.59 -14.43
CA ASP B 441 -20.77 1.58 -13.57
C ASP B 441 -20.27 2.92 -14.05
N VAL B 442 -18.99 3.02 -14.34
CA VAL B 442 -18.38 4.29 -14.68
C VAL B 442 -19.04 4.86 -15.93
N ILE B 443 -19.07 4.06 -16.97
CA ILE B 443 -19.63 4.50 -18.23
C ILE B 443 -21.11 4.84 -18.09
N GLN B 444 -21.85 4.09 -17.28
CA GLN B 444 -23.27 4.38 -17.07
C GLN B 444 -23.47 5.67 -16.25
N LYS B 445 -22.53 5.97 -15.37
CA LYS B 445 -22.66 7.09 -14.44
C LYS B 445 -22.01 8.32 -15.04
N GLY B 446 -21.34 8.14 -16.17
CA GLY B 446 -20.80 9.26 -16.88
C GLY B 446 -19.44 9.75 -16.40
N ILE B 447 -18.78 8.98 -15.53
CA ILE B 447 -17.43 9.35 -15.16
C ILE B 447 -16.49 8.96 -16.29
N HIS B 448 -15.50 9.79 -16.55
CA HIS B 448 -14.66 9.60 -17.70
C HIS B 448 -13.49 8.73 -17.29
N THR B 449 -13.26 7.62 -17.99
CA THR B 449 -12.22 6.70 -17.58
C THR B 449 -11.18 6.36 -18.67
N GLU B 450 -9.95 6.08 -18.24
CA GLU B 450 -8.86 5.72 -19.14
C GLU B 450 -8.30 4.41 -18.65
N ILE B 451 -8.11 3.47 -19.54
CA ILE B 451 -7.53 2.21 -19.12
C ILE B 451 -6.03 2.41 -19.24
N LEU B 452 -5.33 2.67 -18.13
CA LEU B 452 -3.87 2.82 -18.18
C LEU B 452 -3.20 1.50 -18.51
N ASP B 453 -3.65 0.40 -17.89
CA ASP B 453 -3.15 -0.93 -18.24
C ASP B 453 -4.26 -1.96 -18.32
N GLU B 454 -4.66 -2.30 -19.54
CA GLU B 454 -5.71 -3.27 -19.76
C GLU B 454 -5.35 -4.51 -18.94
N ASN B 455 -4.09 -4.94 -19.02
CA ASN B 455 -3.63 -6.17 -18.40
C ASN B 455 -3.51 -6.07 -16.89
N ASP B 456 -3.14 -4.90 -16.37
CA ASP B 456 -2.96 -4.78 -14.93
C ASP B 456 -4.14 -4.19 -14.18
N GLN B 457 -5.23 -3.93 -14.88
CA GLN B 457 -6.46 -3.53 -14.24
C GLN B 457 -6.26 -2.23 -13.46
N PHE B 458 -5.55 -1.30 -14.09
CA PHE B 458 -5.35 0.04 -13.56
C PHE B 458 -6.23 1.03 -14.33
N LEU B 459 -7.18 1.63 -13.63
CA LEU B 459 -8.10 2.55 -14.25
C LEU B 459 -7.80 3.93 -13.73
N CYS B 460 -7.97 4.94 -14.59
CA CYS B 460 -7.88 6.35 -14.19
C CYS B 460 -9.20 7.05 -14.52
N LEU B 461 -9.82 7.62 -13.49
CA LEU B 461 -11.16 8.16 -13.60
C LEU B 461 -11.13 9.62 -13.31
N LYS B 462 -11.64 10.44 -14.22
CA LYS B 462 -11.74 11.86 -13.93
C LYS B 462 -13.12 12.36 -14.28
N TYR B 463 -13.74 13.02 -13.32
CA TYR B 463 -14.96 13.76 -13.57
C TYR B 463 -14.79 15.20 -13.08
N GLY B 464 -14.83 16.18 -13.98
CA GLY B 464 -14.47 17.52 -13.59
C GLY B 464 -12.96 17.57 -13.34
N ASP B 465 -12.52 18.49 -12.49
CA ASP B 465 -11.09 18.63 -12.22
C ASP B 465 -10.57 17.43 -11.44
N HIS B 466 -11.44 16.89 -10.61
CA HIS B 466 -11.20 15.73 -9.77
C HIS B 466 -10.72 14.53 -10.55
N ILE B 467 -9.63 13.94 -10.07
CA ILE B 467 -9.09 12.70 -10.66
C ILE B 467 -8.83 11.64 -9.57
N GLU B 468 -9.25 10.41 -9.83
CA GLU B 468 -9.04 9.29 -8.91
C GLU B 468 -8.66 7.97 -9.62
N TYR B 469 -7.62 7.32 -9.12
CA TYR B 469 -7.10 6.10 -9.73
C TYR B 469 -7.50 4.94 -8.88
N VAL B 470 -7.92 3.88 -9.53
CA VAL B 470 -8.31 2.67 -8.85
C VAL B 470 -7.58 1.52 -9.56
N LYS B 471 -7.23 0.49 -8.80
CA LYS B 471 -6.60 -0.71 -9.36
C LYS B 471 -7.27 -1.93 -8.80
N ASN B 472 -7.79 -2.76 -9.69
CA ASN B 472 -8.51 -3.95 -9.29
C ASN B 472 -9.79 -3.59 -8.55
N GLY B 473 -10.36 -2.46 -8.92
CA GLY B 473 -11.63 -2.03 -8.39
C GLY B 473 -11.58 -1.53 -6.97
N ASN B 474 -11.12 -2.35 -6.04
CA ASN B 474 -11.20 -1.99 -4.62
C ASN B 474 -10.16 -0.99 -4.24
N THR B 476 -8.04 2.04 -3.81
CA THR B 476 -8.37 3.44 -3.98
C THR B 476 -7.42 4.35 -3.20
N SER B 477 -7.51 5.64 -3.47
CA SER B 477 -6.74 6.66 -2.77
C SER B 477 -7.04 6.61 -1.30
N HIS B 478 -8.28 6.26 -0.97
CA HIS B 478 -8.82 6.33 0.40
C HIS B 478 -8.23 5.30 1.37
N ASP B 479 -7.45 4.37 0.83
CA ASP B 479 -6.76 3.40 1.65
C ASP B 479 -5.31 3.82 1.85
N SER B 480 -4.90 4.09 3.09
CA SER B 480 -3.47 4.25 3.37
C SER B 480 -2.69 2.98 2.97
N TYR B 481 -1.39 3.10 2.74
CA TYR B 481 -0.64 1.89 2.32
C TYR B 481 -0.54 0.91 3.48
N ILE B 482 -0.47 1.48 4.68
CA ILE B 482 -0.18 0.72 5.89
C ILE B 482 -1.27 -0.26 6.24
N SER B 483 -2.51 0.04 5.85
CA SER B 483 -3.60 -0.89 6.11
C SER B 483 -3.24 -2.22 5.49
N PRO B 484 -3.07 -2.23 4.16
CA PRO B 484 -2.74 -3.47 3.48
C PRO B 484 -1.48 -4.04 4.07
N LEU B 485 -0.54 -3.17 4.38
CA LEU B 485 0.69 -3.60 4.98
C LEU B 485 0.39 -4.39 6.23
N ILE B 486 -0.62 -3.96 6.97
CA ILE B 486 -0.95 -4.59 8.24
C ILE B 486 -1.54 -5.96 8.00
N GLU B 488 -1.37 -7.98 5.35
CA GLU B 488 -0.50 -8.97 4.75
C GLU B 488 0.23 -9.68 5.87
N ASN B 489 0.71 -8.93 6.85
CA ASN B 489 1.62 -9.50 7.85
C ASN B 489 0.98 -10.49 8.80
N LYS B 490 -0.20 -10.17 9.32
CA LYS B 490 -0.93 -11.10 10.17
C LYS B 490 -0.39 -11.14 11.58
N VAL B 491 0.91 -11.27 11.76
CA VAL B 491 1.44 -11.14 13.10
C VAL B 491 0.99 -9.79 13.61
N VAL B 492 1.10 -8.80 12.73
CA VAL B 492 0.77 -7.45 13.11
C VAL B 492 -0.74 -7.36 13.26
N THR B 493 -1.46 -7.96 12.32
CA THR B 493 -2.90 -7.84 12.37
C THR B 493 -3.32 -8.51 13.64
N LYS B 494 -2.77 -9.68 13.90
CA LYS B 494 -3.13 -10.46 15.07
C LYS B 494 -2.87 -9.65 16.32
N LYS B 495 -1.70 -9.03 16.34
CA LYS B 495 -1.31 -8.27 17.51
C LYS B 495 -2.14 -6.97 17.60
N VAL B 496 -2.51 -6.40 16.45
CA VAL B 496 -3.22 -5.14 16.46
C VAL B 496 -4.70 -5.39 16.74
N LEU B 497 -5.23 -6.47 16.20
CA LEU B 497 -6.63 -6.85 16.38
C LEU B 497 -6.96 -7.22 17.83
N GLN B 498 -6.07 -7.99 18.48
CA GLN B 498 -6.28 -8.40 19.86
C GLN B 498 -6.32 -7.18 20.76
N LYS B 499 -5.51 -6.17 20.42
CA LYS B 499 -5.44 -4.94 21.20
C LYS B 499 -6.72 -4.16 21.00
N ALA B 500 -7.24 -4.22 19.77
CA ALA B 500 -8.56 -3.68 19.49
C ALA B 500 -9.56 -4.28 20.46
N GLY B 501 -9.24 -5.48 20.96
CA GLY B 501 -10.04 -6.24 21.92
C GLY B 501 -10.85 -7.32 21.25
N PHE B 502 -10.71 -7.47 19.95
CA PHE B 502 -11.50 -8.44 19.21
C PHE B 502 -11.00 -9.86 19.48
N ASN B 503 -11.83 -10.84 19.11
CA ASN B 503 -11.48 -12.24 19.28
C ASN B 503 -10.69 -12.75 18.13
N VAL B 504 -9.41 -12.96 18.39
CA VAL B 504 -8.51 -13.45 17.38
C VAL B 504 -8.04 -14.79 17.83
N PRO B 505 -8.12 -15.79 16.94
CA PRO B 505 -7.64 -17.16 17.20
C PRO B 505 -6.16 -17.14 17.45
N GLN B 506 -5.73 -17.82 18.49
CA GLN B 506 -4.33 -17.75 18.88
C GLN B 506 -3.53 -18.94 18.34
N SER B 507 -2.33 -18.67 17.83
CA SER B 507 -1.40 -19.70 17.42
C SER B 507 -0.19 -19.67 18.37
N VAL B 508 0.29 -20.85 18.77
CA VAL B 508 1.47 -20.97 19.60
C VAL B 508 2.53 -21.86 18.96
N GLU B 509 3.76 -21.36 18.82
CA GLU B 509 4.80 -22.09 18.10
C GLU B 509 5.95 -22.47 19.02
N PHE B 510 6.31 -23.75 19.03
CA PHE B 510 7.34 -24.23 19.94
C PHE B 510 8.53 -24.75 19.19
N THR B 511 9.71 -24.20 19.49
CA THR B 511 10.96 -24.68 18.90
C THR B 511 11.33 -26.02 19.50
N SER B 512 11.09 -26.20 20.78
CA SER B 512 11.52 -27.40 21.48
C SER B 512 10.40 -28.11 22.24
N LEU B 513 10.31 -29.42 22.06
CA LEU B 513 9.21 -30.23 22.59
C LEU B 513 9.16 -30.32 24.12
N GLU B 514 10.30 -30.34 24.78
CA GLU B 514 10.23 -30.44 26.23
C GLU B 514 9.51 -29.23 26.76
N LYS B 515 9.79 -28.08 26.18
CA LYS B 515 9.15 -26.83 26.58
C LYS B 515 7.65 -26.95 26.33
N ALA B 516 7.31 -27.65 25.25
CA ALA B 516 5.93 -27.80 24.83
C ALA B 516 5.13 -28.61 25.84
N VAL B 517 5.71 -29.70 26.33
CA VAL B 517 4.99 -30.47 27.31
C VAL B 517 4.71 -29.54 28.48
N ALA B 518 5.71 -28.75 28.87
CA ALA B 518 5.58 -27.87 30.02
C ALA B 518 4.44 -26.91 29.81
N SER B 519 4.26 -26.54 28.55
CA SER B 519 3.34 -25.47 28.19
C SER B 519 1.91 -25.96 28.05
N TYR B 520 1.61 -27.13 28.63
CA TYR B 520 0.33 -27.80 28.45
C TYR B 520 -0.75 -27.04 29.19
N ALA B 521 -0.33 -26.30 30.18
CA ALA B 521 -1.27 -25.53 30.95
C ALA B 521 -1.96 -24.48 30.08
N LEU B 522 -1.28 -23.96 29.06
CA LEU B 522 -1.80 -22.84 28.29
C LEU B 522 -3.01 -23.12 27.40
N PHE B 523 -3.26 -24.40 27.13
CA PHE B 523 -4.38 -24.79 26.27
C PHE B 523 -5.35 -25.72 27.01
N ARG B 526 -9.84 -26.25 26.11
CA ARG B 526 -9.79 -25.56 24.81
C ARG B 526 -9.62 -26.55 23.63
N ALA B 527 -9.95 -26.12 22.42
CA ALA B 527 -9.85 -27.00 21.25
C ALA B 527 -8.74 -26.54 20.36
N VAL B 528 -7.74 -27.41 20.18
CA VAL B 528 -6.54 -27.09 19.44
C VAL B 528 -6.16 -28.17 18.39
N VAL B 529 -5.29 -27.81 17.47
CA VAL B 529 -4.76 -28.71 16.45
C VAL B 529 -3.28 -28.62 16.51
N ILE B 530 -2.58 -29.74 16.55
CA ILE B 530 -1.15 -29.69 16.61
C ILE B 530 -0.61 -30.18 15.30
N LYS B 531 0.12 -29.30 14.61
CA LYS B 531 0.73 -29.71 13.36
C LYS B 531 2.18 -29.30 13.30
N PRO B 532 2.92 -29.96 12.43
CA PRO B 532 4.31 -29.62 12.07
C PRO B 532 4.38 -28.49 11.02
N LYS B 533 5.31 -27.56 11.22
CA LYS B 533 5.47 -26.46 10.28
C LYS B 533 5.41 -27.05 8.88
N SER B 534 6.22 -28.04 8.61
CA SER B 534 6.25 -28.57 7.27
C SER B 534 6.05 -30.06 7.36
N THR B 535 4.93 -30.55 6.86
CA THR B 535 4.70 -31.99 6.87
C THR B 535 3.99 -32.36 5.62
N ASN B 536 4.07 -33.64 5.28
CA ASN B 536 3.47 -34.15 4.07
C ASN B 536 2.56 -35.32 4.47
N TYR B 537 1.55 -35.59 3.66
CA TYR B 537 0.64 -36.66 3.98
C TYR B 537 -0.01 -36.45 5.35
N GLY B 538 -0.20 -35.18 5.71
CA GLY B 538 -0.87 -34.81 6.93
C GLY B 538 -0.28 -35.42 8.18
N LEU B 539 1.05 -35.60 8.23
CA LEU B 539 1.68 -36.29 9.35
C LEU B 539 1.93 -35.40 10.53
N GLY B 540 1.47 -35.83 11.70
CA GLY B 540 1.70 -35.08 12.94
C GLY B 540 0.54 -34.20 13.35
N ILE B 541 -0.36 -33.98 12.41
CA ILE B 541 -1.52 -33.17 12.64
C ILE B 541 -2.36 -33.97 13.60
N THR B 542 -2.65 -33.36 14.75
CA THR B 542 -3.53 -33.93 15.78
C THR B 542 -4.68 -32.94 16.04
N ILE B 543 -5.92 -33.37 15.96
CA ILE B 543 -7.03 -32.45 16.18
C ILE B 543 -7.85 -32.72 17.46
N PHE B 544 -7.82 -31.78 18.39
CA PHE B 544 -8.60 -31.93 19.62
C PHE B 544 -9.79 -30.99 19.55
N GLN B 545 -10.95 -31.52 19.21
CA GLN B 545 -12.15 -30.71 19.02
C GLN B 545 -12.98 -30.85 20.28
N GLN B 546 -13.01 -29.84 21.11
CA GLN B 546 -13.69 -30.00 22.38
C GLN B 546 -12.89 -31.01 23.17
N GLY B 547 -11.56 -31.00 23.04
CA GLY B 547 -10.84 -32.19 23.43
C GLY B 547 -9.58 -32.23 24.28
N VAL B 548 -9.01 -31.11 24.72
CA VAL B 548 -7.71 -31.21 25.41
C VAL B 548 -7.83 -31.81 26.82
N GLN B 549 -8.59 -32.92 26.97
CA GLN B 549 -9.04 -33.42 28.28
C GLN B 549 -7.97 -34.11 29.10
N ASN B 550 -7.02 -34.75 28.43
CA ASN B 550 -5.95 -35.46 29.14
C ASN B 550 -4.55 -35.02 28.72
N ARG B 551 -3.70 -34.84 29.71
CA ARG B 551 -2.33 -34.39 29.48
C ARG B 551 -1.50 -35.45 28.70
N GLU B 552 -1.82 -36.73 28.90
CA GLU B 552 -1.02 -37.78 28.30
C GLU B 552 -1.19 -37.83 26.80
N ASP B 553 -2.44 -37.67 26.34
CA ASP B 553 -2.71 -37.67 24.90
C ASP B 553 -2.12 -36.43 24.21
N PHE B 554 -2.07 -35.33 24.94
CA PHE B 554 -1.48 -34.10 24.42
C PHE B 554 -0.01 -34.26 24.15
N ALA B 555 0.67 -34.80 25.14
CA ALA B 555 2.08 -35.14 25.01
C ALA B 555 2.34 -36.03 23.79
N LYS B 556 1.54 -37.08 23.62
CA LYS B 556 1.68 -37.96 22.47
C LYS B 556 1.54 -37.19 21.16
N ALA B 557 0.60 -36.24 21.12
CA ALA B 557 0.34 -35.50 19.90
C ALA B 557 1.55 -34.71 19.48
N LEU B 558 2.19 -34.04 20.44
CA LEU B 558 3.43 -33.33 20.15
C LEU B 558 4.49 -34.27 19.57
N GLU B 559 4.76 -35.40 20.21
CA GLU B 559 5.77 -36.32 19.70
C GLU B 559 5.57 -36.63 18.23
N ILE B 560 4.39 -37.13 17.88
CA ILE B 560 4.17 -37.51 16.50
C ILE B 560 4.40 -36.30 15.63
N ALA B 561 3.95 -35.15 16.11
CA ALA B 561 4.11 -33.89 15.37
C ALA B 561 5.57 -33.54 15.18
N PHE B 562 6.37 -33.72 16.21
CA PHE B 562 7.74 -33.25 16.19
C PHE B 562 8.66 -34.00 15.24
N ARG B 563 8.48 -35.30 15.07
CA ARG B 563 9.27 -36.01 14.06
C ARG B 563 9.18 -35.40 12.67
N GLU B 564 8.06 -34.78 12.34
CA GLU B 564 7.82 -34.33 10.99
C GLU B 564 8.52 -33.02 10.70
N ASP B 565 8.64 -32.15 11.69
CA ASP B 565 9.31 -30.87 11.47
C ASP B 565 10.09 -30.42 12.68
N LYS B 566 11.00 -29.49 12.44
CA LYS B 566 11.84 -28.91 13.49
C LYS B 566 11.00 -28.04 14.41
N GLU B 567 9.96 -27.44 13.86
CA GLU B 567 9.06 -26.64 14.67
C GLU B 567 7.59 -27.05 14.45
N VAL B 568 6.87 -27.29 15.56
CA VAL B 568 5.45 -27.63 15.55
C VAL B 568 4.63 -26.45 16.10
N VAL B 570 0.73 -24.96 17.69
CA VAL B 570 -0.49 -25.29 18.41
C VAL B 570 -1.41 -24.14 18.09
N GLU B 571 -2.56 -24.44 17.54
CA GLU B 571 -3.49 -23.44 17.05
C GLU B 571 -4.86 -23.75 17.57
N ASP B 572 -5.70 -22.75 17.76
CA ASP B 572 -7.07 -23.01 18.19
C ASP B 572 -7.88 -23.62 17.03
N TYR B 573 -8.75 -24.58 17.35
CA TYR B 573 -9.64 -25.21 16.39
C TYR B 573 -11.07 -24.77 16.70
N LEU B 574 -11.64 -23.93 15.82
CA LEU B 574 -13.02 -23.43 16.01
C LEU B 574 -13.94 -23.92 14.91
N VAL B 575 -15.08 -24.45 15.29
CA VAL B 575 -15.92 -25.04 14.29
C VAL B 575 -17.08 -24.13 14.13
N GLY B 576 -17.41 -23.81 12.90
CA GLY B 576 -18.61 -23.04 12.62
C GLY B 576 -18.61 -22.72 11.15
N THR B 577 -19.75 -22.36 10.59
CA THR B 577 -19.74 -21.93 9.20
C THR B 577 -18.76 -20.75 9.06
N GLU B 578 -18.37 -20.39 7.85
CA GLU B 578 -17.48 -19.24 7.69
C GLU B 578 -18.08 -18.21 6.73
N TYR B 579 -17.94 -16.94 7.09
CA TYR B 579 -18.60 -15.90 6.34
C TYR B 579 -17.61 -14.86 5.94
N ARG B 580 -17.95 -14.10 4.92
CA ARG B 580 -17.10 -13.02 4.46
C ARG B 580 -17.91 -11.73 4.36
N PHE B 581 -17.53 -10.72 5.16
CA PHE B 581 -18.20 -9.44 5.16
C PHE B 581 -17.42 -8.37 4.45
N PHE B 582 -17.97 -7.85 3.35
CA PHE B 582 -17.38 -6.77 2.60
C PHE B 582 -17.65 -5.42 3.26
N VAL B 583 -16.64 -4.79 3.84
CA VAL B 583 -16.89 -3.52 4.49
C VAL B 583 -16.30 -2.34 3.76
N LEU B 584 -17.15 -1.37 3.42
CA LEU B 584 -16.69 -0.10 2.87
C LEU B 584 -17.10 1.00 3.83
N GLY B 585 -16.12 1.74 4.29
CA GLY B 585 -16.41 2.85 5.15
C GLY B 585 -16.84 2.41 6.53
N ASP B 586 -18.05 2.78 6.90
CA ASP B 586 -18.47 2.61 8.29
C ASP B 586 -19.48 1.50 8.40
N GLU B 587 -19.82 0.90 7.27
CA GLU B 587 -20.86 -0.14 7.31
C GLU B 587 -20.48 -1.40 6.54
N THR B 588 -21.00 -2.53 6.98
CA THR B 588 -20.84 -3.78 6.23
C THR B 588 -21.77 -3.78 4.99
N LEU B 589 -21.18 -3.52 3.82
CA LEU B 589 -21.91 -3.53 2.56
C LEU B 589 -22.61 -4.86 2.26
N ALA B 590 -21.92 -6.01 2.38
CA ALA B 590 -22.49 -7.32 2.00
C ALA B 590 -21.85 -8.52 2.71
N VAL B 591 -22.53 -9.67 2.67
CA VAL B 591 -22.02 -10.89 3.30
C VAL B 591 -22.19 -12.09 2.40
N LEU B 592 -21.15 -12.89 2.27
CA LEU B 592 -21.20 -14.02 1.35
C LEU B 592 -20.87 -15.34 2.02
N LEU B 593 -21.67 -16.34 1.73
CA LEU B 593 -21.49 -17.67 2.25
C LEU B 593 -21.15 -18.48 1.05
N ARG B 594 -20.30 -19.47 1.22
CA ARG B 594 -19.99 -20.33 0.12
C ARG B 594 -20.32 -21.77 0.50
N VAL B 595 -20.84 -22.54 -0.42
CA VAL B 595 -21.27 -23.88 -0.13
C VAL B 595 -20.71 -24.77 -1.19
N PRO B 596 -20.33 -26.00 -0.83
CA PRO B 596 -19.71 -27.00 -1.69
C PRO B 596 -20.60 -27.37 -2.85
N ALA B 597 -20.01 -27.77 -3.97
CA ALA B 597 -20.81 -28.17 -5.12
C ALA B 597 -21.94 -29.04 -4.63
N ASN B 598 -23.13 -28.82 -5.18
CA ASN B 598 -24.27 -29.65 -4.84
C ASN B 598 -25.41 -29.42 -5.78
N VAL B 599 -26.31 -30.40 -5.87
CA VAL B 599 -27.57 -30.24 -6.56
C VAL B 599 -28.65 -30.61 -5.58
N VAL B 600 -29.79 -29.93 -5.63
CA VAL B 600 -30.93 -30.26 -4.78
C VAL B 600 -31.73 -31.36 -5.43
N GLY B 601 -32.36 -32.19 -4.61
CA GLY B 601 -32.97 -33.39 -5.13
C GLY B 601 -34.41 -33.13 -5.51
N ASP B 602 -34.84 -31.90 -5.45
CA ASP B 602 -36.25 -31.59 -5.69
C ASP B 602 -36.79 -32.35 -6.92
N SER B 603 -36.13 -32.10 -8.05
CA SER B 603 -36.49 -32.78 -9.26
C SER B 603 -36.16 -34.23 -9.01
N VAL B 604 -37.08 -35.10 -9.34
CA VAL B 604 -36.76 -36.53 -9.42
C VAL B 604 -36.09 -36.76 -10.78
N HIS B 605 -34.87 -36.23 -10.89
CA HIS B 605 -34.12 -36.25 -12.12
C HIS B 605 -32.82 -36.95 -11.85
N SER B 606 -32.26 -37.58 -12.88
CA SER B 606 -30.93 -38.18 -12.79
C SER B 606 -30.00 -37.10 -12.25
N VAL B 607 -29.24 -37.40 -11.21
CA VAL B 607 -28.35 -36.37 -10.70
C VAL B 607 -27.58 -35.83 -11.88
N ALA B 608 -27.09 -36.67 -12.77
CA ALA B 608 -26.41 -36.16 -13.97
C ALA B 608 -27.32 -35.23 -14.75
N GLU B 609 -28.54 -35.68 -14.98
CA GLU B 609 -29.55 -34.86 -15.61
C GLU B 609 -29.72 -33.58 -14.77
N LEU B 610 -29.67 -33.73 -13.45
CA LEU B 610 -29.91 -32.67 -12.50
C LEU B 610 -28.74 -31.70 -12.47
N VAL B 611 -27.54 -32.25 -12.61
CA VAL B 611 -26.31 -31.49 -12.66
C VAL B 611 -26.26 -30.62 -13.91
N ALA B 612 -26.58 -31.20 -15.07
CA ALA B 612 -26.48 -30.49 -16.33
C ALA B 612 -27.40 -29.30 -16.27
N LYS B 614 -28.11 -27.54 -13.62
CA LYS B 614 -27.51 -26.47 -12.87
C LYS B 614 -26.44 -25.72 -13.67
N ASN B 615 -25.87 -26.37 -14.67
CA ASN B 615 -24.82 -25.74 -15.47
C ASN B 615 -25.33 -24.95 -16.69
N ASP B 616 -26.63 -24.96 -16.92
CA ASP B 616 -27.20 -24.22 -18.04
C ASP B 616 -27.18 -22.69 -17.87
N HIS B 617 -27.00 -22.20 -16.64
CA HIS B 617 -26.96 -20.78 -16.39
C HIS B 617 -25.70 -20.18 -16.94
N PRO B 618 -25.81 -18.97 -17.51
CA PRO B 618 -24.67 -18.22 -18.06
C PRO B 618 -23.59 -17.96 -17.02
N LEU B 619 -23.96 -17.90 -15.77
CA LEU B 619 -22.98 -17.56 -14.76
C LEU B 619 -22.08 -18.75 -14.56
N ARG B 620 -22.45 -19.90 -15.09
CA ARG B 620 -21.58 -21.07 -15.00
C ARG B 620 -20.66 -21.16 -16.18
N GLY B 621 -19.38 -21.03 -15.89
CA GLY B 621 -18.31 -21.29 -16.83
C GLY B 621 -17.13 -21.76 -16.00
N ASP B 622 -15.95 -21.85 -16.60
CA ASP B 622 -14.74 -21.99 -15.81
C ASP B 622 -14.77 -20.92 -14.72
N GLY B 623 -13.99 -21.07 -13.66
CA GLY B 623 -14.15 -20.18 -12.52
C GLY B 623 -13.72 -18.74 -12.71
N SER B 624 -12.67 -18.53 -13.51
CA SER B 624 -12.10 -17.20 -13.70
C SER B 624 -12.93 -16.34 -14.65
N ARG B 625 -13.32 -16.89 -15.78
CA ARG B 625 -13.98 -16.08 -16.79
C ARG B 625 -15.40 -15.78 -16.37
N THR B 626 -16.01 -16.67 -15.60
CA THR B 626 -17.39 -16.46 -15.20
C THR B 626 -17.46 -16.44 -13.68
N PRO B 627 -18.52 -15.88 -13.12
CA PRO B 627 -18.58 -15.78 -11.67
C PRO B 627 -18.61 -17.14 -10.99
N LEU B 628 -19.20 -18.13 -11.67
CA LEU B 628 -19.44 -19.45 -11.10
C LEU B 628 -18.72 -20.51 -11.89
N LYS B 629 -18.39 -21.61 -11.23
CA LYS B 629 -17.73 -22.75 -11.89
C LYS B 629 -18.73 -23.84 -12.14
N LYS B 630 -18.39 -24.72 -13.07
CA LYS B 630 -19.32 -25.70 -13.59
C LYS B 630 -19.13 -27.05 -12.94
N ILE B 631 -20.09 -27.51 -12.15
CA ILE B 631 -19.91 -28.76 -11.42
C ILE B 631 -19.64 -29.90 -12.38
N ALA B 632 -18.78 -30.82 -11.95
CA ALA B 632 -18.49 -32.00 -12.75
C ALA B 632 -18.65 -33.28 -11.92
N LEU B 633 -19.26 -34.31 -12.52
CA LEU B 633 -19.48 -35.54 -11.78
C LEU B 633 -18.32 -36.49 -12.01
N GLY B 634 -17.14 -36.09 -11.52
CA GLY B 634 -15.92 -36.89 -11.58
C GLY B 634 -15.84 -37.87 -10.41
N GLU B 635 -14.72 -38.57 -10.24
CA GLU B 635 -14.63 -39.57 -9.17
C GLU B 635 -14.64 -38.93 -7.80
N ILE B 636 -14.02 -37.78 -7.64
CA ILE B 636 -14.17 -37.12 -6.34
C ILE B 636 -15.65 -36.89 -6.08
N GLU B 637 -16.36 -36.36 -7.05
CA GLU B 637 -17.76 -36.05 -6.88
C GLU B 637 -18.60 -37.34 -6.78
N GLN B 638 -18.33 -38.29 -7.68
CA GLN B 638 -18.99 -39.59 -7.71
C GLN B 638 -18.85 -40.32 -6.38
N LEU B 639 -17.63 -40.34 -5.86
CA LEU B 639 -17.28 -40.98 -4.59
C LEU B 639 -18.09 -40.47 -3.45
N GLN B 640 -18.20 -39.17 -3.33
CA GLN B 640 -18.90 -38.61 -2.21
C GLN B 640 -20.38 -38.93 -2.33
N LEU B 641 -20.95 -38.73 -3.51
CA LEU B 641 -22.32 -39.12 -3.74
C LEU B 641 -22.56 -40.54 -3.21
N LYS B 642 -21.65 -41.45 -3.47
CA LYS B 642 -21.79 -42.82 -2.99
C LYS B 642 -21.84 -42.83 -1.48
N GLU B 643 -21.15 -41.91 -0.84
CA GLU B 643 -21.25 -41.83 0.60
C GLU B 643 -22.69 -41.41 0.95
N GLN B 644 -23.29 -40.60 0.10
CA GLN B 644 -24.68 -40.18 0.24
C GLN B 644 -25.63 -41.32 -0.20
N GLY B 645 -25.10 -42.42 -0.70
CA GLY B 645 -25.91 -43.53 -1.16
C GLY B 645 -26.33 -43.47 -2.63
N LEU B 646 -25.88 -42.44 -3.35
CA LEU B 646 -26.31 -42.17 -4.72
C LEU B 646 -25.31 -42.57 -5.80
N THR B 647 -25.80 -42.51 -7.03
CA THR B 647 -25.05 -42.79 -8.25
C THR B 647 -25.39 -41.66 -9.18
N ILE B 648 -24.59 -41.42 -10.20
CA ILE B 648 -25.00 -40.47 -11.22
C ILE B 648 -26.47 -40.70 -11.56
N ASP B 649 -26.85 -41.97 -11.63
CA ASP B 649 -28.14 -42.37 -12.13
C ASP B 649 -29.28 -42.26 -11.14
N SER B 650 -28.98 -42.21 -9.85
CA SER B 650 -30.05 -42.19 -8.86
C SER B 650 -30.87 -40.94 -8.95
N ILE B 651 -32.17 -41.03 -8.69
CA ILE B 651 -33.01 -39.82 -8.58
C ILE B 651 -33.22 -39.43 -7.12
N PRO B 652 -32.64 -38.28 -6.73
CA PRO B 652 -32.70 -37.76 -5.38
C PRO B 652 -34.12 -37.48 -5.00
N ALA B 653 -34.48 -37.86 -3.78
CA ALA B 653 -35.82 -37.68 -3.31
C ALA B 653 -36.04 -36.20 -3.28
N LYS B 654 -37.28 -35.75 -3.39
CA LYS B 654 -37.57 -34.33 -3.39
C LYS B 654 -36.81 -33.68 -2.24
N ASP B 655 -36.40 -32.44 -2.41
CA ASP B 655 -35.79 -31.68 -1.32
C ASP B 655 -34.70 -32.45 -0.56
N GLN B 656 -33.94 -33.26 -1.29
CA GLN B 656 -32.79 -33.93 -0.74
C GLN B 656 -31.58 -33.29 -1.36
N LEU B 657 -30.85 -32.51 -0.60
CA LEU B 657 -29.68 -31.89 -1.18
C LEU B 657 -28.59 -32.92 -1.18
N VAL B 658 -27.94 -33.16 -2.30
CA VAL B 658 -26.74 -33.98 -2.28
C VAL B 658 -25.60 -33.05 -2.47
N GLN B 659 -24.61 -33.11 -1.60
CA GLN B 659 -23.43 -32.33 -1.84
C GLN B 659 -22.53 -33.21 -2.69
N LEU B 660 -21.80 -32.64 -3.63
CA LEU B 660 -20.89 -33.41 -4.44
C LEU B 660 -19.43 -33.07 -4.13
N ARG B 661 -19.19 -32.15 -3.19
CA ARG B 661 -17.82 -31.81 -2.74
C ARG B 661 -17.78 -31.41 -1.23
N ALA B 662 -16.64 -31.63 -0.57
CA ALA B 662 -16.49 -31.25 0.83
C ALA B 662 -15.77 -29.91 0.91
N ASN B 663 -15.52 -29.38 -0.27
CA ASN B 663 -14.77 -28.16 -0.43
C ASN B 663 -15.72 -27.07 -0.94
N SER B 664 -15.74 -25.98 -0.19
CA SER B 664 -16.49 -24.80 -0.56
C SER B 664 -15.91 -23.96 -1.72
N ASN B 665 -14.59 -23.97 -1.98
CA ASN B 665 -14.12 -23.04 -3.00
C ASN B 665 -14.97 -23.28 -4.23
N ILE B 666 -15.43 -22.18 -4.85
CA ILE B 666 -16.25 -22.21 -6.05
C ILE B 666 -15.43 -22.68 -7.24
N SER B 667 -14.12 -22.73 -7.07
CA SER B 667 -13.25 -23.28 -8.10
C SER B 667 -13.79 -24.63 -8.49
N THR B 668 -14.16 -25.43 -7.47
CA THR B 668 -14.75 -26.77 -7.67
C THR B 668 -16.19 -26.72 -8.21
N GLY B 669 -16.96 -25.72 -7.81
CA GLY B 669 -18.30 -25.55 -8.32
C GLY B 669 -19.26 -25.14 -7.22
N GLY B 670 -18.70 -24.68 -6.13
CA GLY B 670 -19.48 -24.24 -4.99
C GLY B 670 -20.37 -23.08 -5.35
N ASP B 671 -21.46 -22.91 -4.59
CA ASP B 671 -22.43 -21.87 -4.85
C ASP B 671 -22.26 -20.78 -3.81
N SER B 672 -22.23 -19.51 -4.24
CA SER B 672 -22.15 -18.42 -3.31
C SER B 672 -23.55 -17.91 -3.11
N ILE B 673 -23.91 -17.74 -1.85
CA ILE B 673 -25.21 -17.26 -1.47
C ILE B 673 -25.14 -16.06 -0.58
N ASP B 674 -25.81 -14.97 -0.96
CA ASP B 674 -25.79 -13.73 -0.16
C ASP B 674 -26.48 -13.85 1.21
N THR B 676 -26.44 -11.14 3.56
CA THR B 676 -26.45 -9.84 4.20
C THR B 676 -27.65 -9.64 5.13
N ASP B 677 -28.84 -9.89 4.65
CA ASP B 677 -30.02 -9.72 5.46
C ASP B 677 -30.08 -10.81 6.52
N GLU B 678 -29.77 -12.06 6.17
CA GLU B 678 -29.87 -13.18 7.11
C GLU B 678 -28.90 -13.09 8.26
N HIS B 680 -26.78 -11.77 11.45
CA HIS B 680 -27.01 -10.86 12.56
C HIS B 680 -26.11 -9.64 12.52
N GLU B 681 -26.64 -8.50 12.93
CA GLU B 681 -25.91 -7.25 12.80
C GLU B 681 -24.79 -7.10 13.81
N SER B 682 -24.71 -8.02 14.77
CA SER B 682 -23.70 -7.92 15.79
C SER B 682 -22.36 -8.02 15.14
N TYR B 683 -22.17 -9.08 14.36
CA TYR B 683 -20.94 -9.31 13.64
C TYR B 683 -20.76 -8.22 12.63
N LYS B 684 -21.79 -7.92 11.85
CA LYS B 684 -21.63 -6.90 10.83
C LYS B 684 -20.98 -5.65 11.40
N GLN B 685 -21.34 -5.26 12.62
CA GLN B 685 -20.67 -4.14 13.21
C GLN B 685 -19.26 -4.52 13.61
N LEU B 686 -19.09 -5.76 14.05
CA LEU B 686 -17.77 -6.29 14.35
C LEU B 686 -16.85 -6.25 13.14
N ALA B 687 -17.38 -6.60 11.96
CA ALA B 687 -16.64 -6.53 10.73
C ALA B 687 -16.27 -5.09 10.42
N VAL B 688 -17.21 -4.16 10.62
CA VAL B 688 -16.93 -2.73 10.43
C VAL B 688 -15.97 -2.28 11.50
N GLY B 689 -16.07 -2.85 12.68
CA GLY B 689 -15.16 -2.56 13.76
C GLY B 689 -13.73 -2.96 13.51
N ILE B 690 -13.55 -4.12 12.86
CA ILE B 690 -12.25 -4.72 12.57
C ILE B 690 -11.49 -4.02 11.48
N THR B 691 -12.22 -3.67 10.42
CA THR B 691 -11.60 -3.08 9.26
C THR B 691 -11.19 -1.66 9.61
N LYS B 692 -12.01 -0.99 10.42
CA LYS B 692 -11.64 0.33 10.88
C LYS B 692 -10.39 0.25 11.73
N ALA B 693 -10.26 -0.75 12.57
CA ALA B 693 -9.04 -0.84 13.33
C ALA B 693 -7.81 -0.99 12.42
N GLY B 695 -7.71 0.37 9.42
CA GLY B 695 -7.50 1.64 8.79
C GLY B 695 -7.83 1.53 7.34
N ALA B 696 -8.53 0.48 6.96
CA ALA B 696 -8.89 0.33 5.58
C ALA B 696 -10.31 0.81 5.39
N ALA B 697 -10.52 1.61 4.36
CA ALA B 697 -11.86 1.93 3.92
C ALA B 697 -12.54 0.79 3.17
N VAL B 698 -11.84 -0.12 2.52
CA VAL B 698 -12.57 -1.09 1.73
C VAL B 698 -12.19 -2.53 2.02
N CYS B 699 -11.68 -2.83 3.22
CA CYS B 699 -11.31 -4.21 3.57
C CYS B 699 -12.43 -5.25 3.55
N GLY B 700 -12.10 -6.50 3.23
CA GLY B 700 -13.01 -7.63 3.23
C GLY B 700 -12.59 -8.64 4.33
N VAL B 701 -13.50 -8.92 5.26
CA VAL B 701 -13.22 -9.67 6.49
C VAL B 701 -13.81 -11.05 6.43
N ASP B 702 -13.01 -12.05 6.75
CA ASP B 702 -13.48 -13.41 6.76
C ASP B 702 -13.60 -13.81 8.21
N LEU B 703 -14.77 -14.31 8.56
CA LEU B 703 -15.10 -14.65 9.95
C LEU B 703 -15.71 -16.04 10.06
N ILE B 704 -15.53 -16.68 11.21
CA ILE B 704 -16.11 -17.99 11.44
C ILE B 704 -17.21 -17.84 12.49
N ILE B 705 -18.47 -18.08 12.09
CA ILE B 705 -19.59 -17.90 13.02
C ILE B 705 -20.47 -19.11 13.09
N PRO B 706 -20.38 -19.83 14.20
CA PRO B 706 -21.27 -20.97 14.43
C PRO B 706 -22.75 -20.65 14.21
N ASP B 707 -23.23 -19.56 14.77
CA ASP B 707 -24.65 -19.22 14.64
C ASP B 707 -24.83 -17.80 14.12
N LEU B 708 -25.15 -17.66 12.84
CA LEU B 708 -25.34 -16.33 12.28
C LEU B 708 -26.50 -15.68 12.97
N LYS B 709 -27.49 -16.51 13.29
CA LYS B 709 -28.74 -16.01 13.81
C LYS B 709 -28.62 -15.52 15.23
N GLN B 710 -27.85 -16.22 16.08
CA GLN B 710 -27.75 -15.87 17.51
C GLN B 710 -26.82 -14.67 17.66
N PRO B 711 -27.16 -13.74 18.59
CA PRO B 711 -26.48 -12.49 18.90
C PRO B 711 -25.02 -12.69 19.33
N ALA B 712 -24.18 -11.70 19.01
CA ALA B 712 -22.73 -11.78 19.21
C ALA B 712 -22.29 -11.82 20.67
N THR B 713 -21.13 -12.39 20.98
CA THR B 713 -20.62 -12.42 22.36
C THR B 713 -19.10 -12.19 22.33
N PRO B 714 -18.52 -11.80 23.47
CA PRO B 714 -17.07 -11.59 23.57
C PRO B 714 -16.36 -12.90 23.53
N ASN B 715 -17.04 -13.94 23.98
CA ASN B 715 -16.48 -15.31 23.95
C ASN B 715 -16.18 -15.83 22.52
N LEU B 716 -15.06 -16.52 22.33
CA LEU B 716 -14.72 -17.04 20.99
C LEU B 716 -15.64 -18.15 20.58
N THR B 717 -16.62 -18.45 21.45
CA THR B 717 -17.58 -19.53 21.21
C THR B 717 -18.58 -19.11 20.14
N SER B 718 -18.80 -17.79 20.01
CA SER B 718 -19.76 -17.26 19.06
C SER B 718 -19.12 -17.05 17.71
N TRP B 719 -17.90 -16.52 17.71
CA TRP B 719 -17.20 -16.15 16.48
C TRP B 719 -15.71 -15.90 16.66
N GLY B 720 -14.99 -15.97 15.56
CA GLY B 720 -13.58 -15.65 15.54
C GLY B 720 -13.12 -15.04 14.23
N VAL B 721 -12.21 -14.09 14.31
CA VAL B 721 -11.74 -13.44 13.11
C VAL B 721 -10.70 -14.32 12.41
N ILE B 722 -10.96 -14.71 11.19
CA ILE B 722 -10.07 -15.66 10.53
C ILE B 722 -9.11 -14.99 9.55
N GLU B 723 -9.47 -13.84 9.02
CA GLU B 723 -8.59 -13.19 8.06
C GLU B 723 -9.09 -11.81 7.67
N ALA B 724 -8.23 -11.06 7.00
CA ALA B 724 -8.56 -9.74 6.54
C ALA B 724 -7.95 -9.60 5.16
N ASN B 725 -8.70 -9.02 4.22
CA ASN B 725 -8.20 -8.98 2.87
C ASN B 725 -7.93 -7.56 2.40
N PHE B 726 -6.76 -7.29 1.83
CA PHE B 726 -6.49 -5.94 1.40
C PHE B 726 -7.22 -5.62 0.12
N ASN B 727 -7.47 -6.61 -0.70
CA ASN B 727 -8.13 -6.32 -1.94
C ASN B 727 -9.30 -7.22 -2.04
N PRO B 728 -10.49 -6.73 -1.72
CA PRO B 728 -11.61 -7.68 -1.67
C PRO B 728 -12.24 -7.98 -3.02
N HIS B 733 -19.95 -11.24 -4.78
CA HIS B 733 -20.99 -10.41 -4.17
C HIS B 733 -21.94 -9.85 -5.22
N ILE B 734 -21.40 -9.31 -6.29
CA ILE B 734 -22.22 -8.69 -7.30
C ILE B 734 -23.02 -9.75 -8.02
N PHE B 735 -22.42 -10.89 -8.29
CA PHE B 735 -23.13 -11.97 -8.98
C PHE B 735 -23.14 -13.28 -8.23
N PRO B 736 -23.94 -13.33 -7.18
CA PRO B 736 -24.07 -14.53 -6.37
C PRO B 736 -24.88 -15.56 -7.11
N TYR B 737 -24.67 -16.84 -6.82
CA TYR B 737 -25.51 -17.86 -7.41
C TYR B 737 -26.94 -17.68 -6.94
N ALA B 738 -27.09 -17.47 -5.64
CA ALA B 738 -28.39 -17.24 -5.05
C ALA B 738 -28.34 -16.12 -4.03
N GLY B 739 -29.44 -15.43 -3.84
CA GLY B 739 -29.45 -14.32 -2.90
C GLY B 739 -29.39 -12.99 -3.63
N LYS B 740 -29.83 -11.92 -2.95
CA LYS B 740 -29.91 -10.61 -3.59
C LYS B 740 -28.52 -10.14 -4.03
N SER B 741 -28.39 -9.67 -5.26
CA SER B 741 -27.12 -9.13 -5.75
C SER B 741 -26.86 -7.78 -5.15
N ARG B 742 -25.80 -7.66 -4.36
CA ARG B 742 -25.48 -6.35 -3.84
C ARG B 742 -24.35 -5.84 -4.71
N ARG B 743 -24.51 -4.63 -5.28
CA ARG B 743 -23.54 -4.08 -6.23
C ARG B 743 -22.58 -3.20 -5.51
N LEU B 744 -21.32 -3.62 -5.42
CA LEU B 744 -20.37 -2.94 -4.58
C LEU B 744 -19.66 -1.85 -5.35
N THR B 745 -19.52 -2.07 -6.64
CA THR B 745 -18.81 -1.10 -7.47
C THR B 745 -19.42 0.34 -7.40
N GLN B 746 -20.74 0.44 -7.27
CA GLN B 746 -21.34 1.76 -7.18
C GLN B 746 -20.94 2.36 -5.83
N ASN B 747 -20.85 1.55 -4.79
CA ASN B 747 -20.58 2.10 -3.46
C ASN B 747 -19.20 2.67 -3.43
N VAL B 748 -18.33 1.98 -4.14
CA VAL B 748 -16.96 2.40 -4.37
C VAL B 748 -16.94 3.65 -5.23
N ILE B 749 -17.67 3.61 -6.34
CA ILE B 749 -17.70 4.73 -7.29
C ILE B 749 -18.18 6.01 -6.61
N LYS B 750 -19.22 5.87 -5.80
CA LYS B 750 -19.81 7.01 -5.13
C LYS B 750 -18.77 7.42 -4.14
N LEU B 752 -15.60 7.33 -4.21
CA LEU B 752 -14.46 8.04 -4.77
C LEU B 752 -14.86 9.46 -5.06
N PHE B 753 -15.78 9.62 -6.01
CA PHE B 753 -16.36 10.91 -6.33
C PHE B 753 -17.73 11.09 -5.63
N PRO B 754 -17.72 11.54 -4.36
CA PRO B 754 -18.94 11.59 -3.59
C PRO B 754 -19.83 12.66 -4.16
N GLU B 755 -19.26 13.70 -4.77
CA GLU B 755 -20.05 14.80 -5.32
C GLU B 755 -21.17 14.36 -6.28
N LEU B 756 -20.89 13.43 -7.18
CA LEU B 756 -21.95 12.94 -8.06
C LEU B 756 -23.27 12.85 -7.29
#